data_8HL9
# 
_entry.id   8HL9 
# 
_audit_conform.dict_name       mmcif_pdbx.dic 
_audit_conform.dict_version    5.392 
_audit_conform.dict_location   http://mmcif.pdb.org/dictionaries/ascii/mmcif_pdbx.dic 
# 
loop_
_database_2.database_id 
_database_2.database_code 
_database_2.pdbx_database_accession 
_database_2.pdbx_DOI 
PDB   8HL9         pdb_00008hl9 10.2210/pdb8hl9/pdb 
WWPDB D_1300033839 ?            ?                   
# 
loop_
_pdbx_audit_revision_history.ordinal 
_pdbx_audit_revision_history.data_content_type 
_pdbx_audit_revision_history.major_revision 
_pdbx_audit_revision_history.minor_revision 
_pdbx_audit_revision_history.revision_date 
1 'Structure model' 1 0 2023-07-05 
2 'Structure model' 1 1 2023-07-12 
3 'Structure model' 1 2 2024-05-29 
# 
_pdbx_audit_revision_details.ordinal             1 
_pdbx_audit_revision_details.revision_ordinal    1 
_pdbx_audit_revision_details.data_content_type   'Structure model' 
_pdbx_audit_revision_details.provider            repository 
_pdbx_audit_revision_details.type                'Initial release' 
_pdbx_audit_revision_details.description         ? 
_pdbx_audit_revision_details.details             ? 
# 
loop_
_pdbx_audit_revision_group.ordinal 
_pdbx_audit_revision_group.revision_ordinal 
_pdbx_audit_revision_group.data_content_type 
_pdbx_audit_revision_group.group 
1 2 'Structure model' 'Database references' 
2 3 'Structure model' 'Data collection'     
# 
loop_
_pdbx_audit_revision_category.ordinal 
_pdbx_audit_revision_category.revision_ordinal 
_pdbx_audit_revision_category.data_content_type 
_pdbx_audit_revision_category.category 
1 2 'Structure model' citation       
2 3 'Structure model' chem_comp_atom 
3 3 'Structure model' chem_comp_bond 
# 
_pdbx_audit_revision_item.ordinal             1 
_pdbx_audit_revision_item.revision_ordinal    2 
_pdbx_audit_revision_item.data_content_type   'Structure model' 
_pdbx_audit_revision_item.item                '_citation.journal_volume' 
# 
_pdbx_database_status.status_code                     REL 
_pdbx_database_status.status_code_sf                  REL 
_pdbx_database_status.status_code_mr                  ? 
_pdbx_database_status.entry_id                        8HL9 
_pdbx_database_status.recvd_initial_deposition_date   2022-11-29 
_pdbx_database_status.SG_entry                        N 
_pdbx_database_status.deposit_site                    PDBJ 
_pdbx_database_status.process_site                    PDBJ 
_pdbx_database_status.status_code_cs                  ? 
_pdbx_database_status.status_code_nmr_data            ? 
_pdbx_database_status.methods_development_category    ? 
_pdbx_database_status.pdb_format_compatible           Y 
# 
_pdbx_contact_author.id                 2 
_pdbx_contact_author.email              siyunlong@xzhmu.edu.cn 
_pdbx_contact_author.name_first         Yunlong 
_pdbx_contact_author.name_last          Si 
_pdbx_contact_author.name_mi            ? 
_pdbx_contact_author.role               'principal investigator/group leader' 
_pdbx_contact_author.identifier_ORCID   0000-0001-7943-7229 
# 
_audit_author.name               'Si, Y.L.' 
_audit_author.pdbx_ordinal       1 
_audit_author.identifier_ORCID   ? 
# 
_citation.abstract                  ? 
_citation.abstract_id_CAS           ? 
_citation.book_id_ISBN              ? 
_citation.book_publisher            ? 
_citation.book_publisher_city       ? 
_citation.book_title                ? 
_citation.coordinate_linkage        ? 
_citation.country                   UK 
_citation.database_id_Medline       ? 
_citation.details                   ? 
_citation.id                        primary 
_citation.journal_abbrev            Int.J.Biol.Macromol. 
_citation.journal_id_ASTM           IJBMDR 
_citation.journal_id_CSD            0708 
_citation.journal_id_ISSN           0141-8130 
_citation.journal_full              ? 
_citation.journal_issue             ? 
_citation.journal_volume            245 
_citation.language                  ? 
_citation.page_first                125456 
_citation.page_last                 125456 
_citation.title                     
'Linker remodels human Galectin-8 structure and regulates its hemagglutination and pro-apoptotic activity.' 
_citation.year                      2023 
_citation.database_id_CSD           ? 
_citation.pdbx_database_id_DOI      10.1016/j.ijbiomac.2023.125456 
_citation.pdbx_database_id_PubMed   37331541 
_citation.pdbx_database_id_patent   ? 
_citation.unpublished_flag          ? 
# 
loop_
_citation_author.citation_id 
_citation_author.name 
_citation_author.ordinal 
_citation_author.identifier_ORCID 
primary 'Si, Y.'    1 ? 
primary 'Cai, J.'   2 ? 
primary 'Zhu, J.'   3 ? 
primary 'Wang, Y.'  4 ? 
primary 'Zhang, F.' 5 ? 
primary 'Meng, L.'  6 ? 
primary 'Huang, J.' 7 ? 
primary 'Shi, A.'   8 ? 
# 
loop_
_entity.id 
_entity.type 
_entity.src_method 
_entity.pdbx_description 
_entity.formula_weight 
_entity.pdbx_number_of_molecules 
_entity.pdbx_ec 
_entity.pdbx_mutation 
_entity.pdbx_fragment 
_entity.details 
1 polymer man Galectin-8 16713.098 1   ? ? ? ? 
2 water   nat water      18.015    139 ? ? ? ? 
# 
_entity_name_com.entity_id   1 
_entity_name_com.name        'Gal-8,Po66 carbohydrate-binding protein,Po66-CBP,Prostate carcinoma tumor antigen 1,PCTA-1' 
# 
_entity_poly.entity_id                      1 
_entity_poly.type                           'polypeptide(L)' 
_entity_poly.nstd_linkage                   no 
_entity_poly.nstd_monomer                   no 
_entity_poly.pdbx_seq_one_letter_code       
;SRENVPKSGTPQLRLPFAARLNTPMGPGRTVVVKGEVNANAKSFNVDLLAGKSKDIALHLNPRLNIKAFVRNSFLQESWG
EEERNITSFPFSPGMYFEMIIYCDVREFKVAVNGVHSLEYKHRFKELSSIDTLEINGDIHLLEVRSW
;
_entity_poly.pdbx_seq_one_letter_code_can   
;SRENVPKSGTPQLRLPFAARLNTPMGPGRTVVVKGEVNANAKSFNVDLLAGKSKDIALHLNPRLNIKAFVRNSFLQESWG
EEERNITSFPFSPGMYFEMIIYCDVREFKVAVNGVHSLEYKHRFKELSSIDTLEINGDIHLLEVRSW
;
_entity_poly.pdbx_strand_id                 A 
_entity_poly.pdbx_target_identifier         ? 
# 
_pdbx_entity_nonpoly.entity_id   2 
_pdbx_entity_nonpoly.name        water 
_pdbx_entity_nonpoly.comp_id     HOH 
# 
loop_
_entity_poly_seq.entity_id 
_entity_poly_seq.num 
_entity_poly_seq.mon_id 
_entity_poly_seq.hetero 
1 1   SER n 
1 2   ARG n 
1 3   GLU n 
1 4   ASN n 
1 5   VAL n 
1 6   PRO n 
1 7   LYS n 
1 8   SER n 
1 9   GLY n 
1 10  THR n 
1 11  PRO n 
1 12  GLN n 
1 13  LEU n 
1 14  ARG n 
1 15  LEU n 
1 16  PRO n 
1 17  PHE n 
1 18  ALA n 
1 19  ALA n 
1 20  ARG n 
1 21  LEU n 
1 22  ASN n 
1 23  THR n 
1 24  PRO n 
1 25  MET n 
1 26  GLY n 
1 27  PRO n 
1 28  GLY n 
1 29  ARG n 
1 30  THR n 
1 31  VAL n 
1 32  VAL n 
1 33  VAL n 
1 34  LYS n 
1 35  GLY n 
1 36  GLU n 
1 37  VAL n 
1 38  ASN n 
1 39  ALA n 
1 40  ASN n 
1 41  ALA n 
1 42  LYS n 
1 43  SER n 
1 44  PHE n 
1 45  ASN n 
1 46  VAL n 
1 47  ASP n 
1 48  LEU n 
1 49  LEU n 
1 50  ALA n 
1 51  GLY n 
1 52  LYS n 
1 53  SER n 
1 54  LYS n 
1 55  ASP n 
1 56  ILE n 
1 57  ALA n 
1 58  LEU n 
1 59  HIS n 
1 60  LEU n 
1 61  ASN n 
1 62  PRO n 
1 63  ARG n 
1 64  LEU n 
1 65  ASN n 
1 66  ILE n 
1 67  LYS n 
1 68  ALA n 
1 69  PHE n 
1 70  VAL n 
1 71  ARG n 
1 72  ASN n 
1 73  SER n 
1 74  PHE n 
1 75  LEU n 
1 76  GLN n 
1 77  GLU n 
1 78  SER n 
1 79  TRP n 
1 80  GLY n 
1 81  GLU n 
1 82  GLU n 
1 83  GLU n 
1 84  ARG n 
1 85  ASN n 
1 86  ILE n 
1 87  THR n 
1 88  SER n 
1 89  PHE n 
1 90  PRO n 
1 91  PHE n 
1 92  SER n 
1 93  PRO n 
1 94  GLY n 
1 95  MET n 
1 96  TYR n 
1 97  PHE n 
1 98  GLU n 
1 99  MET n 
1 100 ILE n 
1 101 ILE n 
1 102 TYR n 
1 103 CYS n 
1 104 ASP n 
1 105 VAL n 
1 106 ARG n 
1 107 GLU n 
1 108 PHE n 
1 109 LYS n 
1 110 VAL n 
1 111 ALA n 
1 112 VAL n 
1 113 ASN n 
1 114 GLY n 
1 115 VAL n 
1 116 HIS n 
1 117 SER n 
1 118 LEU n 
1 119 GLU n 
1 120 TYR n 
1 121 LYS n 
1 122 HIS n 
1 123 ARG n 
1 124 PHE n 
1 125 LYS n 
1 126 GLU n 
1 127 LEU n 
1 128 SER n 
1 129 SER n 
1 130 ILE n 
1 131 ASP n 
1 132 THR n 
1 133 LEU n 
1 134 GLU n 
1 135 ILE n 
1 136 ASN n 
1 137 GLY n 
1 138 ASP n 
1 139 ILE n 
1 140 HIS n 
1 141 LEU n 
1 142 LEU n 
1 143 GLU n 
1 144 VAL n 
1 145 ARG n 
1 146 SER n 
1 147 TRP n 
# 
_entity_src_gen.entity_id                          1 
_entity_src_gen.pdbx_src_id                        1 
_entity_src_gen.pdbx_alt_source_flag               sample 
_entity_src_gen.pdbx_seq_type                      'Biological sequence' 
_entity_src_gen.pdbx_beg_seq_num                   1 
_entity_src_gen.pdbx_end_seq_num                   147 
_entity_src_gen.gene_src_common_name               human 
_entity_src_gen.gene_src_genus                     ? 
_entity_src_gen.pdbx_gene_src_gene                 LGALS8 
_entity_src_gen.gene_src_species                   ? 
_entity_src_gen.gene_src_strain                    ? 
_entity_src_gen.gene_src_tissue                    ? 
_entity_src_gen.gene_src_tissue_fraction           ? 
_entity_src_gen.gene_src_details                   ? 
_entity_src_gen.pdbx_gene_src_fragment             ? 
_entity_src_gen.pdbx_gene_src_scientific_name      'Homo sapiens' 
_entity_src_gen.pdbx_gene_src_ncbi_taxonomy_id     9606 
_entity_src_gen.pdbx_gene_src_variant              ? 
_entity_src_gen.pdbx_gene_src_cell_line            ? 
_entity_src_gen.pdbx_gene_src_atcc                 ? 
_entity_src_gen.pdbx_gene_src_organ                ? 
_entity_src_gen.pdbx_gene_src_organelle            ? 
_entity_src_gen.pdbx_gene_src_cell                 ? 
_entity_src_gen.pdbx_gene_src_cellular_location    ? 
_entity_src_gen.host_org_common_name               ? 
_entity_src_gen.pdbx_host_org_scientific_name      'Escherichia coli' 
_entity_src_gen.pdbx_host_org_ncbi_taxonomy_id     562 
_entity_src_gen.host_org_genus                     ? 
_entity_src_gen.pdbx_host_org_gene                 ? 
_entity_src_gen.pdbx_host_org_organ                ? 
_entity_src_gen.host_org_species                   ? 
_entity_src_gen.pdbx_host_org_tissue               ? 
_entity_src_gen.pdbx_host_org_tissue_fraction      ? 
_entity_src_gen.pdbx_host_org_strain               ? 
_entity_src_gen.pdbx_host_org_variant              ? 
_entity_src_gen.pdbx_host_org_cell_line            ? 
_entity_src_gen.pdbx_host_org_atcc                 ? 
_entity_src_gen.pdbx_host_org_culture_collection   ? 
_entity_src_gen.pdbx_host_org_cell                 ? 
_entity_src_gen.pdbx_host_org_organelle            ? 
_entity_src_gen.pdbx_host_org_cellular_location    ? 
_entity_src_gen.pdbx_host_org_vector_type          ? 
_entity_src_gen.pdbx_host_org_vector               ? 
_entity_src_gen.host_org_details                   ? 
_entity_src_gen.expression_system_id               ? 
_entity_src_gen.plasmid_name                       ? 
_entity_src_gen.plasmid_details                    ? 
_entity_src_gen.pdbx_description                   ? 
# 
loop_
_chem_comp.id 
_chem_comp.type 
_chem_comp.mon_nstd_flag 
_chem_comp.name 
_chem_comp.pdbx_synonyms 
_chem_comp.formula 
_chem_comp.formula_weight 
ALA 'L-peptide linking' y ALANINE         ? 'C3 H7 N O2'     89.093  
ARG 'L-peptide linking' y ARGININE        ? 'C6 H15 N4 O2 1' 175.209 
ASN 'L-peptide linking' y ASPARAGINE      ? 'C4 H8 N2 O3'    132.118 
ASP 'L-peptide linking' y 'ASPARTIC ACID' ? 'C4 H7 N O4'     133.103 
CYS 'L-peptide linking' y CYSTEINE        ? 'C3 H7 N O2 S'   121.158 
GLN 'L-peptide linking' y GLUTAMINE       ? 'C5 H10 N2 O3'   146.144 
GLU 'L-peptide linking' y 'GLUTAMIC ACID' ? 'C5 H9 N O4'     147.129 
GLY 'peptide linking'   y GLYCINE         ? 'C2 H5 N O2'     75.067  
HIS 'L-peptide linking' y HISTIDINE       ? 'C6 H10 N3 O2 1' 156.162 
HOH non-polymer         . WATER           ? 'H2 O'           18.015  
ILE 'L-peptide linking' y ISOLEUCINE      ? 'C6 H13 N O2'    131.173 
LEU 'L-peptide linking' y LEUCINE         ? 'C6 H13 N O2'    131.173 
LYS 'L-peptide linking' y LYSINE          ? 'C6 H15 N2 O2 1' 147.195 
MET 'L-peptide linking' y METHIONINE      ? 'C5 H11 N O2 S'  149.211 
PHE 'L-peptide linking' y PHENYLALANINE   ? 'C9 H11 N O2'    165.189 
PRO 'L-peptide linking' y PROLINE         ? 'C5 H9 N O2'     115.130 
SER 'L-peptide linking' y SERINE          ? 'C3 H7 N O3'     105.093 
THR 'L-peptide linking' y THREONINE       ? 'C4 H9 N O3'     119.119 
TRP 'L-peptide linking' y TRYPTOPHAN      ? 'C11 H12 N2 O2'  204.225 
TYR 'L-peptide linking' y TYROSINE        ? 'C9 H11 N O3'    181.189 
VAL 'L-peptide linking' y VALINE          ? 'C5 H11 N O2'    117.146 
# 
loop_
_pdbx_poly_seq_scheme.asym_id 
_pdbx_poly_seq_scheme.entity_id 
_pdbx_poly_seq_scheme.seq_id 
_pdbx_poly_seq_scheme.mon_id 
_pdbx_poly_seq_scheme.ndb_seq_num 
_pdbx_poly_seq_scheme.pdb_seq_num 
_pdbx_poly_seq_scheme.auth_seq_num 
_pdbx_poly_seq_scheme.pdb_mon_id 
_pdbx_poly_seq_scheme.auth_mon_id 
_pdbx_poly_seq_scheme.pdb_strand_id 
_pdbx_poly_seq_scheme.pdb_ins_code 
_pdbx_poly_seq_scheme.hetero 
A 1 1   SER 1   19  19  SER SER A . n 
A 1 2   ARG 2   20  20  ARG ARG A . n 
A 1 3   GLU 3   21  21  GLU GLU A . n 
A 1 4   ASN 4   22  22  ASN ASN A . n 
A 1 5   VAL 5   23  23  VAL VAL A . n 
A 1 6   PRO 6   24  24  PRO PRO A . n 
A 1 7   LYS 7   25  25  LYS LYS A . n 
A 1 8   SER 8   26  ?   ?   ?   A . n 
A 1 9   GLY 9   27  ?   ?   ?   A . n 
A 1 10  THR 10  28  ?   ?   ?   A . n 
A 1 11  PRO 11  29  ?   ?   ?   A . n 
A 1 12  GLN 12  30  ?   ?   ?   A . n 
A 1 13  LEU 13  31  ?   ?   ?   A . n 
A 1 14  ARG 14  32  32  ARG ARG A . n 
A 1 15  LEU 15  33  33  LEU LEU A . n 
A 1 16  PRO 16  34  34  PRO PRO A . n 
A 1 17  PHE 17  35  35  PHE PHE A . n 
A 1 18  ALA 18  36  36  ALA ALA A . n 
A 1 19  ALA 19  37  37  ALA ALA A . n 
A 1 20  ARG 20  38  38  ARG ARG A . n 
A 1 21  LEU 21  39  39  LEU LEU A . n 
A 1 22  ASN 22  40  40  ASN ASN A . n 
A 1 23  THR 23  41  41  THR THR A . n 
A 1 24  PRO 24  42  42  PRO PRO A . n 
A 1 25  MET 25  43  43  MET MET A . n 
A 1 26  GLY 26  44  44  GLY GLY A . n 
A 1 27  PRO 27  45  45  PRO PRO A . n 
A 1 28  GLY 28  46  46  GLY GLY A . n 
A 1 29  ARG 29  47  47  ARG ARG A . n 
A 1 30  THR 30  48  48  THR THR A . n 
A 1 31  VAL 31  49  49  VAL VAL A . n 
A 1 32  VAL 32  50  50  VAL VAL A . n 
A 1 33  VAL 33  51  51  VAL VAL A . n 
A 1 34  LYS 34  52  52  LYS LYS A . n 
A 1 35  GLY 35  53  53  GLY GLY A . n 
A 1 36  GLU 36  54  54  GLU GLU A . n 
A 1 37  VAL 37  55  55  VAL VAL A . n 
A 1 38  ASN 38  56  56  ASN ASN A . n 
A 1 39  ALA 39  57  57  ALA ALA A . n 
A 1 40  ASN 40  58  58  ASN ASN A . n 
A 1 41  ALA 41  59  59  ALA ALA A . n 
A 1 42  LYS 42  60  60  LYS LYS A . n 
A 1 43  SER 43  61  61  SER SER A . n 
A 1 44  PHE 44  62  62  PHE PHE A . n 
A 1 45  ASN 45  63  63  ASN ASN A . n 
A 1 46  VAL 46  64  64  VAL VAL A . n 
A 1 47  ASP 47  65  65  ASP ASP A . n 
A 1 48  LEU 48  66  66  LEU LEU A . n 
A 1 49  LEU 49  67  67  LEU LEU A . n 
A 1 50  ALA 50  68  68  ALA ALA A . n 
A 1 51  GLY 51  69  69  GLY GLY A . n 
A 1 52  LYS 52  70  70  LYS LYS A . n 
A 1 53  SER 53  71  71  SER SER A . n 
A 1 54  LYS 54  72  72  LYS LYS A . n 
A 1 55  ASP 55  73  73  ASP ASP A . n 
A 1 56  ILE 56  74  74  ILE ILE A . n 
A 1 57  ALA 57  75  75  ALA ALA A . n 
A 1 58  LEU 58  76  76  LEU LEU A . n 
A 1 59  HIS 59  77  77  HIS HIS A . n 
A 1 60  LEU 60  78  78  LEU LEU A . n 
A 1 61  ASN 61  79  79  ASN ASN A . n 
A 1 62  PRO 62  80  80  PRO PRO A . n 
A 1 63  ARG 63  81  81  ARG ARG A . n 
A 1 64  LEU 64  82  82  LEU LEU A . n 
A 1 65  ASN 65  83  83  ASN ASN A . n 
A 1 66  ILE 66  84  84  ILE ILE A . n 
A 1 67  LYS 67  85  85  LYS LYS A . n 
A 1 68  ALA 68  86  86  ALA ALA A . n 
A 1 69  PHE 69  87  87  PHE PHE A . n 
A 1 70  VAL 70  88  88  VAL VAL A . n 
A 1 71  ARG 71  89  89  ARG ARG A . n 
A 1 72  ASN 72  90  90  ASN ASN A . n 
A 1 73  SER 73  91  91  SER SER A . n 
A 1 74  PHE 74  92  92  PHE PHE A . n 
A 1 75  LEU 75  93  93  LEU LEU A . n 
A 1 76  GLN 76  94  94  GLN GLN A . n 
A 1 77  GLU 77  95  95  GLU GLU A . n 
A 1 78  SER 78  96  96  SER SER A . n 
A 1 79  TRP 79  97  97  TRP TRP A . n 
A 1 80  GLY 80  98  98  GLY GLY A . n 
A 1 81  GLU 81  99  99  GLU GLU A . n 
A 1 82  GLU 82  100 100 GLU GLU A . n 
A 1 83  GLU 83  101 101 GLU GLU A . n 
A 1 84  ARG 84  102 102 ARG ARG A . n 
A 1 85  ASN 85  103 103 ASN ASN A . n 
A 1 86  ILE 86  104 104 ILE ILE A . n 
A 1 87  THR 87  105 105 THR THR A . n 
A 1 88  SER 88  106 106 SER SER A . n 
A 1 89  PHE 89  107 107 PHE PHE A . n 
A 1 90  PRO 90  108 108 PRO PRO A . n 
A 1 91  PHE 91  109 109 PHE PHE A . n 
A 1 92  SER 92  110 110 SER SER A . n 
A 1 93  PRO 93  111 111 PRO PRO A . n 
A 1 94  GLY 94  112 112 GLY GLY A . n 
A 1 95  MET 95  113 113 MET MET A . n 
A 1 96  TYR 96  114 114 TYR TYR A . n 
A 1 97  PHE 97  115 115 PHE PHE A . n 
A 1 98  GLU 98  116 116 GLU GLU A . n 
A 1 99  MET 99  117 117 MET MET A . n 
A 1 100 ILE 100 118 118 ILE ILE A . n 
A 1 101 ILE 101 119 119 ILE ILE A . n 
A 1 102 TYR 102 120 120 TYR TYR A . n 
A 1 103 CYS 103 121 121 CYS CYS A . n 
A 1 104 ASP 104 122 122 ASP ASP A . n 
A 1 105 VAL 105 123 123 VAL VAL A . n 
A 1 106 ARG 106 124 124 ARG ARG A . n 
A 1 107 GLU 107 125 125 GLU GLU A . n 
A 1 108 PHE 108 126 126 PHE PHE A . n 
A 1 109 LYS 109 127 127 LYS LYS A . n 
A 1 110 VAL 110 128 128 VAL VAL A . n 
A 1 111 ALA 111 129 129 ALA ALA A . n 
A 1 112 VAL 112 130 130 VAL VAL A . n 
A 1 113 ASN 113 131 131 ASN ASN A . n 
A 1 114 GLY 114 132 132 GLY GLY A . n 
A 1 115 VAL 115 133 133 VAL VAL A . n 
A 1 116 HIS 116 134 134 HIS HIS A . n 
A 1 117 SER 117 135 135 SER SER A . n 
A 1 118 LEU 118 136 136 LEU LEU A . n 
A 1 119 GLU 119 137 137 GLU GLU A . n 
A 1 120 TYR 120 138 138 TYR TYR A . n 
A 1 121 LYS 121 139 139 LYS LYS A . n 
A 1 122 HIS 122 140 140 HIS HIS A . n 
A 1 123 ARG 123 141 141 ARG ARG A . n 
A 1 124 PHE 124 142 142 PHE PHE A . n 
A 1 125 LYS 125 143 143 LYS LYS A . n 
A 1 126 GLU 126 144 144 GLU GLU A . n 
A 1 127 LEU 127 145 145 LEU LEU A . n 
A 1 128 SER 128 146 146 SER SER A . n 
A 1 129 SER 129 147 147 SER SER A . n 
A 1 130 ILE 130 148 148 ILE ILE A . n 
A 1 131 ASP 131 149 149 ASP ASP A . n 
A 1 132 THR 132 150 150 THR THR A . n 
A 1 133 LEU 133 151 151 LEU LEU A . n 
A 1 134 GLU 134 152 152 GLU GLU A . n 
A 1 135 ILE 135 153 153 ILE ILE A . n 
A 1 136 ASN 136 154 154 ASN ASN A . n 
A 1 137 GLY 137 155 155 GLY GLY A . n 
A 1 138 ASP 138 156 156 ASP ASP A . n 
A 1 139 ILE 139 157 157 ILE ILE A . n 
A 1 140 HIS 140 158 158 HIS HIS A . n 
A 1 141 LEU 141 159 159 LEU LEU A . n 
A 1 142 LEU 142 160 160 LEU LEU A . n 
A 1 143 GLU 143 161 161 GLU GLU A . n 
A 1 144 VAL 144 162 162 VAL VAL A . n 
A 1 145 ARG 145 163 163 ARG ARG A . n 
A 1 146 SER 146 164 164 SER SER A . n 
A 1 147 TRP 147 165 165 TRP TRP A . n 
# 
loop_
_pdbx_nonpoly_scheme.asym_id 
_pdbx_nonpoly_scheme.entity_id 
_pdbx_nonpoly_scheme.mon_id 
_pdbx_nonpoly_scheme.ndb_seq_num 
_pdbx_nonpoly_scheme.pdb_seq_num 
_pdbx_nonpoly_scheme.auth_seq_num 
_pdbx_nonpoly_scheme.pdb_mon_id 
_pdbx_nonpoly_scheme.auth_mon_id 
_pdbx_nonpoly_scheme.pdb_strand_id 
_pdbx_nonpoly_scheme.pdb_ins_code 
B 2 HOH 1   201 73  HOH HOH A . 
B 2 HOH 2   202 71  HOH HOH A . 
B 2 HOH 3   203 4   HOH HOH A . 
B 2 HOH 4   204 103 HOH HOH A . 
B 2 HOH 5   205 83  HOH HOH A . 
B 2 HOH 6   206 23  HOH HOH A . 
B 2 HOH 7   207 88  HOH HOH A . 
B 2 HOH 8   208 70  HOH HOH A . 
B 2 HOH 9   209 75  HOH HOH A . 
B 2 HOH 10  210 104 HOH HOH A . 
B 2 HOH 11  211 99  HOH HOH A . 
B 2 HOH 12  212 94  HOH HOH A . 
B 2 HOH 13  213 128 HOH HOH A . 
B 2 HOH 14  214 32  HOH HOH A . 
B 2 HOH 15  215 8   HOH HOH A . 
B 2 HOH 16  216 64  HOH HOH A . 
B 2 HOH 17  217 44  HOH HOH A . 
B 2 HOH 18  218 7   HOH HOH A . 
B 2 HOH 19  219 48  HOH HOH A . 
B 2 HOH 20  220 14  HOH HOH A . 
B 2 HOH 21  221 36  HOH HOH A . 
B 2 HOH 22  222 87  HOH HOH A . 
B 2 HOH 23  223 38  HOH HOH A . 
B 2 HOH 24  224 10  HOH HOH A . 
B 2 HOH 25  225 30  HOH HOH A . 
B 2 HOH 26  226 40  HOH HOH A . 
B 2 HOH 27  227 101 HOH HOH A . 
B 2 HOH 28  228 2   HOH HOH A . 
B 2 HOH 29  229 17  HOH HOH A . 
B 2 HOH 30  230 37  HOH HOH A . 
B 2 HOH 31  231 140 HOH HOH A . 
B 2 HOH 32  232 47  HOH HOH A . 
B 2 HOH 33  233 33  HOH HOH A . 
B 2 HOH 34  234 115 HOH HOH A . 
B 2 HOH 35  235 54  HOH HOH A . 
B 2 HOH 36  236 11  HOH HOH A . 
B 2 HOH 37  237 107 HOH HOH A . 
B 2 HOH 38  238 67  HOH HOH A . 
B 2 HOH 39  239 16  HOH HOH A . 
B 2 HOH 40  240 129 HOH HOH A . 
B 2 HOH 41  241 91  HOH HOH A . 
B 2 HOH 42  242 81  HOH HOH A . 
B 2 HOH 43  243 143 HOH HOH A . 
B 2 HOH 44  244 1   HOH HOH A . 
B 2 HOH 45  245 13  HOH HOH A . 
B 2 HOH 46  246 3   HOH HOH A . 
B 2 HOH 47  247 29  HOH HOH A . 
B 2 HOH 48  248 26  HOH HOH A . 
B 2 HOH 49  249 39  HOH HOH A . 
B 2 HOH 50  250 24  HOH HOH A . 
B 2 HOH 51  251 82  HOH HOH A . 
B 2 HOH 52  252 5   HOH HOH A . 
B 2 HOH 53  253 34  HOH HOH A . 
B 2 HOH 54  254 15  HOH HOH A . 
B 2 HOH 55  255 137 HOH HOH A . 
B 2 HOH 56  256 55  HOH HOH A . 
B 2 HOH 57  257 31  HOH HOH A . 
B 2 HOH 58  258 18  HOH HOH A . 
B 2 HOH 59  259 68  HOH HOH A . 
B 2 HOH 60  260 27  HOH HOH A . 
B 2 HOH 61  261 63  HOH HOH A . 
B 2 HOH 62  262 20  HOH HOH A . 
B 2 HOH 63  263 121 HOH HOH A . 
B 2 HOH 64  264 116 HOH HOH A . 
B 2 HOH 65  265 86  HOH HOH A . 
B 2 HOH 66  266 46  HOH HOH A . 
B 2 HOH 67  267 93  HOH HOH A . 
B 2 HOH 68  268 106 HOH HOH A . 
B 2 HOH 69  269 92  HOH HOH A . 
B 2 HOH 70  270 42  HOH HOH A . 
B 2 HOH 71  271 126 HOH HOH A . 
B 2 HOH 72  272 28  HOH HOH A . 
B 2 HOH 73  273 130 HOH HOH A . 
B 2 HOH 74  274 21  HOH HOH A . 
B 2 HOH 75  275 58  HOH HOH A . 
B 2 HOH 76  276 72  HOH HOH A . 
B 2 HOH 77  277 12  HOH HOH A . 
B 2 HOH 78  278 108 HOH HOH A . 
B 2 HOH 79  279 89  HOH HOH A . 
B 2 HOH 80  280 69  HOH HOH A . 
B 2 HOH 81  281 43  HOH HOH A . 
B 2 HOH 82  282 19  HOH HOH A . 
B 2 HOH 83  283 62  HOH HOH A . 
B 2 HOH 84  284 25  HOH HOH A . 
B 2 HOH 85  285 9   HOH HOH A . 
B 2 HOH 86  286 49  HOH HOH A . 
B 2 HOH 87  287 22  HOH HOH A . 
B 2 HOH 88  288 117 HOH HOH A . 
B 2 HOH 89  289 66  HOH HOH A . 
B 2 HOH 90  290 6   HOH HOH A . 
B 2 HOH 91  291 98  HOH HOH A . 
B 2 HOH 92  292 119 HOH HOH A . 
B 2 HOH 93  293 133 HOH HOH A . 
B 2 HOH 94  294 80  HOH HOH A . 
B 2 HOH 95  295 141 HOH HOH A . 
B 2 HOH 96  296 50  HOH HOH A . 
B 2 HOH 97  297 109 HOH HOH A . 
B 2 HOH 98  298 59  HOH HOH A . 
B 2 HOH 99  299 97  HOH HOH A . 
B 2 HOH 100 300 60  HOH HOH A . 
B 2 HOH 101 301 120 HOH HOH A . 
B 2 HOH 102 302 95  HOH HOH A . 
B 2 HOH 103 303 127 HOH HOH A . 
B 2 HOH 104 304 118 HOH HOH A . 
B 2 HOH 105 305 65  HOH HOH A . 
B 2 HOH 106 306 123 HOH HOH A . 
B 2 HOH 107 307 79  HOH HOH A . 
B 2 HOH 108 308 96  HOH HOH A . 
B 2 HOH 109 309 77  HOH HOH A . 
B 2 HOH 110 310 113 HOH HOH A . 
B 2 HOH 111 311 74  HOH HOH A . 
B 2 HOH 112 312 53  HOH HOH A . 
B 2 HOH 113 313 132 HOH HOH A . 
B 2 HOH 114 314 105 HOH HOH A . 
B 2 HOH 115 315 52  HOH HOH A . 
B 2 HOH 116 316 114 HOH HOH A . 
B 2 HOH 117 317 51  HOH HOH A . 
B 2 HOH 118 318 125 HOH HOH A . 
B 2 HOH 119 319 35  HOH HOH A . 
B 2 HOH 120 320 110 HOH HOH A . 
B 2 HOH 121 321 131 HOH HOH A . 
B 2 HOH 122 322 138 HOH HOH A . 
B 2 HOH 123 323 102 HOH HOH A . 
B 2 HOH 124 324 78  HOH HOH A . 
B 2 HOH 125 325 135 HOH HOH A . 
B 2 HOH 126 326 100 HOH HOH A . 
B 2 HOH 127 327 124 HOH HOH A . 
B 2 HOH 128 328 61  HOH HOH A . 
B 2 HOH 129 329 136 HOH HOH A . 
B 2 HOH 130 330 41  HOH HOH A . 
B 2 HOH 131 331 134 HOH HOH A . 
B 2 HOH 132 332 56  HOH HOH A . 
B 2 HOH 133 333 84  HOH HOH A . 
B 2 HOH 134 334 76  HOH HOH A . 
B 2 HOH 135 335 111 HOH HOH A . 
B 2 HOH 136 336 139 HOH HOH A . 
B 2 HOH 137 337 57  HOH HOH A . 
B 2 HOH 138 338 85  HOH HOH A . 
B 2 HOH 139 339 90  HOH HOH A . 
# 
loop_
_software.citation_id 
_software.classification 
_software.compiler_name 
_software.compiler_version 
_software.contact_author 
_software.contact_author_email 
_software.date 
_software.description 
_software.dependencies 
_software.hardware 
_software.language 
_software.location 
_software.mods 
_software.name 
_software.os 
_software.os_version 
_software.type 
_software.version 
_software.pdbx_ordinal 
? refinement       ? ? ? ? ? ? ? ? ? ? ? PHENIX   ? ? ? v1.0 1 
? 'data scaling'   ? ? ? ? ? ? ? ? ? ? ? Aimless  ? ? ? .    2 
? 'data reduction' ? ? ? ? ? ? ? ? ? ? ? XDS      ? ? ? .    3 
? 'model building' ? ? ? ? ? ? ? ? ? ? ? ARP/wARP ? ? ? .    4 
# 
_cell.angle_alpha                  90.00 
_cell.angle_alpha_esd              ? 
_cell.angle_beta                   90.00 
_cell.angle_beta_esd               ? 
_cell.angle_gamma                  90.00 
_cell.angle_gamma_esd              ? 
_cell.entry_id                     8HL9 
_cell.details                      ? 
_cell.formula_units_Z              ? 
_cell.length_a                     52.900 
_cell.length_a_esd                 ? 
_cell.length_b                     52.900 
_cell.length_b_esd                 ? 
_cell.length_c                     126.749 
_cell.length_c_esd                 ? 
_cell.volume                       ? 
_cell.volume_esd                   ? 
_cell.Z_PDB                        8 
_cell.reciprocal_angle_alpha       ? 
_cell.reciprocal_angle_beta        ? 
_cell.reciprocal_angle_gamma       ? 
_cell.reciprocal_angle_alpha_esd   ? 
_cell.reciprocal_angle_beta_esd    ? 
_cell.reciprocal_angle_gamma_esd   ? 
_cell.reciprocal_length_a          ? 
_cell.reciprocal_length_b          ? 
_cell.reciprocal_length_c          ? 
_cell.reciprocal_length_a_esd      ? 
_cell.reciprocal_length_b_esd      ? 
_cell.reciprocal_length_c_esd      ? 
_cell.pdbx_unique_axis             ? 
_cell.pdbx_esd_method              ? 
# 
_symmetry.entry_id                         8HL9 
_symmetry.cell_setting                     ? 
_symmetry.Int_Tables_number                92 
_symmetry.space_group_name_Hall            ? 
_symmetry.space_group_name_H-M             'P 41 21 2' 
_symmetry.pdbx_full_space_group_name_H-M   ? 
# 
_exptl.absorpt_coefficient_mu     ? 
_exptl.absorpt_correction_T_max   ? 
_exptl.absorpt_correction_T_min   ? 
_exptl.absorpt_correction_type    ? 
_exptl.absorpt_process_details    ? 
_exptl.entry_id                   8HL9 
_exptl.crystals_number            1 
_exptl.details                    ? 
_exptl.method                     'X-RAY DIFFRACTION' 
_exptl.method_details             ? 
# 
_exptl_crystal.colour                       ? 
_exptl_crystal.density_diffrn               ? 
_exptl_crystal.density_Matthews             2.65 
_exptl_crystal.density_method               ? 
_exptl_crystal.density_percent_sol          53.63 
_exptl_crystal.description                  ? 
_exptl_crystal.F_000                        ? 
_exptl_crystal.id                           1 
_exptl_crystal.preparation                  ? 
_exptl_crystal.size_max                     ? 
_exptl_crystal.size_mid                     ? 
_exptl_crystal.size_min                     ? 
_exptl_crystal.size_rad                     ? 
_exptl_crystal.colour_lustre                ? 
_exptl_crystal.colour_modifier              ? 
_exptl_crystal.colour_primary               ? 
_exptl_crystal.density_meas                 ? 
_exptl_crystal.density_meas_esd             ? 
_exptl_crystal.density_meas_gt              ? 
_exptl_crystal.density_meas_lt              ? 
_exptl_crystal.density_meas_temp            ? 
_exptl_crystal.density_meas_temp_esd        ? 
_exptl_crystal.density_meas_temp_gt         ? 
_exptl_crystal.density_meas_temp_lt         ? 
_exptl_crystal.pdbx_crystal_image_url       ? 
_exptl_crystal.pdbx_crystal_image_format    ? 
_exptl_crystal.pdbx_mosaicity               ? 
_exptl_crystal.pdbx_mosaicity_esd           ? 
_exptl_crystal.pdbx_mosaic_method           ? 
_exptl_crystal.pdbx_mosaic_block_size       ? 
_exptl_crystal.pdbx_mosaic_block_size_esd   ? 
# 
_exptl_crystal_grow.apparatus       ? 
_exptl_crystal_grow.atmosphere      ? 
_exptl_crystal_grow.crystal_id      1 
_exptl_crystal_grow.details         ? 
_exptl_crystal_grow.method          'VAPOR DIFFUSION, HANGING DROP' 
_exptl_crystal_grow.method_ref      ? 
_exptl_crystal_grow.pH              ? 
_exptl_crystal_grow.pressure        ? 
_exptl_crystal_grow.pressure_esd    ? 
_exptl_crystal_grow.seeding         ? 
_exptl_crystal_grow.seeding_ref     ? 
_exptl_crystal_grow.temp_details    ? 
_exptl_crystal_grow.temp_esd        ? 
_exptl_crystal_grow.time            ? 
_exptl_crystal_grow.pdbx_details    '0.1M Hepes pH 7.0, 0.2M MgCl2, 30% (W/V) PEG 3350' 
_exptl_crystal_grow.pdbx_pH_range   ? 
_exptl_crystal_grow.temp            293 
# 
_diffrn.ambient_environment              ? 
_diffrn.ambient_temp                     100 
_diffrn.ambient_temp_details             ? 
_diffrn.ambient_temp_esd                 ? 
_diffrn.crystal_id                       1 
_diffrn.crystal_support                  ? 
_diffrn.crystal_treatment                ? 
_diffrn.details                          ? 
_diffrn.id                               1 
_diffrn.ambient_pressure                 ? 
_diffrn.ambient_pressure_esd             ? 
_diffrn.ambient_pressure_gt              ? 
_diffrn.ambient_pressure_lt              ? 
_diffrn.ambient_temp_gt                  ? 
_diffrn.ambient_temp_lt                  ? 
_diffrn.pdbx_serial_crystal_experiment   N 
# 
_diffrn_detector.details                      ? 
_diffrn_detector.detector                     PIXEL 
_diffrn_detector.diffrn_id                    1 
_diffrn_detector.type                         'DECTRIS PILATUS3 6M' 
_diffrn_detector.area_resol_mean              ? 
_diffrn_detector.dtime                        ? 
_diffrn_detector.pdbx_frames_total            ? 
_diffrn_detector.pdbx_collection_time_total   ? 
_diffrn_detector.pdbx_collection_date         2021-07-08 
_diffrn_detector.pdbx_frequency               ? 
# 
_diffrn_radiation.collimation                      ? 
_diffrn_radiation.diffrn_id                        1 
_diffrn_radiation.filter_edge                      ? 
_diffrn_radiation.inhomogeneity                    ? 
_diffrn_radiation.monochromator                    ? 
_diffrn_radiation.polarisn_norm                    ? 
_diffrn_radiation.polarisn_ratio                   ? 
_diffrn_radiation.probe                            ? 
_diffrn_radiation.type                             ? 
_diffrn_radiation.xray_symbol                      ? 
_diffrn_radiation.wavelength_id                    1 
_diffrn_radiation.pdbx_monochromatic_or_laue_m_l   M 
_diffrn_radiation.pdbx_wavelength_list             ? 
_diffrn_radiation.pdbx_wavelength                  ? 
_diffrn_radiation.pdbx_diffrn_protocol             'SINGLE WAVELENGTH' 
_diffrn_radiation.pdbx_analyzer                    ? 
_diffrn_radiation.pdbx_scattering_type             x-ray 
# 
_diffrn_radiation_wavelength.id           1 
_diffrn_radiation_wavelength.wavelength   0.987 
_diffrn_radiation_wavelength.wt           1.0 
# 
_diffrn_source.current                     ? 
_diffrn_source.details                     ? 
_diffrn_source.diffrn_id                   1 
_diffrn_source.power                       ? 
_diffrn_source.size                        ? 
_diffrn_source.source                      SYNCHROTRON 
_diffrn_source.target                      ? 
_diffrn_source.type                        'SSRF BEAMLINE BL18U1' 
_diffrn_source.voltage                     ? 
_diffrn_source.take-off_angle              ? 
_diffrn_source.pdbx_wavelength_list        0.987 
_diffrn_source.pdbx_wavelength             ? 
_diffrn_source.pdbx_synchrotron_beamline   BL18U1 
_diffrn_source.pdbx_synchrotron_site       SSRF 
# 
_reflns.B_iso_Wilson_estimate                          ? 
_reflns.entry_id                                       8HL9 
_reflns.data_reduction_details                         ? 
_reflns.data_reduction_method                          ? 
_reflns.d_resolution_high                              1.6 
_reflns.d_resolution_low                               19.62 
_reflns.details                                        ? 
_reflns.limit_h_max                                    ? 
_reflns.limit_h_min                                    ? 
_reflns.limit_k_max                                    ? 
_reflns.limit_k_min                                    ? 
_reflns.limit_l_max                                    ? 
_reflns.limit_l_min                                    ? 
_reflns.number_all                                     ? 
_reflns.number_obs                                     24410 
_reflns.observed_criterion                             ? 
_reflns.observed_criterion_F_max                       ? 
_reflns.observed_criterion_F_min                       ? 
_reflns.observed_criterion_I_max                       ? 
_reflns.observed_criterion_I_min                       ? 
_reflns.observed_criterion_sigma_F                     ? 
_reflns.observed_criterion_sigma_I                     ? 
_reflns.percent_possible_obs                           99.3 
_reflns.R_free_details                                 ? 
_reflns.Rmerge_F_all                                   ? 
_reflns.Rmerge_F_obs                                   ? 
_reflns.Friedel_coverage                               ? 
_reflns.number_gt                                      ? 
_reflns.threshold_expression                           ? 
_reflns.pdbx_redundancy                                5.1 
_reflns.pdbx_netI_over_av_sigmaI                       ? 
_reflns.pdbx_netI_over_sigmaI                          13.1 
_reflns.pdbx_res_netI_over_av_sigmaI_2                 ? 
_reflns.pdbx_res_netI_over_sigmaI_2                    ? 
_reflns.pdbx_chi_squared                               ? 
_reflns.pdbx_scaling_rejects                           ? 
_reflns.pdbx_d_res_high_opt                            ? 
_reflns.pdbx_d_res_low_opt                             ? 
_reflns.pdbx_d_res_opt_method                          ? 
_reflns.phase_calculation_details                      ? 
_reflns.pdbx_Rrim_I_all                                ? 
_reflns.pdbx_Rpim_I_all                                ? 
_reflns.pdbx_d_opt                                     ? 
_reflns.pdbx_number_measured_all                       ? 
_reflns.pdbx_diffrn_id                                 1 
_reflns.pdbx_ordinal                                   1 
_reflns.pdbx_CC_half                                   ? 
_reflns.pdbx_CC_star                                   ? 
_reflns.pdbx_R_split                                   ? 
_reflns.pdbx_Rmerge_I_obs                              0.058 
_reflns.pdbx_Rmerge_I_all                              ? 
_reflns.pdbx_Rsym_value                                ? 
_reflns.pdbx_CC_split_method                           ? 
_reflns.pdbx_aniso_diffraction_limit_axis_1_ortho[1]   ? 
_reflns.pdbx_aniso_diffraction_limit_axis_1_ortho[2]   ? 
_reflns.pdbx_aniso_diffraction_limit_axis_1_ortho[3]   ? 
_reflns.pdbx_aniso_diffraction_limit_axis_2_ortho[1]   ? 
_reflns.pdbx_aniso_diffraction_limit_axis_2_ortho[2]   ? 
_reflns.pdbx_aniso_diffraction_limit_axis_2_ortho[3]   ? 
_reflns.pdbx_aniso_diffraction_limit_axis_3_ortho[1]   ? 
_reflns.pdbx_aniso_diffraction_limit_axis_3_ortho[2]   ? 
_reflns.pdbx_aniso_diffraction_limit_axis_3_ortho[3]   ? 
_reflns.pdbx_aniso_diffraction_limit_1                 ? 
_reflns.pdbx_aniso_diffraction_limit_2                 ? 
_reflns.pdbx_aniso_diffraction_limit_3                 ? 
_reflns.pdbx_aniso_B_tensor_eigenvector_1_ortho[1]     ? 
_reflns.pdbx_aniso_B_tensor_eigenvector_1_ortho[2]     ? 
_reflns.pdbx_aniso_B_tensor_eigenvector_1_ortho[3]     ? 
_reflns.pdbx_aniso_B_tensor_eigenvector_2_ortho[1]     ? 
_reflns.pdbx_aniso_B_tensor_eigenvector_2_ortho[2]     ? 
_reflns.pdbx_aniso_B_tensor_eigenvector_2_ortho[3]     ? 
_reflns.pdbx_aniso_B_tensor_eigenvector_3_ortho[1]     ? 
_reflns.pdbx_aniso_B_tensor_eigenvector_3_ortho[2]     ? 
_reflns.pdbx_aniso_B_tensor_eigenvector_3_ortho[3]     ? 
_reflns.pdbx_aniso_B_tensor_eigenvalue_1               ? 
_reflns.pdbx_aniso_B_tensor_eigenvalue_2               ? 
_reflns.pdbx_aniso_B_tensor_eigenvalue_3               ? 
_reflns.pdbx_orthogonalization_convention              ? 
_reflns.pdbx_percent_possible_ellipsoidal              ? 
_reflns.pdbx_percent_possible_spherical                ? 
_reflns.pdbx_percent_possible_ellipsoidal_anomalous    ? 
_reflns.pdbx_percent_possible_spherical_anomalous      ? 
_reflns.pdbx_redundancy_anomalous                      ? 
_reflns.pdbx_CC_half_anomalous                         ? 
_reflns.pdbx_absDiff_over_sigma_anomalous              ? 
_reflns.pdbx_percent_possible_anomalous                ? 
_reflns.pdbx_observed_signal_threshold                 ? 
_reflns.pdbx_signal_type                               ? 
_reflns.pdbx_signal_details                            ? 
_reflns.pdbx_signal_software_id                        ? 
# 
_reflns_shell.d_res_high                                    1.6 
_reflns_shell.d_res_low                                     1.63 
_reflns_shell.meanI_over_sigI_all                           ? 
_reflns_shell.meanI_over_sigI_obs                           ? 
_reflns_shell.number_measured_all                           ? 
_reflns_shell.number_measured_obs                           ? 
_reflns_shell.number_possible                               ? 
_reflns_shell.number_unique_all                             ? 
_reflns_shell.number_unique_obs                             1173 
_reflns_shell.percent_possible_obs                          ? 
_reflns_shell.Rmerge_F_all                                  ? 
_reflns_shell.Rmerge_F_obs                                  ? 
_reflns_shell.meanI_over_sigI_gt                            ? 
_reflns_shell.meanI_over_uI_all                             ? 
_reflns_shell.meanI_over_uI_gt                              ? 
_reflns_shell.number_measured_gt                            ? 
_reflns_shell.number_unique_gt                              ? 
_reflns_shell.percent_possible_gt                           ? 
_reflns_shell.Rmerge_F_gt                                   ? 
_reflns_shell.Rmerge_I_gt                                   ? 
_reflns_shell.pdbx_redundancy                               ? 
_reflns_shell.pdbx_chi_squared                              ? 
_reflns_shell.pdbx_netI_over_sigmaI_all                     ? 
_reflns_shell.pdbx_netI_over_sigmaI_obs                     ? 
_reflns_shell.pdbx_Rrim_I_all                               ? 
_reflns_shell.pdbx_Rpim_I_all                               ? 
_reflns_shell.pdbx_rejects                                  ? 
_reflns_shell.pdbx_ordinal                                  1 
_reflns_shell.pdbx_diffrn_id                                1 
_reflns_shell.pdbx_CC_half                                  ? 
_reflns_shell.pdbx_CC_star                                  ? 
_reflns_shell.pdbx_R_split                                  ? 
_reflns_shell.percent_possible_all                          ? 
_reflns_shell.Rmerge_I_all                                  ? 
_reflns_shell.Rmerge_I_obs                                  0.52 
_reflns_shell.pdbx_Rsym_value                               ? 
_reflns_shell.pdbx_percent_possible_ellipsoidal             ? 
_reflns_shell.pdbx_percent_possible_spherical               ? 
_reflns_shell.pdbx_percent_possible_ellipsoidal_anomalous   ? 
_reflns_shell.pdbx_percent_possible_spherical_anomalous     ? 
_reflns_shell.pdbx_redundancy_anomalous                     ? 
_reflns_shell.pdbx_CC_half_anomalous                        ? 
_reflns_shell.pdbx_absDiff_over_sigma_anomalous             ? 
_reflns_shell.pdbx_percent_possible_anomalous               ? 
# 
_refine.aniso_B[1][1]                            ? 
_refine.aniso_B[1][2]                            ? 
_refine.aniso_B[1][3]                            ? 
_refine.aniso_B[2][2]                            ? 
_refine.aniso_B[2][3]                            ? 
_refine.aniso_B[3][3]                            ? 
_refine.B_iso_max                                ? 
_refine.B_iso_mean                               ? 
_refine.B_iso_min                                ? 
_refine.correlation_coeff_Fo_to_Fc               ? 
_refine.correlation_coeff_Fo_to_Fc_free          ? 
_refine.details                                  ? 
_refine.diff_density_max                         ? 
_refine.diff_density_max_esd                     ? 
_refine.diff_density_min                         ? 
_refine.diff_density_min_esd                     ? 
_refine.diff_density_rms                         ? 
_refine.diff_density_rms_esd                     ? 
_refine.entry_id                                 8HL9 
_refine.pdbx_refine_id                           'X-RAY DIFFRACTION' 
_refine.ls_abs_structure_details                 ? 
_refine.ls_abs_structure_Flack                   ? 
_refine.ls_abs_structure_Flack_esd               ? 
_refine.ls_abs_structure_Rogers                  ? 
_refine.ls_abs_structure_Rogers_esd              ? 
_refine.ls_d_res_high                            1.60 
_refine.ls_d_res_low                             19.62 
_refine.ls_extinction_coef                       ? 
_refine.ls_extinction_coef_esd                   ? 
_refine.ls_extinction_expression                 ? 
_refine.ls_extinction_method                     ? 
_refine.ls_goodness_of_fit_all                   ? 
_refine.ls_goodness_of_fit_all_esd               ? 
_refine.ls_goodness_of_fit_obs                   ? 
_refine.ls_goodness_of_fit_obs_esd               ? 
_refine.ls_hydrogen_treatment                    ? 
_refine.ls_matrix_type                           ? 
_refine.ls_number_constraints                    ? 
_refine.ls_number_parameters                     ? 
_refine.ls_number_reflns_all                     ? 
_refine.ls_number_reflns_obs                     24059 
_refine.ls_number_reflns_R_free                  1979 
_refine.ls_number_reflns_R_work                  ? 
_refine.ls_number_restraints                     ? 
_refine.ls_percent_reflns_obs                    97.92 
_refine.ls_percent_reflns_R_free                 8.23 
_refine.ls_R_factor_all                          ? 
_refine.ls_R_factor_obs                          0.2166 
_refine.ls_R_factor_R_free                       0.2511 
_refine.ls_R_factor_R_free_error                 ? 
_refine.ls_R_factor_R_free_error_details         ? 
_refine.ls_R_factor_R_work                       0.2135 
_refine.ls_R_Fsqd_factor_obs                     ? 
_refine.ls_R_I_factor_obs                        ? 
_refine.ls_redundancy_reflns_all                 ? 
_refine.ls_redundancy_reflns_obs                 ? 
_refine.ls_restrained_S_all                      ? 
_refine.ls_restrained_S_obs                      ? 
_refine.ls_shift_over_esd_max                    ? 
_refine.ls_shift_over_esd_mean                   ? 
_refine.ls_structure_factor_coef                 ? 
_refine.ls_weighting_details                     ? 
_refine.ls_weighting_scheme                      ? 
_refine.ls_wR_factor_all                         ? 
_refine.ls_wR_factor_obs                         ? 
_refine.ls_wR_factor_R_free                      ? 
_refine.ls_wR_factor_R_work                      ? 
_refine.occupancy_max                            ? 
_refine.occupancy_min                            ? 
_refine.solvent_model_details                    'FLAT BULK SOLVENT MODEL' 
_refine.solvent_model_param_bsol                 ? 
_refine.solvent_model_param_ksol                 ? 
_refine.pdbx_R_complete                          ? 
_refine.ls_R_factor_gt                           ? 
_refine.ls_goodness_of_fit_gt                    ? 
_refine.ls_goodness_of_fit_ref                   ? 
_refine.ls_shift_over_su_max                     ? 
_refine.ls_shift_over_su_max_lt                  ? 
_refine.ls_shift_over_su_mean                    ? 
_refine.ls_shift_over_su_mean_lt                 ? 
_refine.pdbx_ls_sigma_I                          ? 
_refine.pdbx_ls_sigma_F                          1.35 
_refine.pdbx_ls_sigma_Fsqd                       ? 
_refine.pdbx_data_cutoff_high_absF               ? 
_refine.pdbx_data_cutoff_high_rms_absF           ? 
_refine.pdbx_data_cutoff_low_absF                ? 
_refine.pdbx_isotropic_thermal_model             ? 
_refine.pdbx_ls_cross_valid_method               NONE 
_refine.pdbx_method_to_determine_struct          'MOLECULAR REPLACEMENT' 
_refine.pdbx_starting_model                      ? 
_refine.pdbx_stereochemistry_target_values       ML 
_refine.pdbx_R_Free_selection_details            ? 
_refine.pdbx_stereochem_target_val_spec_case     ? 
_refine.pdbx_overall_ESU_R                       ? 
_refine.pdbx_overall_ESU_R_Free                  ? 
_refine.pdbx_solvent_vdw_probe_radii             1.11 
_refine.pdbx_solvent_ion_probe_radii             ? 
_refine.pdbx_solvent_shrinkage_radii             0.90 
_refine.pdbx_real_space_R                        ? 
_refine.pdbx_density_correlation                 ? 
_refine.pdbx_pd_number_of_powder_patterns        ? 
_refine.pdbx_pd_number_of_points                 ? 
_refine.pdbx_pd_meas_number_of_points            ? 
_refine.pdbx_pd_proc_ls_prof_R_factor            ? 
_refine.pdbx_pd_proc_ls_prof_wR_factor           ? 
_refine.pdbx_pd_Marquardt_correlation_coeff      ? 
_refine.pdbx_pd_Fsqrd_R_factor                   ? 
_refine.pdbx_pd_ls_matrix_band_width             ? 
_refine.pdbx_overall_phase_error                 24.37 
_refine.pdbx_overall_SU_R_free_Cruickshank_DPI   ? 
_refine.pdbx_overall_SU_R_free_Blow_DPI          ? 
_refine.pdbx_overall_SU_R_Blow_DPI               ? 
_refine.pdbx_TLS_residual_ADP_flag               ? 
_refine.pdbx_diffrn_id                           1 
_refine.overall_SU_B                             ? 
_refine.overall_SU_ML                            0.17 
_refine.overall_SU_R_Cruickshank_DPI             ? 
_refine.overall_SU_R_free                        ? 
_refine.overall_FOM_free_R_set                   ? 
_refine.overall_FOM_work_R_set                   ? 
_refine.pdbx_average_fsc_overall                 ? 
_refine.pdbx_average_fsc_work                    ? 
_refine.pdbx_average_fsc_free                    ? 
# 
_refine_hist.pdbx_refine_id                   'X-RAY DIFFRACTION' 
_refine_hist.cycle_id                         LAST 
_refine_hist.pdbx_number_atoms_protein        1136 
_refine_hist.pdbx_number_atoms_nucleic_acid   0 
_refine_hist.pdbx_number_atoms_ligand         0 
_refine_hist.number_atoms_solvent             139 
_refine_hist.number_atoms_total               1275 
_refine_hist.d_res_high                       1.60 
_refine_hist.d_res_low                        19.62 
# 
loop_
_refine_ls_restr.pdbx_refine_id 
_refine_ls_restr.criterion 
_refine_ls_restr.dev_ideal 
_refine_ls_restr.dev_ideal_target 
_refine_ls_restr.number 
_refine_ls_restr.rejects 
_refine_ls_restr.type 
_refine_ls_restr.weight 
_refine_ls_restr.pdbx_restraint_function 
'X-RAY DIFFRACTION' ? 0.007 ? 1161 ? f_bond_d           ? ? 
'X-RAY DIFFRACTION' ? 0.910 ? 1566 ? f_angle_d          ? ? 
'X-RAY DIFFRACTION' ? 6.788 ? 152  ? f_dihedral_angle_d ? ? 
'X-RAY DIFFRACTION' ? 0.063 ? 170  ? f_chiral_restr     ? ? 
'X-RAY DIFFRACTION' ? 0.010 ? 203  ? f_plane_restr      ? ? 
# 
loop_
_refine_ls_shell.pdbx_refine_id 
_refine_ls_shell.d_res_high 
_refine_ls_shell.d_res_low 
_refine_ls_shell.number_reflns_all 
_refine_ls_shell.number_reflns_obs 
_refine_ls_shell.number_reflns_R_free 
_refine_ls_shell.number_reflns_R_work 
_refine_ls_shell.percent_reflns_obs 
_refine_ls_shell.percent_reflns_R_free 
_refine_ls_shell.R_factor_all 
_refine_ls_shell.R_factor_obs 
_refine_ls_shell.R_factor_R_free_error 
_refine_ls_shell.R_factor_R_work 
_refine_ls_shell.redundancy_reflns_all 
_refine_ls_shell.redundancy_reflns_obs 
_refine_ls_shell.wR_factor_all 
_refine_ls_shell.wR_factor_obs 
_refine_ls_shell.wR_factor_R_free 
_refine_ls_shell.wR_factor_R_work 
_refine_ls_shell.pdbx_R_complete 
_refine_ls_shell.pdbx_total_number_of_bins_used 
_refine_ls_shell.pdbx_phase_error 
_refine_ls_shell.pdbx_fsc_work 
_refine_ls_shell.pdbx_fsc_free 
_refine_ls_shell.R_factor_R_free 
'X-RAY DIFFRACTION' 1.60 1.64  . . 139 1551 100.00 . . . . 0.2259 . . . . . . . . . . . 0.2600 
'X-RAY DIFFRACTION' 1.64 1.68  . . 141 1564 100.00 . . . . 0.2248 . . . . . . . . . . . 0.2492 
'X-RAY DIFFRACTION' 1.68 1.73  . . 142 1583 100.00 . . . . 0.2231 . . . . . . . . . . . 0.3012 
'X-RAY DIFFRACTION' 1.73 1.79  . . 141 1581 100.00 . . . . 0.2172 . . . . . . . . . . . 0.2487 
'X-RAY DIFFRACTION' 1.79 1.85  . . 142 1570 100.00 . . . . 0.2404 . . . . . . . . . . . 0.2878 
'X-RAY DIFFRACTION' 1.85 1.93  . . 137 1549 97.00  . . . . 0.3126 . . . . . . . . . . . 0.3209 
'X-RAY DIFFRACTION' 1.93 2.02  . . 131 1472 92.00  . . . . 0.2984 . . . . . . . . . . . 0.3293 
'X-RAY DIFFRACTION' 2.02 2.12  . . 142 1582 100.00 . . . . 0.2124 . . . . . . . . . . . 0.2511 
'X-RAY DIFFRACTION' 2.12 2.25  . . 124 1380 87.00  . . . . 0.2578 . . . . . . . . . . . 0.2637 
'X-RAY DIFFRACTION' 2.25 2.43  . . 142 1588 99.00  . . . . 0.2079 . . . . . . . . . . . 0.2760 
'X-RAY DIFFRACTION' 2.43 2.67  . . 146 1625 100.00 . . . . 0.2151 . . . . . . . . . . . 0.2605 
'X-RAY DIFFRACTION' 2.67 3.06  . . 146 1619 100.00 . . . . 0.2096 . . . . . . . . . . . 0.2993 
'X-RAY DIFFRACTION' 3.06 3.85  . . 149 1663 99.00  . . . . 0.1816 . . . . . . . . . . . 0.2006 
'X-RAY DIFFRACTION' 3.85 19.62 . . 157 1753 99.00  . . . . 0.1897 . . . . . . . . . . . 0.2168 
# 
_struct.entry_id                     8HL9 
_struct.title                        'Crystal structure of Galectin-8 C-CRD with part of linker' 
_struct.pdbx_model_details           ? 
_struct.pdbx_formula_weight          ? 
_struct.pdbx_formula_weight_method   ? 
_struct.pdbx_model_type_details      ? 
_struct.pdbx_CASP_flag               N 
# 
_struct_keywords.entry_id        8HL9 
_struct_keywords.text            'Binding sugar, Immunological function, Linker, SUGAR BINDING PROTEIN' 
_struct_keywords.pdbx_keywords   'SUGAR BINDING PROTEIN' 
# 
loop_
_struct_asym.id 
_struct_asym.pdbx_blank_PDB_chainid_flag 
_struct_asym.pdbx_modified 
_struct_asym.entity_id 
_struct_asym.details 
A N N 1 ? 
B N N 2 ? 
# 
_struct_ref.id                         1 
_struct_ref.db_name                    UNP 
_struct_ref.db_code                    LEG8_HUMAN 
_struct_ref.pdbx_db_accession          O00214 
_struct_ref.pdbx_db_isoform            ? 
_struct_ref.entity_id                  1 
_struct_ref.pdbx_seq_one_letter_code   
;SRENVPKSGTPQLRLPFAARLNTPMGPGRTVVVKGEVNANAKSFNVDLLAGKSKDIALHLNPRLNIKAFVRNSFLQESWG
EEERNITSFPFSPGMYFEMIIYCDVREFKVAVNGVHSLEYKHRFKELSSIDTLEINGDIHLLEVRSW
;
_struct_ref.pdbx_align_begin           171 
# 
_struct_ref_seq.align_id                      1 
_struct_ref_seq.ref_id                        1 
_struct_ref_seq.pdbx_PDB_id_code              8HL9 
_struct_ref_seq.pdbx_strand_id                A 
_struct_ref_seq.seq_align_beg                 1 
_struct_ref_seq.pdbx_seq_align_beg_ins_code   ? 
_struct_ref_seq.seq_align_end                 147 
_struct_ref_seq.pdbx_seq_align_end_ins_code   ? 
_struct_ref_seq.pdbx_db_accession             O00214 
_struct_ref_seq.db_align_beg                  171 
_struct_ref_seq.pdbx_db_align_beg_ins_code    ? 
_struct_ref_seq.db_align_end                  317 
_struct_ref_seq.pdbx_db_align_end_ins_code    ? 
_struct_ref_seq.pdbx_auth_seq_align_beg       19 
_struct_ref_seq.pdbx_auth_seq_align_end       165 
# 
_pdbx_struct_assembly.id                   1 
_pdbx_struct_assembly.details              author_defined_assembly 
_pdbx_struct_assembly.method_details       ? 
_pdbx_struct_assembly.oligomeric_details   monomeric 
_pdbx_struct_assembly.oligomeric_count     1 
# 
_pdbx_struct_assembly_gen.assembly_id       1 
_pdbx_struct_assembly_gen.oper_expression   1 
_pdbx_struct_assembly_gen.asym_id_list      A,B 
# 
_pdbx_struct_assembly_auth_evidence.id                     1 
_pdbx_struct_assembly_auth_evidence.assembly_id            1 
_pdbx_struct_assembly_auth_evidence.experimental_support   'gel filtration' 
_pdbx_struct_assembly_auth_evidence.details                ? 
# 
_pdbx_struct_oper_list.id                   1 
_pdbx_struct_oper_list.type                 'identity operation' 
_pdbx_struct_oper_list.name                 1_555 
_pdbx_struct_oper_list.symmetry_operation   x,y,z 
_pdbx_struct_oper_list.matrix[1][1]         1.0000000000 
_pdbx_struct_oper_list.matrix[1][2]         0.0000000000 
_pdbx_struct_oper_list.matrix[1][3]         0.0000000000 
_pdbx_struct_oper_list.vector[1]            0.0000000000 
_pdbx_struct_oper_list.matrix[2][1]         0.0000000000 
_pdbx_struct_oper_list.matrix[2][2]         1.0000000000 
_pdbx_struct_oper_list.matrix[2][3]         0.0000000000 
_pdbx_struct_oper_list.vector[2]            0.0000000000 
_pdbx_struct_oper_list.matrix[3][1]         0.0000000000 
_pdbx_struct_oper_list.matrix[3][2]         0.0000000000 
_pdbx_struct_oper_list.matrix[3][3]         1.0000000000 
_pdbx_struct_oper_list.vector[3]            0.0000000000 
# 
_struct_conf.conf_type_id            HELX_P 
_struct_conf.id                      HELX_P1 
_struct_conf.pdbx_PDB_helix_id       AA1 
_struct_conf.beg_label_comp_id       GLU 
_struct_conf.beg_label_asym_id       A 
_struct_conf.beg_label_seq_id        126 
_struct_conf.pdbx_beg_PDB_ins_code   ? 
_struct_conf.end_label_comp_id       ILE 
_struct_conf.end_label_asym_id       A 
_struct_conf.end_label_seq_id        130 
_struct_conf.pdbx_end_PDB_ins_code   ? 
_struct_conf.beg_auth_comp_id        GLU 
_struct_conf.beg_auth_asym_id        A 
_struct_conf.beg_auth_seq_id         144 
_struct_conf.end_auth_comp_id        ILE 
_struct_conf.end_auth_asym_id        A 
_struct_conf.end_auth_seq_id         148 
_struct_conf.pdbx_PDB_helix_class    5 
_struct_conf.details                 ? 
_struct_conf.pdbx_PDB_helix_length   5 
# 
_struct_conf_type.id          HELX_P 
_struct_conf_type.criteria    ? 
_struct_conf_type.reference   ? 
# 
_struct_mon_prot_cis.pdbx_id                1 
_struct_mon_prot_cis.label_comp_id          LEU 
_struct_mon_prot_cis.label_seq_id           15 
_struct_mon_prot_cis.label_asym_id          A 
_struct_mon_prot_cis.label_alt_id           . 
_struct_mon_prot_cis.pdbx_PDB_ins_code      ? 
_struct_mon_prot_cis.auth_comp_id           LEU 
_struct_mon_prot_cis.auth_seq_id            33 
_struct_mon_prot_cis.auth_asym_id           A 
_struct_mon_prot_cis.pdbx_label_comp_id_2   PRO 
_struct_mon_prot_cis.pdbx_label_seq_id_2    16 
_struct_mon_prot_cis.pdbx_label_asym_id_2   A 
_struct_mon_prot_cis.pdbx_PDB_ins_code_2    ? 
_struct_mon_prot_cis.pdbx_auth_comp_id_2    PRO 
_struct_mon_prot_cis.pdbx_auth_seq_id_2     34 
_struct_mon_prot_cis.pdbx_auth_asym_id_2    A 
_struct_mon_prot_cis.pdbx_PDB_model_num     1 
_struct_mon_prot_cis.pdbx_omega_angle       2.12 
# 
loop_
_struct_sheet.id 
_struct_sheet.type 
_struct_sheet.number_strands 
_struct_sheet.details 
AA1 ? 7 ? 
AA2 ? 5 ? 
# 
loop_
_struct_sheet_order.sheet_id 
_struct_sheet_order.range_id_1 
_struct_sheet_order.range_id_2 
_struct_sheet_order.offset 
_struct_sheet_order.sense 
AA1 1 2 ? anti-parallel 
AA1 2 3 ? anti-parallel 
AA1 3 4 ? anti-parallel 
AA1 4 5 ? anti-parallel 
AA1 5 6 ? anti-parallel 
AA1 6 7 ? anti-parallel 
AA2 1 2 ? anti-parallel 
AA2 2 3 ? anti-parallel 
AA2 3 4 ? anti-parallel 
AA2 4 5 ? anti-parallel 
# 
loop_
_struct_sheet_range.sheet_id 
_struct_sheet_range.id 
_struct_sheet_range.beg_label_comp_id 
_struct_sheet_range.beg_label_asym_id 
_struct_sheet_range.beg_label_seq_id 
_struct_sheet_range.pdbx_beg_PDB_ins_code 
_struct_sheet_range.end_label_comp_id 
_struct_sheet_range.end_label_asym_id 
_struct_sheet_range.end_label_seq_id 
_struct_sheet_range.pdbx_end_PDB_ins_code 
_struct_sheet_range.beg_auth_comp_id 
_struct_sheet_range.beg_auth_asym_id 
_struct_sheet_range.beg_auth_seq_id 
_struct_sheet_range.end_auth_comp_id 
_struct_sheet_range.end_auth_asym_id 
_struct_sheet_range.end_auth_seq_id 
AA1 1 ASN A 4   ? PRO A 6   ? ASN A 22  PRO A 24  
AA1 2 PHE A 17  ? LEU A 21  ? PHE A 35  LEU A 39  
AA1 3 THR A 132 ? GLY A 137 ? THR A 150 GLY A 155 
AA1 4 PHE A 44  ? LEU A 49  ? PHE A 62  LEU A 67  
AA1 5 ILE A 56  ? ARG A 63  ? ILE A 74  ARG A 81  
AA1 6 ALA A 68  ? LEU A 75  ? ALA A 86  LEU A 93  
AA1 7 SER A 78  ? TRP A 79  ? SER A 96  TRP A 97  
AA2 1 VAL A 115 ? LYS A 121 ? VAL A 133 LYS A 139 
AA2 2 GLU A 107 ? VAL A 112 ? GLU A 125 VAL A 130 
AA2 3 TYR A 96  ? CYS A 103 ? TYR A 114 CYS A 121 
AA2 4 THR A 30  ? VAL A 37  ? THR A 48  VAL A 55  
AA2 5 ILE A 139 ? TRP A 147 ? ILE A 157 TRP A 165 
# 
loop_
_pdbx_struct_sheet_hbond.sheet_id 
_pdbx_struct_sheet_hbond.range_id_1 
_pdbx_struct_sheet_hbond.range_id_2 
_pdbx_struct_sheet_hbond.range_1_label_atom_id 
_pdbx_struct_sheet_hbond.range_1_label_comp_id 
_pdbx_struct_sheet_hbond.range_1_label_asym_id 
_pdbx_struct_sheet_hbond.range_1_label_seq_id 
_pdbx_struct_sheet_hbond.range_1_PDB_ins_code 
_pdbx_struct_sheet_hbond.range_1_auth_atom_id 
_pdbx_struct_sheet_hbond.range_1_auth_comp_id 
_pdbx_struct_sheet_hbond.range_1_auth_asym_id 
_pdbx_struct_sheet_hbond.range_1_auth_seq_id 
_pdbx_struct_sheet_hbond.range_2_label_atom_id 
_pdbx_struct_sheet_hbond.range_2_label_comp_id 
_pdbx_struct_sheet_hbond.range_2_label_asym_id 
_pdbx_struct_sheet_hbond.range_2_label_seq_id 
_pdbx_struct_sheet_hbond.range_2_PDB_ins_code 
_pdbx_struct_sheet_hbond.range_2_auth_atom_id 
_pdbx_struct_sheet_hbond.range_2_auth_comp_id 
_pdbx_struct_sheet_hbond.range_2_auth_asym_id 
_pdbx_struct_sheet_hbond.range_2_auth_seq_id 
AA1 1 2 N VAL A 5   ? N VAL A 23  O ARG A 20  ? O ARG A 38  
AA1 2 3 N PHE A 17  ? N PHE A 35  O ILE A 135 ? O ILE A 153 
AA1 3 4 O GLU A 134 ? O GLU A 152 N ASP A 47  ? N ASP A 65  
AA1 4 5 N VAL A 46  ? N VAL A 64  O LEU A 60  ? O LEU A 78  
AA1 5 6 N ARG A 63  ? N ARG A 81  O ALA A 68  ? O ALA A 86  
AA1 6 7 N LEU A 75  ? N LEU A 93  O SER A 78  ? O SER A 96  
AA2 1 2 O SER A 117 ? O SER A 135 N VAL A 110 ? N VAL A 128 
AA2 2 3 O LYS A 109 ? O LYS A 127 N TYR A 102 ? N TYR A 120 
AA2 3 4 O ILE A 101 ? O ILE A 119 N VAL A 31  ? N VAL A 49  
AA2 4 5 N GLU A 36  ? N GLU A 54  O HIS A 140 ? O HIS A 158 
# 
_pdbx_validate_symm_contact.id                1 
_pdbx_validate_symm_contact.PDB_model_num     1 
_pdbx_validate_symm_contact.auth_atom_id_1    O 
_pdbx_validate_symm_contact.auth_asym_id_1    A 
_pdbx_validate_symm_contact.auth_comp_id_1    HOH 
_pdbx_validate_symm_contact.auth_seq_id_1     334 
_pdbx_validate_symm_contact.PDB_ins_code_1    ? 
_pdbx_validate_symm_contact.label_alt_id_1    ? 
_pdbx_validate_symm_contact.site_symmetry_1   1_555 
_pdbx_validate_symm_contact.auth_atom_id_2    O 
_pdbx_validate_symm_contact.auth_asym_id_2    A 
_pdbx_validate_symm_contact.auth_comp_id_2    HOH 
_pdbx_validate_symm_contact.auth_seq_id_2     338 
_pdbx_validate_symm_contact.PDB_ins_code_2    ? 
_pdbx_validate_symm_contact.label_alt_id_2    ? 
_pdbx_validate_symm_contact.site_symmetry_2   6_465 
_pdbx_validate_symm_contact.dist              2.09 
# 
_pdbx_validate_torsion.id              1 
_pdbx_validate_torsion.PDB_model_num   1 
_pdbx_validate_torsion.auth_comp_id    LYS 
_pdbx_validate_torsion.auth_asym_id    A 
_pdbx_validate_torsion.auth_seq_id     70 
_pdbx_validate_torsion.PDB_ins_code    ? 
_pdbx_validate_torsion.label_alt_id    ? 
_pdbx_validate_torsion.phi             -62.94 
_pdbx_validate_torsion.psi             -72.32 
# 
_pdbx_distant_solvent_atoms.id                                1 
_pdbx_distant_solvent_atoms.PDB_model_num                     1 
_pdbx_distant_solvent_atoms.auth_atom_id                      O 
_pdbx_distant_solvent_atoms.label_alt_id                      ? 
_pdbx_distant_solvent_atoms.auth_asym_id                      A 
_pdbx_distant_solvent_atoms.auth_comp_id                      HOH 
_pdbx_distant_solvent_atoms.auth_seq_id                       339 
_pdbx_distant_solvent_atoms.PDB_ins_code                      ? 
_pdbx_distant_solvent_atoms.neighbor_macromolecule_distance   6.50 
_pdbx_distant_solvent_atoms.neighbor_ligand_distance          . 
# 
loop_
_pdbx_unobs_or_zero_occ_residues.id 
_pdbx_unobs_or_zero_occ_residues.PDB_model_num 
_pdbx_unobs_or_zero_occ_residues.polymer_flag 
_pdbx_unobs_or_zero_occ_residues.occupancy_flag 
_pdbx_unobs_or_zero_occ_residues.auth_asym_id 
_pdbx_unobs_or_zero_occ_residues.auth_comp_id 
_pdbx_unobs_or_zero_occ_residues.auth_seq_id 
_pdbx_unobs_or_zero_occ_residues.PDB_ins_code 
_pdbx_unobs_or_zero_occ_residues.label_asym_id 
_pdbx_unobs_or_zero_occ_residues.label_comp_id 
_pdbx_unobs_or_zero_occ_residues.label_seq_id 
1 1 Y 1 A SER 26 ? A SER 8  
2 1 Y 1 A GLY 27 ? A GLY 9  
3 1 Y 1 A THR 28 ? A THR 10 
4 1 Y 1 A PRO 29 ? A PRO 11 
5 1 Y 1 A GLN 30 ? A GLN 12 
6 1 Y 1 A LEU 31 ? A LEU 13 
# 
loop_
_chem_comp_atom.comp_id 
_chem_comp_atom.atom_id 
_chem_comp_atom.type_symbol 
_chem_comp_atom.pdbx_aromatic_flag 
_chem_comp_atom.pdbx_stereo_config 
_chem_comp_atom.pdbx_ordinal 
ALA N    N N N 1   
ALA CA   C N S 2   
ALA C    C N N 3   
ALA O    O N N 4   
ALA CB   C N N 5   
ALA OXT  O N N 6   
ALA H    H N N 7   
ALA H2   H N N 8   
ALA HA   H N N 9   
ALA HB1  H N N 10  
ALA HB2  H N N 11  
ALA HB3  H N N 12  
ALA HXT  H N N 13  
ARG N    N N N 14  
ARG CA   C N S 15  
ARG C    C N N 16  
ARG O    O N N 17  
ARG CB   C N N 18  
ARG CG   C N N 19  
ARG CD   C N N 20  
ARG NE   N N N 21  
ARG CZ   C N N 22  
ARG NH1  N N N 23  
ARG NH2  N N N 24  
ARG OXT  O N N 25  
ARG H    H N N 26  
ARG H2   H N N 27  
ARG HA   H N N 28  
ARG HB2  H N N 29  
ARG HB3  H N N 30  
ARG HG2  H N N 31  
ARG HG3  H N N 32  
ARG HD2  H N N 33  
ARG HD3  H N N 34  
ARG HE   H N N 35  
ARG HH11 H N N 36  
ARG HH12 H N N 37  
ARG HH21 H N N 38  
ARG HH22 H N N 39  
ARG HXT  H N N 40  
ASN N    N N N 41  
ASN CA   C N S 42  
ASN C    C N N 43  
ASN O    O N N 44  
ASN CB   C N N 45  
ASN CG   C N N 46  
ASN OD1  O N N 47  
ASN ND2  N N N 48  
ASN OXT  O N N 49  
ASN H    H N N 50  
ASN H2   H N N 51  
ASN HA   H N N 52  
ASN HB2  H N N 53  
ASN HB3  H N N 54  
ASN HD21 H N N 55  
ASN HD22 H N N 56  
ASN HXT  H N N 57  
ASP N    N N N 58  
ASP CA   C N S 59  
ASP C    C N N 60  
ASP O    O N N 61  
ASP CB   C N N 62  
ASP CG   C N N 63  
ASP OD1  O N N 64  
ASP OD2  O N N 65  
ASP OXT  O N N 66  
ASP H    H N N 67  
ASP H2   H N N 68  
ASP HA   H N N 69  
ASP HB2  H N N 70  
ASP HB3  H N N 71  
ASP HD2  H N N 72  
ASP HXT  H N N 73  
CYS N    N N N 74  
CYS CA   C N R 75  
CYS C    C N N 76  
CYS O    O N N 77  
CYS CB   C N N 78  
CYS SG   S N N 79  
CYS OXT  O N N 80  
CYS H    H N N 81  
CYS H2   H N N 82  
CYS HA   H N N 83  
CYS HB2  H N N 84  
CYS HB3  H N N 85  
CYS HG   H N N 86  
CYS HXT  H N N 87  
GLN N    N N N 88  
GLN CA   C N S 89  
GLN C    C N N 90  
GLN O    O N N 91  
GLN CB   C N N 92  
GLN CG   C N N 93  
GLN CD   C N N 94  
GLN OE1  O N N 95  
GLN NE2  N N N 96  
GLN OXT  O N N 97  
GLN H    H N N 98  
GLN H2   H N N 99  
GLN HA   H N N 100 
GLN HB2  H N N 101 
GLN HB3  H N N 102 
GLN HG2  H N N 103 
GLN HG3  H N N 104 
GLN HE21 H N N 105 
GLN HE22 H N N 106 
GLN HXT  H N N 107 
GLU N    N N N 108 
GLU CA   C N S 109 
GLU C    C N N 110 
GLU O    O N N 111 
GLU CB   C N N 112 
GLU CG   C N N 113 
GLU CD   C N N 114 
GLU OE1  O N N 115 
GLU OE2  O N N 116 
GLU OXT  O N N 117 
GLU H    H N N 118 
GLU H2   H N N 119 
GLU HA   H N N 120 
GLU HB2  H N N 121 
GLU HB3  H N N 122 
GLU HG2  H N N 123 
GLU HG3  H N N 124 
GLU HE2  H N N 125 
GLU HXT  H N N 126 
GLY N    N N N 127 
GLY CA   C N N 128 
GLY C    C N N 129 
GLY O    O N N 130 
GLY OXT  O N N 131 
GLY H    H N N 132 
GLY H2   H N N 133 
GLY HA2  H N N 134 
GLY HA3  H N N 135 
GLY HXT  H N N 136 
HIS N    N N N 137 
HIS CA   C N S 138 
HIS C    C N N 139 
HIS O    O N N 140 
HIS CB   C N N 141 
HIS CG   C Y N 142 
HIS ND1  N Y N 143 
HIS CD2  C Y N 144 
HIS CE1  C Y N 145 
HIS NE2  N Y N 146 
HIS OXT  O N N 147 
HIS H    H N N 148 
HIS H2   H N N 149 
HIS HA   H N N 150 
HIS HB2  H N N 151 
HIS HB3  H N N 152 
HIS HD1  H N N 153 
HIS HD2  H N N 154 
HIS HE1  H N N 155 
HIS HE2  H N N 156 
HIS HXT  H N N 157 
HOH O    O N N 158 
HOH H1   H N N 159 
HOH H2   H N N 160 
ILE N    N N N 161 
ILE CA   C N S 162 
ILE C    C N N 163 
ILE O    O N N 164 
ILE CB   C N S 165 
ILE CG1  C N N 166 
ILE CG2  C N N 167 
ILE CD1  C N N 168 
ILE OXT  O N N 169 
ILE H    H N N 170 
ILE H2   H N N 171 
ILE HA   H N N 172 
ILE HB   H N N 173 
ILE HG12 H N N 174 
ILE HG13 H N N 175 
ILE HG21 H N N 176 
ILE HG22 H N N 177 
ILE HG23 H N N 178 
ILE HD11 H N N 179 
ILE HD12 H N N 180 
ILE HD13 H N N 181 
ILE HXT  H N N 182 
LEU N    N N N 183 
LEU CA   C N S 184 
LEU C    C N N 185 
LEU O    O N N 186 
LEU CB   C N N 187 
LEU CG   C N N 188 
LEU CD1  C N N 189 
LEU CD2  C N N 190 
LEU OXT  O N N 191 
LEU H    H N N 192 
LEU H2   H N N 193 
LEU HA   H N N 194 
LEU HB2  H N N 195 
LEU HB3  H N N 196 
LEU HG   H N N 197 
LEU HD11 H N N 198 
LEU HD12 H N N 199 
LEU HD13 H N N 200 
LEU HD21 H N N 201 
LEU HD22 H N N 202 
LEU HD23 H N N 203 
LEU HXT  H N N 204 
LYS N    N N N 205 
LYS CA   C N S 206 
LYS C    C N N 207 
LYS O    O N N 208 
LYS CB   C N N 209 
LYS CG   C N N 210 
LYS CD   C N N 211 
LYS CE   C N N 212 
LYS NZ   N N N 213 
LYS OXT  O N N 214 
LYS H    H N N 215 
LYS H2   H N N 216 
LYS HA   H N N 217 
LYS HB2  H N N 218 
LYS HB3  H N N 219 
LYS HG2  H N N 220 
LYS HG3  H N N 221 
LYS HD2  H N N 222 
LYS HD3  H N N 223 
LYS HE2  H N N 224 
LYS HE3  H N N 225 
LYS HZ1  H N N 226 
LYS HZ2  H N N 227 
LYS HZ3  H N N 228 
LYS HXT  H N N 229 
MET N    N N N 230 
MET CA   C N S 231 
MET C    C N N 232 
MET O    O N N 233 
MET CB   C N N 234 
MET CG   C N N 235 
MET SD   S N N 236 
MET CE   C N N 237 
MET OXT  O N N 238 
MET H    H N N 239 
MET H2   H N N 240 
MET HA   H N N 241 
MET HB2  H N N 242 
MET HB3  H N N 243 
MET HG2  H N N 244 
MET HG3  H N N 245 
MET HE1  H N N 246 
MET HE2  H N N 247 
MET HE3  H N N 248 
MET HXT  H N N 249 
PHE N    N N N 250 
PHE CA   C N S 251 
PHE C    C N N 252 
PHE O    O N N 253 
PHE CB   C N N 254 
PHE CG   C Y N 255 
PHE CD1  C Y N 256 
PHE CD2  C Y N 257 
PHE CE1  C Y N 258 
PHE CE2  C Y N 259 
PHE CZ   C Y N 260 
PHE OXT  O N N 261 
PHE H    H N N 262 
PHE H2   H N N 263 
PHE HA   H N N 264 
PHE HB2  H N N 265 
PHE HB3  H N N 266 
PHE HD1  H N N 267 
PHE HD2  H N N 268 
PHE HE1  H N N 269 
PHE HE2  H N N 270 
PHE HZ   H N N 271 
PHE HXT  H N N 272 
PRO N    N N N 273 
PRO CA   C N S 274 
PRO C    C N N 275 
PRO O    O N N 276 
PRO CB   C N N 277 
PRO CG   C N N 278 
PRO CD   C N N 279 
PRO OXT  O N N 280 
PRO H    H N N 281 
PRO HA   H N N 282 
PRO HB2  H N N 283 
PRO HB3  H N N 284 
PRO HG2  H N N 285 
PRO HG3  H N N 286 
PRO HD2  H N N 287 
PRO HD3  H N N 288 
PRO HXT  H N N 289 
SER N    N N N 290 
SER CA   C N S 291 
SER C    C N N 292 
SER O    O N N 293 
SER CB   C N N 294 
SER OG   O N N 295 
SER OXT  O N N 296 
SER H    H N N 297 
SER H2   H N N 298 
SER HA   H N N 299 
SER HB2  H N N 300 
SER HB3  H N N 301 
SER HG   H N N 302 
SER HXT  H N N 303 
THR N    N N N 304 
THR CA   C N S 305 
THR C    C N N 306 
THR O    O N N 307 
THR CB   C N R 308 
THR OG1  O N N 309 
THR CG2  C N N 310 
THR OXT  O N N 311 
THR H    H N N 312 
THR H2   H N N 313 
THR HA   H N N 314 
THR HB   H N N 315 
THR HG1  H N N 316 
THR HG21 H N N 317 
THR HG22 H N N 318 
THR HG23 H N N 319 
THR HXT  H N N 320 
TRP N    N N N 321 
TRP CA   C N S 322 
TRP C    C N N 323 
TRP O    O N N 324 
TRP CB   C N N 325 
TRP CG   C Y N 326 
TRP CD1  C Y N 327 
TRP CD2  C Y N 328 
TRP NE1  N Y N 329 
TRP CE2  C Y N 330 
TRP CE3  C Y N 331 
TRP CZ2  C Y N 332 
TRP CZ3  C Y N 333 
TRP CH2  C Y N 334 
TRP OXT  O N N 335 
TRP H    H N N 336 
TRP H2   H N N 337 
TRP HA   H N N 338 
TRP HB2  H N N 339 
TRP HB3  H N N 340 
TRP HD1  H N N 341 
TRP HE1  H N N 342 
TRP HE3  H N N 343 
TRP HZ2  H N N 344 
TRP HZ3  H N N 345 
TRP HH2  H N N 346 
TRP HXT  H N N 347 
TYR N    N N N 348 
TYR CA   C N S 349 
TYR C    C N N 350 
TYR O    O N N 351 
TYR CB   C N N 352 
TYR CG   C Y N 353 
TYR CD1  C Y N 354 
TYR CD2  C Y N 355 
TYR CE1  C Y N 356 
TYR CE2  C Y N 357 
TYR CZ   C Y N 358 
TYR OH   O N N 359 
TYR OXT  O N N 360 
TYR H    H N N 361 
TYR H2   H N N 362 
TYR HA   H N N 363 
TYR HB2  H N N 364 
TYR HB3  H N N 365 
TYR HD1  H N N 366 
TYR HD2  H N N 367 
TYR HE1  H N N 368 
TYR HE2  H N N 369 
TYR HH   H N N 370 
TYR HXT  H N N 371 
VAL N    N N N 372 
VAL CA   C N S 373 
VAL C    C N N 374 
VAL O    O N N 375 
VAL CB   C N N 376 
VAL CG1  C N N 377 
VAL CG2  C N N 378 
VAL OXT  O N N 379 
VAL H    H N N 380 
VAL H2   H N N 381 
VAL HA   H N N 382 
VAL HB   H N N 383 
VAL HG11 H N N 384 
VAL HG12 H N N 385 
VAL HG13 H N N 386 
VAL HG21 H N N 387 
VAL HG22 H N N 388 
VAL HG23 H N N 389 
VAL HXT  H N N 390 
# 
loop_
_chem_comp_bond.comp_id 
_chem_comp_bond.atom_id_1 
_chem_comp_bond.atom_id_2 
_chem_comp_bond.value_order 
_chem_comp_bond.pdbx_aromatic_flag 
_chem_comp_bond.pdbx_stereo_config 
_chem_comp_bond.pdbx_ordinal 
ALA N   CA   sing N N 1   
ALA N   H    sing N N 2   
ALA N   H2   sing N N 3   
ALA CA  C    sing N N 4   
ALA CA  CB   sing N N 5   
ALA CA  HA   sing N N 6   
ALA C   O    doub N N 7   
ALA C   OXT  sing N N 8   
ALA CB  HB1  sing N N 9   
ALA CB  HB2  sing N N 10  
ALA CB  HB3  sing N N 11  
ALA OXT HXT  sing N N 12  
ARG N   CA   sing N N 13  
ARG N   H    sing N N 14  
ARG N   H2   sing N N 15  
ARG CA  C    sing N N 16  
ARG CA  CB   sing N N 17  
ARG CA  HA   sing N N 18  
ARG C   O    doub N N 19  
ARG C   OXT  sing N N 20  
ARG CB  CG   sing N N 21  
ARG CB  HB2  sing N N 22  
ARG CB  HB3  sing N N 23  
ARG CG  CD   sing N N 24  
ARG CG  HG2  sing N N 25  
ARG CG  HG3  sing N N 26  
ARG CD  NE   sing N N 27  
ARG CD  HD2  sing N N 28  
ARG CD  HD3  sing N N 29  
ARG NE  CZ   sing N N 30  
ARG NE  HE   sing N N 31  
ARG CZ  NH1  sing N N 32  
ARG CZ  NH2  doub N N 33  
ARG NH1 HH11 sing N N 34  
ARG NH1 HH12 sing N N 35  
ARG NH2 HH21 sing N N 36  
ARG NH2 HH22 sing N N 37  
ARG OXT HXT  sing N N 38  
ASN N   CA   sing N N 39  
ASN N   H    sing N N 40  
ASN N   H2   sing N N 41  
ASN CA  C    sing N N 42  
ASN CA  CB   sing N N 43  
ASN CA  HA   sing N N 44  
ASN C   O    doub N N 45  
ASN C   OXT  sing N N 46  
ASN CB  CG   sing N N 47  
ASN CB  HB2  sing N N 48  
ASN CB  HB3  sing N N 49  
ASN CG  OD1  doub N N 50  
ASN CG  ND2  sing N N 51  
ASN ND2 HD21 sing N N 52  
ASN ND2 HD22 sing N N 53  
ASN OXT HXT  sing N N 54  
ASP N   CA   sing N N 55  
ASP N   H    sing N N 56  
ASP N   H2   sing N N 57  
ASP CA  C    sing N N 58  
ASP CA  CB   sing N N 59  
ASP CA  HA   sing N N 60  
ASP C   O    doub N N 61  
ASP C   OXT  sing N N 62  
ASP CB  CG   sing N N 63  
ASP CB  HB2  sing N N 64  
ASP CB  HB3  sing N N 65  
ASP CG  OD1  doub N N 66  
ASP CG  OD2  sing N N 67  
ASP OD2 HD2  sing N N 68  
ASP OXT HXT  sing N N 69  
CYS N   CA   sing N N 70  
CYS N   H    sing N N 71  
CYS N   H2   sing N N 72  
CYS CA  C    sing N N 73  
CYS CA  CB   sing N N 74  
CYS CA  HA   sing N N 75  
CYS C   O    doub N N 76  
CYS C   OXT  sing N N 77  
CYS CB  SG   sing N N 78  
CYS CB  HB2  sing N N 79  
CYS CB  HB3  sing N N 80  
CYS SG  HG   sing N N 81  
CYS OXT HXT  sing N N 82  
GLN N   CA   sing N N 83  
GLN N   H    sing N N 84  
GLN N   H2   sing N N 85  
GLN CA  C    sing N N 86  
GLN CA  CB   sing N N 87  
GLN CA  HA   sing N N 88  
GLN C   O    doub N N 89  
GLN C   OXT  sing N N 90  
GLN CB  CG   sing N N 91  
GLN CB  HB2  sing N N 92  
GLN CB  HB3  sing N N 93  
GLN CG  CD   sing N N 94  
GLN CG  HG2  sing N N 95  
GLN CG  HG3  sing N N 96  
GLN CD  OE1  doub N N 97  
GLN CD  NE2  sing N N 98  
GLN NE2 HE21 sing N N 99  
GLN NE2 HE22 sing N N 100 
GLN OXT HXT  sing N N 101 
GLU N   CA   sing N N 102 
GLU N   H    sing N N 103 
GLU N   H2   sing N N 104 
GLU CA  C    sing N N 105 
GLU CA  CB   sing N N 106 
GLU CA  HA   sing N N 107 
GLU C   O    doub N N 108 
GLU C   OXT  sing N N 109 
GLU CB  CG   sing N N 110 
GLU CB  HB2  sing N N 111 
GLU CB  HB3  sing N N 112 
GLU CG  CD   sing N N 113 
GLU CG  HG2  sing N N 114 
GLU CG  HG3  sing N N 115 
GLU CD  OE1  doub N N 116 
GLU CD  OE2  sing N N 117 
GLU OE2 HE2  sing N N 118 
GLU OXT HXT  sing N N 119 
GLY N   CA   sing N N 120 
GLY N   H    sing N N 121 
GLY N   H2   sing N N 122 
GLY CA  C    sing N N 123 
GLY CA  HA2  sing N N 124 
GLY CA  HA3  sing N N 125 
GLY C   O    doub N N 126 
GLY C   OXT  sing N N 127 
GLY OXT HXT  sing N N 128 
HIS N   CA   sing N N 129 
HIS N   H    sing N N 130 
HIS N   H2   sing N N 131 
HIS CA  C    sing N N 132 
HIS CA  CB   sing N N 133 
HIS CA  HA   sing N N 134 
HIS C   O    doub N N 135 
HIS C   OXT  sing N N 136 
HIS CB  CG   sing N N 137 
HIS CB  HB2  sing N N 138 
HIS CB  HB3  sing N N 139 
HIS CG  ND1  sing Y N 140 
HIS CG  CD2  doub Y N 141 
HIS ND1 CE1  doub Y N 142 
HIS ND1 HD1  sing N N 143 
HIS CD2 NE2  sing Y N 144 
HIS CD2 HD2  sing N N 145 
HIS CE1 NE2  sing Y N 146 
HIS CE1 HE1  sing N N 147 
HIS NE2 HE2  sing N N 148 
HIS OXT HXT  sing N N 149 
HOH O   H1   sing N N 150 
HOH O   H2   sing N N 151 
ILE N   CA   sing N N 152 
ILE N   H    sing N N 153 
ILE N   H2   sing N N 154 
ILE CA  C    sing N N 155 
ILE CA  CB   sing N N 156 
ILE CA  HA   sing N N 157 
ILE C   O    doub N N 158 
ILE C   OXT  sing N N 159 
ILE CB  CG1  sing N N 160 
ILE CB  CG2  sing N N 161 
ILE CB  HB   sing N N 162 
ILE CG1 CD1  sing N N 163 
ILE CG1 HG12 sing N N 164 
ILE CG1 HG13 sing N N 165 
ILE CG2 HG21 sing N N 166 
ILE CG2 HG22 sing N N 167 
ILE CG2 HG23 sing N N 168 
ILE CD1 HD11 sing N N 169 
ILE CD1 HD12 sing N N 170 
ILE CD1 HD13 sing N N 171 
ILE OXT HXT  sing N N 172 
LEU N   CA   sing N N 173 
LEU N   H    sing N N 174 
LEU N   H2   sing N N 175 
LEU CA  C    sing N N 176 
LEU CA  CB   sing N N 177 
LEU CA  HA   sing N N 178 
LEU C   O    doub N N 179 
LEU C   OXT  sing N N 180 
LEU CB  CG   sing N N 181 
LEU CB  HB2  sing N N 182 
LEU CB  HB3  sing N N 183 
LEU CG  CD1  sing N N 184 
LEU CG  CD2  sing N N 185 
LEU CG  HG   sing N N 186 
LEU CD1 HD11 sing N N 187 
LEU CD1 HD12 sing N N 188 
LEU CD1 HD13 sing N N 189 
LEU CD2 HD21 sing N N 190 
LEU CD2 HD22 sing N N 191 
LEU CD2 HD23 sing N N 192 
LEU OXT HXT  sing N N 193 
LYS N   CA   sing N N 194 
LYS N   H    sing N N 195 
LYS N   H2   sing N N 196 
LYS CA  C    sing N N 197 
LYS CA  CB   sing N N 198 
LYS CA  HA   sing N N 199 
LYS C   O    doub N N 200 
LYS C   OXT  sing N N 201 
LYS CB  CG   sing N N 202 
LYS CB  HB2  sing N N 203 
LYS CB  HB3  sing N N 204 
LYS CG  CD   sing N N 205 
LYS CG  HG2  sing N N 206 
LYS CG  HG3  sing N N 207 
LYS CD  CE   sing N N 208 
LYS CD  HD2  sing N N 209 
LYS CD  HD3  sing N N 210 
LYS CE  NZ   sing N N 211 
LYS CE  HE2  sing N N 212 
LYS CE  HE3  sing N N 213 
LYS NZ  HZ1  sing N N 214 
LYS NZ  HZ2  sing N N 215 
LYS NZ  HZ3  sing N N 216 
LYS OXT HXT  sing N N 217 
MET N   CA   sing N N 218 
MET N   H    sing N N 219 
MET N   H2   sing N N 220 
MET CA  C    sing N N 221 
MET CA  CB   sing N N 222 
MET CA  HA   sing N N 223 
MET C   O    doub N N 224 
MET C   OXT  sing N N 225 
MET CB  CG   sing N N 226 
MET CB  HB2  sing N N 227 
MET CB  HB3  sing N N 228 
MET CG  SD   sing N N 229 
MET CG  HG2  sing N N 230 
MET CG  HG3  sing N N 231 
MET SD  CE   sing N N 232 
MET CE  HE1  sing N N 233 
MET CE  HE2  sing N N 234 
MET CE  HE3  sing N N 235 
MET OXT HXT  sing N N 236 
PHE N   CA   sing N N 237 
PHE N   H    sing N N 238 
PHE N   H2   sing N N 239 
PHE CA  C    sing N N 240 
PHE CA  CB   sing N N 241 
PHE CA  HA   sing N N 242 
PHE C   O    doub N N 243 
PHE C   OXT  sing N N 244 
PHE CB  CG   sing N N 245 
PHE CB  HB2  sing N N 246 
PHE CB  HB3  sing N N 247 
PHE CG  CD1  doub Y N 248 
PHE CG  CD2  sing Y N 249 
PHE CD1 CE1  sing Y N 250 
PHE CD1 HD1  sing N N 251 
PHE CD2 CE2  doub Y N 252 
PHE CD2 HD2  sing N N 253 
PHE CE1 CZ   doub Y N 254 
PHE CE1 HE1  sing N N 255 
PHE CE2 CZ   sing Y N 256 
PHE CE2 HE2  sing N N 257 
PHE CZ  HZ   sing N N 258 
PHE OXT HXT  sing N N 259 
PRO N   CA   sing N N 260 
PRO N   CD   sing N N 261 
PRO N   H    sing N N 262 
PRO CA  C    sing N N 263 
PRO CA  CB   sing N N 264 
PRO CA  HA   sing N N 265 
PRO C   O    doub N N 266 
PRO C   OXT  sing N N 267 
PRO CB  CG   sing N N 268 
PRO CB  HB2  sing N N 269 
PRO CB  HB3  sing N N 270 
PRO CG  CD   sing N N 271 
PRO CG  HG2  sing N N 272 
PRO CG  HG3  sing N N 273 
PRO CD  HD2  sing N N 274 
PRO CD  HD3  sing N N 275 
PRO OXT HXT  sing N N 276 
SER N   CA   sing N N 277 
SER N   H    sing N N 278 
SER N   H2   sing N N 279 
SER CA  C    sing N N 280 
SER CA  CB   sing N N 281 
SER CA  HA   sing N N 282 
SER C   O    doub N N 283 
SER C   OXT  sing N N 284 
SER CB  OG   sing N N 285 
SER CB  HB2  sing N N 286 
SER CB  HB3  sing N N 287 
SER OG  HG   sing N N 288 
SER OXT HXT  sing N N 289 
THR N   CA   sing N N 290 
THR N   H    sing N N 291 
THR N   H2   sing N N 292 
THR CA  C    sing N N 293 
THR CA  CB   sing N N 294 
THR CA  HA   sing N N 295 
THR C   O    doub N N 296 
THR C   OXT  sing N N 297 
THR CB  OG1  sing N N 298 
THR CB  CG2  sing N N 299 
THR CB  HB   sing N N 300 
THR OG1 HG1  sing N N 301 
THR CG2 HG21 sing N N 302 
THR CG2 HG22 sing N N 303 
THR CG2 HG23 sing N N 304 
THR OXT HXT  sing N N 305 
TRP N   CA   sing N N 306 
TRP N   H    sing N N 307 
TRP N   H2   sing N N 308 
TRP CA  C    sing N N 309 
TRP CA  CB   sing N N 310 
TRP CA  HA   sing N N 311 
TRP C   O    doub N N 312 
TRP C   OXT  sing N N 313 
TRP CB  CG   sing N N 314 
TRP CB  HB2  sing N N 315 
TRP CB  HB3  sing N N 316 
TRP CG  CD1  doub Y N 317 
TRP CG  CD2  sing Y N 318 
TRP CD1 NE1  sing Y N 319 
TRP CD1 HD1  sing N N 320 
TRP CD2 CE2  doub Y N 321 
TRP CD2 CE3  sing Y N 322 
TRP NE1 CE2  sing Y N 323 
TRP NE1 HE1  sing N N 324 
TRP CE2 CZ2  sing Y N 325 
TRP CE3 CZ3  doub Y N 326 
TRP CE3 HE3  sing N N 327 
TRP CZ2 CH2  doub Y N 328 
TRP CZ2 HZ2  sing N N 329 
TRP CZ3 CH2  sing Y N 330 
TRP CZ3 HZ3  sing N N 331 
TRP CH2 HH2  sing N N 332 
TRP OXT HXT  sing N N 333 
TYR N   CA   sing N N 334 
TYR N   H    sing N N 335 
TYR N   H2   sing N N 336 
TYR CA  C    sing N N 337 
TYR CA  CB   sing N N 338 
TYR CA  HA   sing N N 339 
TYR C   O    doub N N 340 
TYR C   OXT  sing N N 341 
TYR CB  CG   sing N N 342 
TYR CB  HB2  sing N N 343 
TYR CB  HB3  sing N N 344 
TYR CG  CD1  doub Y N 345 
TYR CG  CD2  sing Y N 346 
TYR CD1 CE1  sing Y N 347 
TYR CD1 HD1  sing N N 348 
TYR CD2 CE2  doub Y N 349 
TYR CD2 HD2  sing N N 350 
TYR CE1 CZ   doub Y N 351 
TYR CE1 HE1  sing N N 352 
TYR CE2 CZ   sing Y N 353 
TYR CE2 HE2  sing N N 354 
TYR CZ  OH   sing N N 355 
TYR OH  HH   sing N N 356 
TYR OXT HXT  sing N N 357 
VAL N   CA   sing N N 358 
VAL N   H    sing N N 359 
VAL N   H2   sing N N 360 
VAL CA  C    sing N N 361 
VAL CA  CB   sing N N 362 
VAL CA  HA   sing N N 363 
VAL C   O    doub N N 364 
VAL C   OXT  sing N N 365 
VAL CB  CG1  sing N N 366 
VAL CB  CG2  sing N N 367 
VAL CB  HB   sing N N 368 
VAL CG1 HG11 sing N N 369 
VAL CG1 HG12 sing N N 370 
VAL CG1 HG13 sing N N 371 
VAL CG2 HG21 sing N N 372 
VAL CG2 HG22 sing N N 373 
VAL CG2 HG23 sing N N 374 
VAL OXT HXT  sing N N 375 
# 
_pdbx_audit_support.funding_organization   'National Natural Science Foundation of China (NSFC)' 
_pdbx_audit_support.country                China 
_pdbx_audit_support.grant_number           82201916 
_pdbx_audit_support.ordinal                1 
# 
_pdbx_initial_refinement_model.id               1 
_pdbx_initial_refinement_model.entity_id_list   ? 
_pdbx_initial_refinement_model.type             'experimental model' 
_pdbx_initial_refinement_model.source_name      ? 
_pdbx_initial_refinement_model.accession_code   ? 
_pdbx_initial_refinement_model.details          ? 
# 
_atom_sites.entry_id                    8HL9 
_atom_sites.Cartn_transf_matrix[1][1]   ? 
_atom_sites.Cartn_transf_matrix[1][2]   ? 
_atom_sites.Cartn_transf_matrix[1][3]   ? 
_atom_sites.Cartn_transf_matrix[2][1]   ? 
_atom_sites.Cartn_transf_matrix[2][2]   ? 
_atom_sites.Cartn_transf_matrix[2][3]   ? 
_atom_sites.Cartn_transf_matrix[3][1]   ? 
_atom_sites.Cartn_transf_matrix[3][2]   ? 
_atom_sites.Cartn_transf_matrix[3][3]   ? 
_atom_sites.Cartn_transf_vector[1]      ? 
_atom_sites.Cartn_transf_vector[2]      ? 
_atom_sites.Cartn_transf_vector[3]      ? 
_atom_sites.fract_transf_matrix[1][1]   -0.01209353 
_atom_sites.fract_transf_matrix[1][2]   0.01307070 
_atom_sites.fract_transf_matrix[1][3]   -0.00634545 
_atom_sites.fract_transf_matrix[2][1]   -0.00665821 
_atom_sites.fract_transf_matrix[2][2]   -0.01232347 
_atom_sites.fract_transf_matrix[2][3]   -0.01269494 
_atom_sites.fract_transf_matrix[3][1]   -0.00539002 
_atom_sites.fract_transf_matrix[3][2]   -0.00245684 
_atom_sites.fract_transf_matrix[3][3]   0.00521189 
_atom_sites.fract_transf_vector[1]      0.021995 
_atom_sites.fract_transf_vector[2]      0.607389 
_atom_sites.fract_transf_vector[3]      0.435018 
_atom_sites.solution_primary            ? 
_atom_sites.solution_secondary          ? 
_atom_sites.solution_hydrogens          ? 
_atom_sites.special_details             ? 
# 
loop_
_atom_type.symbol 
C 
N 
O 
S 
# 
loop_
_atom_site.group_PDB 
_atom_site.id 
_atom_site.type_symbol 
_atom_site.label_atom_id 
_atom_site.label_alt_id 
_atom_site.label_comp_id 
_atom_site.label_asym_id 
_atom_site.label_entity_id 
_atom_site.label_seq_id 
_atom_site.pdbx_PDB_ins_code 
_atom_site.Cartn_x 
_atom_site.Cartn_y 
_atom_site.Cartn_z 
_atom_site.occupancy 
_atom_site.B_iso_or_equiv 
_atom_site.pdbx_formal_charge 
_atom_site.auth_seq_id 
_atom_site.auth_comp_id 
_atom_site.auth_asym_id 
_atom_site.auth_atom_id 
_atom_site.pdbx_PDB_model_num 
ATOM   1    N N   . SER A 1 1   ? 11.839  15.937  -0.826  1.00 41.88 ? 19  SER A N   1 
ATOM   2    C CA  . SER A 1 1   ? 12.692  15.345  -1.853  1.00 36.90 ? 19  SER A CA  1 
ATOM   3    C C   . SER A 1 1   ? 12.015  15.239  -3.209  1.00 36.06 ? 19  SER A C   1 
ATOM   4    O O   . SER A 1 1   ? 10.932  15.778  -3.432  1.00 33.41 ? 19  SER A O   1 
ATOM   5    C CB  . SER A 1 1   ? 13.172  13.957  -1.422  1.00 36.40 ? 19  SER A CB  1 
ATOM   6    O OG  . SER A 1 1   ? 13.406  13.904  -0.028  1.00 48.08 ? 19  SER A OG  1 
ATOM   7    N N   . ARG A 1 2   ? 12.688  14.517  -4.111  1.00 32.67 ? 20  ARG A N   1 
ATOM   8    C CA  . ARG A 1 2   ? 12.286  14.466  -5.510  1.00 32.84 ? 20  ARG A CA  1 
ATOM   9    C C   . ARG A 1 2   ? 10.973  13.713  -5.697  1.00 29.21 ? 20  ARG A C   1 
ATOM   10   O O   . ARG A 1 2   ? 10.264  13.934  -6.689  1.00 31.59 ? 20  ARG A O   1 
ATOM   11   C CB  . ARG A 1 2   ? 13.390  13.788  -6.323  1.00 30.36 ? 20  ARG A CB  1 
ATOM   12   C CG  . ARG A 1 2   ? 13.651  14.347  -7.698  1.00 36.83 ? 20  ARG A CG  1 
ATOM   13   C CD  . ARG A 1 2   ? 14.860  13.651  -8.339  1.00 36.11 ? 20  ARG A CD  1 
ATOM   14   N NE  . ARG A 1 2   ? 14.423  12.631  -9.294  1.00 41.66 ? 20  ARG A NE  1 
ATOM   15   C CZ  . ARG A 1 2   ? 15.081  11.514  -9.582  1.00 31.67 ? 20  ARG A CZ  1 
ATOM   16   N NH1 . ARG A 1 2   ? 16.271  11.253  -9.056  1.00 42.33 ? 20  ARG A NH1 1 
ATOM   17   N NH2 . ARG A 1 2   ? 14.522  10.625  -10.402 1.00 34.14 ? 20  ARG A NH2 1 
ATOM   18   N N   . GLU A 1 3   ? 10.635  12.821  -4.768  1.00 27.55 ? 21  GLU A N   1 
ATOM   19   C CA  . GLU A 1 3   ? 9.562   11.868  -4.983  1.00 25.72 ? 21  GLU A CA  1 
ATOM   20   C C   . GLU A 1 3   ? 8.402   12.022  -4.024  1.00 26.37 ? 21  GLU A C   1 
ATOM   21   O O   . GLU A 1 3   ? 7.270   11.715  -4.404  1.00 25.52 ? 21  GLU A O   1 
ATOM   22   C CB  . GLU A 1 3   ? 10.111  10.440  -4.889  1.00 23.40 ? 21  GLU A CB  1 
ATOM   23   C CG  . GLU A 1 3   ? 11.125  10.165  -5.983  1.00 22.94 ? 21  GLU A CG  1 
ATOM   24   C CD  . GLU A 1 3   ? 11.625  8.744   -5.995  1.00 23.94 ? 21  GLU A CD  1 
ATOM   25   O OE1 . GLU A 1 3   ? 11.481  8.050   -4.965  1.00 24.73 ? 21  GLU A OE1 1 
ATOM   26   O OE2 . GLU A 1 3   ? 12.183  8.329   -7.041  1.00 24.87 ? 21  GLU A OE2 1 
ATOM   27   N N   . ASN A 1 4   ? 8.639   12.491  -2.805  1.00 28.85 ? 22  ASN A N   1 
ATOM   28   C CA  . ASN A 1 4   ? 7.532   12.715  -1.886  1.00 28.22 ? 22  ASN A CA  1 
ATOM   29   C C   . ASN A 1 4   ? 7.989   13.636  -0.765  1.00 33.62 ? 22  ASN A C   1 
ATOM   30   O O   . ASN A 1 4   ? 9.183   13.876  -0.568  1.00 33.60 ? 22  ASN A O   1 
ATOM   31   C CB  . ASN A 1 4   ? 6.961   11.391  -1.357  1.00 31.73 ? 22  ASN A CB  1 
ATOM   32   C CG  . ASN A 1 4   ? 7.959   10.598  -0.564  1.00 37.44 ? 22  ASN A CG  1 
ATOM   33   O OD1 . ASN A 1 4   ? 8.590   9.682   -1.090  1.00 37.85 ? 22  ASN A OD1 1 
ATOM   34   N ND2 . ASN A 1 4   ? 8.118   10.943  0.710   1.00 41.81 ? 22  ASN A ND2 1 
ATOM   35   N N   . VAL A 1 5   ? 7.012   14.176  -0.049  1.00 29.78 ? 23  VAL A N   1 
ATOM   36   C CA  . VAL A 1 5   ? 7.298   15.091  1.050   1.00 29.95 ? 23  VAL A CA  1 
ATOM   37   C C   . VAL A 1 5   ? 6.478   14.630  2.248   1.00 32.20 ? 23  VAL A C   1 
ATOM   38   O O   . VAL A 1 5   ? 5.241   14.640  2.179   1.00 29.91 ? 23  VAL A O   1 
ATOM   39   C CB  . VAL A 1 5   ? 6.991   16.547  0.652   1.00 36.62 ? 23  VAL A CB  1 
ATOM   40   C CG1 . VAL A 1 5   ? 5.633   16.648  -0.022  1.00 35.25 ? 23  VAL A CG1 1 
ATOM   41   C CG2 . VAL A 1 5   ? 7.063   17.475  1.856   1.00 34.45 ? 23  VAL A CG2 1 
ATOM   42   N N   . PRO A 1 6   ? 7.113   14.134  3.311   1.00 34.68 ? 24  PRO A N   1 
ATOM   43   C CA  . PRO A 1 6   ? 6.359   13.774  4.514   1.00 35.94 ? 24  PRO A CA  1 
ATOM   44   C C   . PRO A 1 6   ? 5.537   14.944  5.032   1.00 34.99 ? 24  PRO A C   1 
ATOM   45   O O   . PRO A 1 6   ? 5.971   16.099  5.008   1.00 39.24 ? 24  PRO A O   1 
ATOM   46   C CB  . PRO A 1 6   ? 7.456   13.373  5.503   1.00 36.40 ? 24  PRO A CB  1 
ATOM   47   C CG  . PRO A 1 6   ? 8.605   12.902  4.647   1.00 37.14 ? 24  PRO A CG  1 
ATOM   48   C CD  . PRO A 1 6   ? 8.323   13.301  3.199   1.00 39.81 ? 24  PRO A CD  1 
ATOM   49   N N   . LYS A 1 7   ? 4.333   14.631  5.492   1.00 33.05 ? 25  LYS A N   1 
ATOM   50   C CA  . LYS A 1 7   ? 3.437   15.631  6.046   1.00 38.20 ? 25  LYS A CA  1 
ATOM   51   C C   . LYS A 1 7   ? 2.893   15.144  7.385   1.00 41.62 ? 25  LYS A C   1 
ATOM   52   O O   . LYS A 1 7   ? 2.324   15.919  8.155   1.00 52.63 ? 25  LYS A O   1 
ATOM   53   C CB  . LYS A 1 7   ? 2.291   15.931  5.078   1.00 43.65 ? 25  LYS A CB  1 
ATOM   54   C CG  . LYS A 1 7   ? 1.105   15.000  5.234   1.00 41.83 ? 25  LYS A CG  1 
ATOM   55   C CD  . LYS A 1 7   ? 0.555   14.553  3.894   1.00 36.47 ? 25  LYS A CD  1 
ATOM   56   C CE  . LYS A 1 7   ? -0.744  13.785  4.078   1.00 40.85 ? 25  LYS A CE  1 
ATOM   57   N NZ  . LYS A 1 7   ? -1.849  14.641  4.604   1.00 48.29 ? 25  LYS A NZ  1 
ATOM   58   N N   . ARG A 1 14  ? 9.021   8.230   12.794  1.00 40.47 ? 32  ARG A N   1 
ATOM   59   C CA  . ARG A 1 14  ? 8.853   7.827   11.401  1.00 38.55 ? 32  ARG A CA  1 
ATOM   60   C C   . ARG A 1 14  ? 7.509   7.138   11.178  1.00 34.73 ? 32  ARG A C   1 
ATOM   61   O O   . ARG A 1 14  ? 6.854   7.374   10.167  1.00 34.03 ? 32  ARG A O   1 
ATOM   62   C CB  . ARG A 1 14  ? 10.000  6.920   10.957  1.00 36.17 ? 32  ARG A CB  1 
ATOM   63   C CG  . ARG A 1 14  ? 10.482  7.224   9.568   1.00 36.96 ? 32  ARG A CG  1 
ATOM   64   C CD  . ARG A 1 14  ? 11.532  6.240   9.109   1.00 31.98 ? 32  ARG A CD  1 
ATOM   65   N NE  . ARG A 1 14  ? 11.267  5.829   7.734   1.00 36.73 ? 32  ARG A NE  1 
ATOM   66   C CZ  . ARG A 1 14  ? 11.587  6.527   6.653   1.00 34.36 ? 32  ARG A CZ  1 
ATOM   67   N NH1 . ARG A 1 14  ? 12.253  7.670   6.736   1.00 44.36 ? 32  ARG A NH1 1 
ATOM   68   N NH2 . ARG A 1 14  ? 11.226  6.071   5.456   1.00 35.42 ? 32  ARG A NH2 1 
ATOM   69   N N   . LEU A 1 15  ? 7.093   6.278   12.125  1.00 29.53 ? 33  LEU A N   1 
ATOM   70   C CA  . LEU A 1 15  ? 5.752   5.716   12.051  1.00 25.13 ? 33  LEU A CA  1 
ATOM   71   C C   . LEU A 1 15  ? 4.879   6.324   13.146  1.00 29.45 ? 33  LEU A C   1 
ATOM   72   O O   . LEU A 1 15  ? 5.336   6.460   14.286  1.00 35.25 ? 33  LEU A O   1 
ATOM   73   C CB  . LEU A 1 15  ? 5.790   4.189   12.223  1.00 24.78 ? 33  LEU A CB  1 
ATOM   74   C CG  . LEU A 1 15  ? 6.125   3.339   10.994  1.00 26.83 ? 33  LEU A CG  1 
ATOM   75   C CD1 . LEU A 1 15  ? 5.625   1.897   11.186  1.00 29.51 ? 33  LEU A CD1 1 
ATOM   76   C CD2 . LEU A 1 15  ? 5.583   3.951   9.706   1.00 26.10 ? 33  LEU A CD2 1 
ATOM   77   N N   . PRO A 1 16  ? 3.621   6.693   12.857  1.00 28.57 ? 34  PRO A N   1 
ATOM   78   C CA  . PRO A 1 16  ? 2.918   6.547   11.578  1.00 26.89 ? 34  PRO A CA  1 
ATOM   79   C C   . PRO A 1 16  ? 3.500   7.479   10.523  1.00 29.77 ? 34  PRO A C   1 
ATOM   80   O O   . PRO A 1 16  ? 3.935   8.584   10.855  1.00 29.13 ? 34  PRO A O   1 
ATOM   81   C CB  . PRO A 1 16  ? 1.474   6.949   11.908  1.00 27.63 ? 34  PRO A CB  1 
ATOM   82   C CG  . PRO A 1 16  ? 1.405   7.044   13.403  1.00 30.97 ? 34  PRO A CG  1 
ATOM   83   C CD  . PRO A 1 16  ? 2.775   7.340   13.874  1.00 33.28 ? 34  PRO A CD  1 
ATOM   84   N N   . PHE A 1 17  ? 3.513   7.035   9.274   1.00 23.13 ? 35  PHE A N   1 
ATOM   85   C CA  . PHE A 1 17  ? 4.112   7.778   8.179   1.00 25.94 ? 35  PHE A CA  1 
ATOM   86   C C   . PHE A 1 17  ? 3.022   8.270   7.234   1.00 23.52 ? 35  PHE A C   1 
ATOM   87   O O   . PHE A 1 17  ? 2.081   7.537   6.910   1.00 25.03 ? 35  PHE A O   1 
ATOM   88   C CB  . PHE A 1 17  ? 5.131   6.891   7.455   1.00 21.47 ? 35  PHE A CB  1 
ATOM   89   C CG  . PHE A 1 17  ? 5.708   7.492   6.206   1.00 24.09 ? 35  PHE A CG  1 
ATOM   90   C CD1 . PHE A 1 17  ? 5.049   7.368   4.990   1.00 25.82 ? 35  PHE A CD1 1 
ATOM   91   C CD2 . PHE A 1 17  ? 6.918   8.159   6.241   1.00 27.45 ? 35  PHE A CD2 1 
ATOM   92   C CE1 . PHE A 1 17  ? 5.590   7.912   3.831   1.00 25.51 ? 35  PHE A CE1 1 
ATOM   93   C CE2 . PHE A 1 17  ? 7.464   8.708   5.084   1.00 27.99 ? 35  PHE A CE2 1 
ATOM   94   C CZ  . PHE A 1 17  ? 6.800   8.574   3.878   1.00 23.69 ? 35  PHE A CZ  1 
ATOM   95   N N   . ALA A 1 18  ? 3.143   9.527   6.807   1.00 22.06 ? 36  ALA A N   1 
ATOM   96   C CA  . ALA A 1 18  ? 2.238   10.112  5.834   1.00 23.15 ? 36  ALA A CA  1 
ATOM   97   C C   . ALA A 1 18  ? 3.060   10.994  4.909   1.00 21.30 ? 36  ALA A C   1 
ATOM   98   O O   . ALA A 1 18  ? 3.941   11.728  5.363   1.00 28.25 ? 36  ALA A O   1 
ATOM   99   C CB  . ALA A 1 18  ? 1.119   10.911  6.513   1.00 25.78 ? 36  ALA A CB  1 
ATOM   100  N N   . ALA A 1 19  ? 2.788   10.910  3.610   1.00 22.49 ? 37  ALA A N   1 
ATOM   101  C CA  . ALA A 1 19  ? 3.551   11.706  2.659   1.00 23.52 ? 37  ALA A CA  1 
ATOM   102  C C   . ALA A 1 19  ? 2.670   12.099  1.484   1.00 22.71 ? 37  ALA A C   1 
ATOM   103  O O   . ALA A 1 19  ? 1.750   11.373  1.092   1.00 21.07 ? 37  ALA A O   1 
ATOM   104  C CB  . ALA A 1 19  ? 4.794   10.954  2.155   1.00 29.15 ? 37  ALA A CB  1 
ATOM   105  N N   . ARG A 1 20  ? 2.948   13.275  0.938   1.00 23.34 ? 38  ARG A N   1 
ATOM   106  C CA  . ARG A 1 20  ? 2.354   13.695  -0.313  1.00 21.41 ? 38  ARG A CA  1 
ATOM   107  C C   . ARG A 1 20  ? 3.259   13.217  -1.438  1.00 20.38 ? 38  ARG A C   1 
ATOM   108  O O   . ARG A 1 20  ? 4.465   13.477  -1.421  1.00 25.33 ? 38  ARG A O   1 
ATOM   109  C CB  . ARG A 1 20  ? 2.208   15.216  -0.369  1.00 25.30 ? 38  ARG A CB  1 
ATOM   110  C CG  . ARG A 1 20  ? 1.315   15.694  -1.492  1.00 30.32 ? 38  ARG A CG  1 
ATOM   111  C CD  . ARG A 1 20  ? -0.147  15.583  -1.094  1.00 33.61 ? 38  ARG A CD  1 
ATOM   112  N NE  . ARG A 1 20  ? -0.444  16.480  0.018   1.00 39.57 ? 38  ARG A NE  1 
ATOM   113  C CZ  . ARG A 1 20  ? -1.220  16.177  1.049   1.00 40.26 ? 38  ARG A CZ  1 
ATOM   114  N NH1 . ARG A 1 20  ? -1.828  15.003  1.139   1.00 36.60 ? 38  ARG A NH1 1 
ATOM   115  N NH2 . ARG A 1 20  ? -1.389  17.073  2.018   1.00 41.96 ? 38  ARG A NH2 1 
ATOM   116  N N   . LEU A 1 21  ? 2.690   12.490  -2.387  1.00 22.22 ? 39  LEU A N   1 
ATOM   117  C CA  . LEU A 1 21  ? 3.467   12.065  -3.537  1.00 23.48 ? 39  LEU A CA  1 
ATOM   118  C C   . LEU A 1 21  ? 3.706   13.271  -4.434  1.00 21.37 ? 39  LEU A C   1 
ATOM   119  O O   . LEU A 1 21  ? 2.789   14.058  -4.673  1.00 24.22 ? 39  LEU A O   1 
ATOM   120  C CB  . LEU A 1 21  ? 2.729   10.963  -4.290  1.00 24.49 ? 39  LEU A CB  1 
ATOM   121  C CG  . LEU A 1 21  ? 2.452   9.694   -3.471  1.00 19.07 ? 39  LEU A CG  1 
ATOM   122  C CD1 . LEU A 1 21  ? 1.673   8.703   -4.296  1.00 22.17 ? 39  LEU A CD1 1 
ATOM   123  C CD2 . LEU A 1 21  ? 3.723   9.054   -2.937  1.00 24.82 ? 39  LEU A CD2 1 
ATOM   124  N N   . ASN A 1 22  ? 4.949   13.428  -4.904  1.00 21.37 ? 40  ASN A N   1 
ATOM   125  C CA  . ASN A 1 22  ? 5.289   14.540  -5.790  1.00 26.28 ? 40  ASN A CA  1 
ATOM   126  C C   . ASN A 1 22  ? 4.501   14.476  -7.091  1.00 26.71 ? 40  ASN A C   1 
ATOM   127  O O   . ASN A 1 22  ? 4.111   15.508  -7.649  1.00 29.37 ? 40  ASN A O   1 
ATOM   128  C CB  . ASN A 1 22  ? 6.783   14.511  -6.085  1.00 24.64 ? 40  ASN A CB  1 
ATOM   129  C CG  . ASN A 1 22  ? 7.293   15.822  -6.648  1.00 36.34 ? 40  ASN A CG  1 
ATOM   130  O OD1 . ASN A 1 22  ? 7.755   15.885  -7.791  1.00 42.56 ? 40  ASN A OD1 1 
ATOM   131  N ND2 . ASN A 1 22  ? 7.241   16.872  -5.839  1.00 37.42 ? 40  ASN A ND2 1 
ATOM   132  N N   . THR A 1 23  ? 4.290   13.271  -7.603  1.00 23.51 ? 41  THR A N   1 
ATOM   133  C CA  . THR A 1 23  ? 3.526   13.001  -8.795  1.00 23.39 ? 41  THR A CA  1 
ATOM   134  C C   . THR A 1 23  ? 2.355   12.118  -8.391  1.00 22.97 ? 41  THR A C   1 
ATOM   135  O O   . THR A 1 23  ? 2.568   11.108  -7.708  1.00 27.10 ? 41  THR A O   1 
ATOM   136  C CB  . THR A 1 23  ? 4.402   12.278  -9.850  1.00 18.73 ? 41  THR A CB  1 
ATOM   137  O OG1 . THR A 1 23  ? 5.679   12.933  -9.959  1.00 33.88 ? 41  THR A OG1 1 
ATOM   138  C CG2 . THR A 1 23  ? 3.714   12.239  -11.199 1.00 29.28 ? 41  THR A CG2 1 
ATOM   139  N N   . PRO A 1 24  ? 1.127   12.440  -8.767  1.00 24.18 ? 42  PRO A N   1 
ATOM   140  C CA  . PRO A 1 24  ? 0.033   11.534  -8.409  1.00 22.21 ? 42  PRO A CA  1 
ATOM   141  C C   . PRO A 1 24  ? 0.101   10.233  -9.191  1.00 22.73 ? 42  PRO A C   1 
ATOM   142  O O   . PRO A 1 24  ? 0.982   10.029  -10.047 1.00 22.18 ? 42  PRO A O   1 
ATOM   143  C CB  . PRO A 1 24  ? -1.233  12.344  -8.723  1.00 27.54 ? 42  PRO A CB  1 
ATOM   144  C CG  . PRO A 1 24  ? -0.793  13.474  -9.607  1.00 29.97 ? 42  PRO A CG  1 
ATOM   145  C CD  . PRO A 1 24  ? 0.701   13.455  -9.747  1.00 23.62 ? 42  PRO A CD  1 
ATOM   146  N N   . MET A 1 25  ? -0.820  9.334   -8.881  1.00 21.73 ? 43  MET A N   1 
ATOM   147  C CA  . MET A 1 25  ? -0.793  8.013   -9.466  1.00 21.69 ? 43  MET A CA  1 
ATOM   148  C C   . MET A 1 25  ? -1.313  8.060   -10.897 1.00 19.45 ? 43  MET A C   1 
ATOM   149  O O   . MET A 1 25  ? -1.898  9.045   -11.355 1.00 23.35 ? 43  MET A O   1 
ATOM   150  C CB  . MET A 1 25  ? -1.606  7.041   -8.614  1.00 24.80 ? 43  MET A CB  1 
ATOM   151  C CG  . MET A 1 25  ? -1.042  6.942   -7.202  1.00 25.15 ? 43  MET A CG  1 
ATOM   152  S SD  . MET A 1 25  ? 0.657   6.291   -7.168  1.00 33.18 ? 43  MET A SD  1 
ATOM   153  C CE  . MET A 1 25  ? 0.269   4.698   -7.827  1.00 24.84 ? 43  MET A CE  1 
ATOM   154  N N   . GLY A 1 26  ? -1.082  6.969   -11.602 1.00 19.59 ? 44  GLY A N   1 
ATOM   155  C CA  . GLY A 1 26  ? -1.432  6.851   -12.991 1.00 18.35 ? 44  GLY A CA  1 
ATOM   156  C C   . GLY A 1 26  ? -0.699  5.661   -13.538 1.00 18.88 ? 44  GLY A C   1 
ATOM   157  O O   . GLY A 1 26  ? 0.219   5.145   -12.891 1.00 15.66 ? 44  GLY A O   1 
ATOM   158  N N   . PRO A 1 27  ? -1.055  5.206   -14.736 1.00 18.39 ? 45  PRO A N   1 
ATOM   159  C CA  . PRO A 1 27  ? -0.376  4.032   -15.292 1.00 18.27 ? 45  PRO A CA  1 
ATOM   160  C C   . PRO A 1 27  ? 1.118   4.270   -15.424 1.00 17.07 ? 45  PRO A C   1 
ATOM   161  O O   . PRO A 1 27  ? 1.571   5.332   -15.865 1.00 17.88 ? 45  PRO A O   1 
ATOM   162  C CB  . PRO A 1 27  ? -1.051  3.843   -16.656 1.00 20.79 ? 45  PRO A CB  1 
ATOM   163  C CG  . PRO A 1 27  ? -2.375  4.476   -16.480 1.00 22.87 ? 45  PRO A CG  1 
ATOM   164  C CD  . PRO A 1 27  ? -2.090  5.699   -15.655 1.00 22.50 ? 45  PRO A CD  1 
ATOM   165  N N   . GLY A 1 28  ? 1.879   3.273   -15.009 1.00 15.95 ? 46  GLY A N   1 
ATOM   166  C CA  . GLY A 1 28  ? 3.319   3.330   -15.016 1.00 15.67 ? 46  GLY A CA  1 
ATOM   167  C C   . GLY A 1 28  ? 3.928   3.771   -13.705 1.00 13.11 ? 46  GLY A C   1 
ATOM   168  O O   . GLY A 1 28  ? 5.128   3.554   -13.489 1.00 17.98 ? 46  GLY A O   1 
ATOM   169  N N   . ARG A 1 29  ? 3.136   4.365   -12.815 1.00 12.08 ? 47  ARG A N   1 
ATOM   170  C CA  . ARG A 1 29  ? 3.657   4.815   -11.535 1.00 11.79 ? 47  ARG A CA  1 
ATOM   171  C C   . ARG A 1 29  ? 3.872   3.630   -10.606 1.00 15.09 ? 47  ARG A C   1 
ATOM   172  O O   . ARG A 1 29  ? 3.092   2.674   -10.608 1.00 15.82 ? 47  ARG A O   1 
ATOM   173  C CB  . ARG A 1 29  ? 2.704   5.826   -10.903 1.00 13.00 ? 47  ARG A CB  1 
ATOM   174  C CG  . ARG A 1 29  ? 2.711   7.138   -11.665 1.00 16.45 ? 47  ARG A CG  1 
ATOM   175  C CD  . ARG A 1 29  ? 3.819   8.051   -11.117 1.00 16.47 ? 47  ARG A CD  1 
ATOM   176  N NE  . ARG A 1 29  ? 3.483   8.599   -9.806  1.00 17.75 ? 47  ARG A NE  1 
ATOM   177  C CZ  . ARG A 1 29  ? 3.975   8.172   -8.646  1.00 17.59 ? 47  ARG A CZ  1 
ATOM   178  N NH1 . ARG A 1 29  ? 4.847   7.181   -8.584  1.00 22.27 ? 47  ARG A NH1 1 
ATOM   179  N NH2 . ARG A 1 29  ? 3.565   8.744   -7.518  1.00 20.17 ? 47  ARG A NH2 1 
ATOM   180  N N   . THR A 1 30  ? 4.954   3.699   -9.838  1.00 16.45 ? 48  THR A N   1 
ATOM   181  C CA  . THR A 1 30  ? 5.357   2.654   -8.903  1.00 15.98 ? 48  THR A CA  1 
ATOM   182  C C   . THR A 1 30  ? 5.635   3.294   -7.554  1.00 18.26 ? 48  THR A C   1 
ATOM   183  O O   . THR A 1 30  ? 6.315   4.327   -7.475  1.00 17.24 ? 48  THR A O   1 
ATOM   184  C CB  . THR A 1 30  ? 6.626   1.919   -9.380  1.00 18.41 ? 48  THR A CB  1 
ATOM   185  O OG1 . THR A 1 30  ? 6.389   1.269   -10.636 1.00 20.38 ? 48  THR A OG1 1 
ATOM   186  C CG2 . THR A 1 30  ? 7.070   0.895   -8.356  1.00 21.80 ? 48  THR A CG2 1 
ATOM   187  N N   . VAL A 1 31  ? 5.117   2.680   -6.494  1.00 14.63 ? 49  VAL A N   1 
ATOM   188  C CA  . VAL A 1 31  ? 5.454   3.038   -5.122  1.00 15.44 ? 49  VAL A CA  1 
ATOM   189  C C   . VAL A 1 31  ? 6.107   1.813   -4.494  1.00 16.89 ? 49  VAL A C   1 
ATOM   190  O O   . VAL A 1 31  ? 5.587   0.701   -4.618  1.00 17.13 ? 49  VAL A O   1 
ATOM   191  C CB  . VAL A 1 31  ? 4.207   3.483   -4.334  1.00 15.73 ? 49  VAL A CB  1 
ATOM   192  C CG1 . VAL A 1 31  ? 4.512   3.572   -2.852  1.00 18.57 ? 49  VAL A CG1 1 
ATOM   193  C CG2 . VAL A 1 31  ? 3.690   4.822   -4.896  1.00 18.08 ? 49  VAL A CG2 1 
ATOM   194  N N   . VAL A 1 32  ? 7.271   1.999   -3.879  1.00 16.01 ? 50  VAL A N   1 
ATOM   195  C CA  . VAL A 1 32  ? 7.994   0.896   -3.256  1.00 15.78 ? 50  VAL A CA  1 
ATOM   196  C C   . VAL A 1 32  ? 8.140   1.182   -1.768  1.00 18.23 ? 50  VAL A C   1 
ATOM   197  O O   . VAL A 1 32  ? 8.649   2.240   -1.378  1.00 17.87 ? 50  VAL A O   1 
ATOM   198  C CB  . VAL A 1 32  ? 9.371   0.661   -3.896  1.00 16.78 ? 50  VAL A CB  1 
ATOM   199  C CG1 . VAL A 1 32  ? 9.976   -0.639  -3.378  1.00 19.18 ? 50  VAL A CG1 1 
ATOM   200  C CG2 . VAL A 1 32  ? 9.277   0.623   -5.418  1.00 21.16 ? 50  VAL A CG2 1 
ATOM   201  N N   . VAL A 1 33  ? 7.698   0.232   -0.945  1.00 16.83 ? 51  VAL A N   1 
ATOM   202  C CA  . VAL A 1 33  ? 7.842   0.280   0.507   1.00 17.42 ? 51  VAL A CA  1 
ATOM   203  C C   . VAL A 1 33  ? 8.837   -0.806  0.909   1.00 16.47 ? 51  VAL A C   1 
ATOM   204  O O   . VAL A 1 33  ? 8.624   -1.995  0.636   1.00 18.02 ? 51  VAL A O   1 
ATOM   205  C CB  . VAL A 1 33  ? 6.487   0.108   1.203   1.00 18.36 ? 51  VAL A CB  1 
ATOM   206  C CG1 . VAL A 1 33  ? 6.660   0.083   2.725   1.00 18.53 ? 51  VAL A CG1 1 
ATOM   207  C CG2 . VAL A 1 33  ? 5.551   1.226   0.762   1.00 21.18 ? 51  VAL A CG2 1 
ATOM   208  N N   . LYS A 1 34  ? 9.951   -0.395  1.509   1.00 16.51 ? 52  LYS A N   1 
ATOM   209  C CA  . LYS A 1 34  ? 10.952  -1.320  2.034   1.00 19.81 ? 52  LYS A CA  1 
ATOM   210  C C   . LYS A 1 34  ? 10.943  -1.242  3.554   1.00 19.28 ? 52  LYS A C   1 
ATOM   211  O O   . LYS A 1 34  ? 10.937  -0.150  4.125   1.00 20.02 ? 52  LYS A O   1 
ATOM   212  C CB  . LYS A 1 34  ? 12.337  -0.984  1.479   1.00 22.04 ? 52  LYS A CB  1 
ATOM   213  C CG  . LYS A 1 34  ? 12.290  -0.517  0.038   1.00 24.41 ? 52  LYS A CG  1 
ATOM   214  C CD  . LYS A 1 34  ? 13.555  -0.887  -0.722  1.00 27.70 ? 52  LYS A CD  1 
ATOM   215  C CE  . LYS A 1 34  ? 13.608  -0.142  -2.053  1.00 29.19 ? 52  LYS A CE  1 
ATOM   216  N NZ  . LYS A 1 34  ? 14.923  -0.310  -2.727  1.00 34.16 ? 52  LYS A NZ  1 
ATOM   217  N N   . GLY A 1 35  ? 10.908  -2.389  4.211   1.00 18.60 ? 53  GLY A N   1 
ATOM   218  C CA  . GLY A 1 35  ? 10.887  -2.351  5.653   1.00 20.52 ? 53  GLY A CA  1 
ATOM   219  C C   . GLY A 1 35  ? 11.282  -3.686  6.234   1.00 19.33 ? 53  GLY A C   1 
ATOM   220  O O   . GLY A 1 35  ? 11.681  -4.603  5.514   1.00 19.54 ? 53  GLY A O   1 
ATOM   221  N N   . GLU A 1 36  ? 11.187  -3.773  7.559   1.00 19.07 ? 54  GLU A N   1 
ATOM   222  C CA  . GLU A 1 36  ? 11.396  -5.012  8.291   1.00 23.09 ? 54  GLU A CA  1 
ATOM   223  C C   . GLU A 1 36  ? 10.180  -5.244  9.170   1.00 18.56 ? 54  GLU A C   1 
ATOM   224  O O   . GLU A 1 36  ? 9.763   -4.347  9.911   1.00 22.31 ? 54  GLU A O   1 
ATOM   225  C CB  . GLU A 1 36  ? 12.655  -4.979  9.168   1.00 26.86 ? 54  GLU A CB  1 
ATOM   226  C CG  . GLU A 1 36  ? 13.259  -6.357  9.411   1.00 31.33 ? 54  GLU A CG  1 
ATOM   227  C CD  . GLU A 1 36  ? 14.571  -6.296  10.177  1.00 39.70 ? 54  GLU A CD  1 
ATOM   228  O OE1 . GLU A 1 36  ? 15.548  -6.952  9.748   1.00 40.52 ? 54  GLU A OE1 1 
ATOM   229  O OE2 . GLU A 1 36  ? 14.608  -5.613  11.225  1.00 41.21 ? 54  GLU A OE2 1 
ATOM   230  N N   . VAL A 1 37  ? 9.580   -6.423  9.059   1.00 21.33 ? 55  VAL A N   1 
ATOM   231  C CA  . VAL A 1 37  ? 8.437   -6.718  9.906   1.00 17.93 ? 55  VAL A CA  1 
ATOM   232  C C   . VAL A 1 37  ? 8.931   -6.927  11.329  1.00 18.94 ? 55  VAL A C   1 
ATOM   233  O O   . VAL A 1 37  ? 9.955   -7.585  11.552  1.00 22.06 ? 55  VAL A O   1 
ATOM   234  C CB  . VAL A 1 37  ? 7.689   -7.955  9.381   1.00 20.95 ? 55  VAL A CB  1 
ATOM   235  C CG1 . VAL A 1 37  ? 6.564   -8.318  10.297  1.00 17.98 ? 55  VAL A CG1 1 
ATOM   236  C CG2 . VAL A 1 37  ? 7.160   -7.691  7.991   1.00 20.00 ? 55  VAL A CG2 1 
ATOM   237  N N   . ASN A 1 38  ? 8.220   -6.355  12.295  1.00 18.42 ? 56  ASN A N   1 
ATOM   238  C CA  . ASN A 1 38  ? 8.591   -6.551  13.691  1.00 24.68 ? 56  ASN A CA  1 
ATOM   239  C C   . ASN A 1 38  ? 8.589   -8.036  14.043  1.00 28.00 ? 56  ASN A C   1 
ATOM   240  O O   . ASN A 1 38  ? 7.814   -8.827  13.501  1.00 20.36 ? 56  ASN A O   1 
ATOM   241  C CB  . ASN A 1 38  ? 7.633   -5.798  14.619  1.00 21.18 ? 56  ASN A CB  1 
ATOM   242  C CG  . ASN A 1 38  ? 7.766   -4.276  14.508  1.00 22.29 ? 56  ASN A CG  1 
ATOM   243  O OD1 . ASN A 1 38  ? 8.694   -3.762  13.887  1.00 25.26 ? 56  ASN A OD1 1 
ATOM   244  N ND2 . ASN A 1 38  ? 6.850   -3.554  15.148  1.00 23.92 ? 56  ASN A ND2 1 
ATOM   245  N N   . ALA A 1 39  ? 9.482   -8.408  14.963  1.00 26.67 ? 57  ALA A N   1 
ATOM   246  C CA  . ALA A 1 39  ? 9.566   -9.796  15.403  1.00 27.68 ? 57  ALA A CA  1 
ATOM   247  C C   . ALA A 1 39  ? 8.263   -10.271 16.027  1.00 23.65 ? 57  ALA A C   1 
ATOM   248  O O   . ALA A 1 39  ? 7.915   -11.452 15.908  1.00 26.94 ? 57  ALA A O   1 
ATOM   249  C CB  . ALA A 1 39  ? 10.717  -9.957  16.397  1.00 32.45 ? 57  ALA A CB  1 
ATOM   250  N N   . ASN A 1 40  ? 7.529   -9.374  16.690  1.00 25.20 ? 58  ASN A N   1 
ATOM   251  C CA  . ASN A 1 40  ? 6.254   -9.690  17.323  1.00 25.89 ? 58  ASN A CA  1 
ATOM   252  C C   . ASN A 1 40  ? 5.074   -9.073  16.578  1.00 24.42 ? 58  ASN A C   1 
ATOM   253  O O   . ASN A 1 40  ? 4.025   -8.802  17.167  1.00 24.84 ? 58  ASN A O   1 
ATOM   254  C CB  . ASN A 1 40  ? 6.241   -9.235  18.787  1.00 28.27 ? 58  ASN A CB  1 
ATOM   255  C CG  . ASN A 1 40  ? 6.758   -7.804  18.981  1.00 33.98 ? 58  ASN A CG  1 
ATOM   256  O OD1 . ASN A 1 40  ? 7.168   -7.124  18.030  1.00 28.40 ? 58  ASN A OD1 1 
ATOM   257  N ND2 . ASN A 1 40  ? 6.719   -7.335  20.227  1.00 35.09 ? 58  ASN A ND2 1 
ATOM   258  N N   . ALA A 1 41  ? 5.231   -8.844  15.277  1.00 20.46 ? 59  ALA A N   1 
ATOM   259  C CA  . ALA A 1 41  ? 4.214   -8.119  14.521  1.00 22.48 ? 59  ALA A CA  1 
ATOM   260  C C   . ALA A 1 41  ? 2.878   -8.849  14.479  1.00 21.52 ? 59  ALA A C   1 
ATOM   261  O O   . ALA A 1 41  ? 2.822   -10.080 14.388  1.00 21.02 ? 59  ALA A O   1 
ATOM   262  C CB  . ALA A 1 41  ? 4.690   -7.901  13.094  1.00 18.28 ? 59  ALA A CB  1 
ATOM   263  N N   . LYS A 1 42  ? 1.800   -8.066  14.520  1.00 22.16 ? 60  LYS A N   1 
ATOM   264  C CA  . LYS A 1 42  ? 0.454   -8.537  14.211  1.00 21.17 ? 60  LYS A CA  1 
ATOM   265  C C   . LYS A 1 42  ? -0.061  -8.040  12.870  1.00 19.62 ? 60  LYS A C   1 
ATOM   266  O O   . LYS A 1 42  ? -0.668  -8.818  12.127  1.00 18.50 ? 60  LYS A O   1 
ATOM   267  C CB  . LYS A 1 42  ? -0.544  -8.115  15.300  1.00 25.50 ? 60  LYS A CB  1 
ATOM   268  C CG  . LYS A 1 42  ? 0.068   -8.014  16.686  1.00 31.97 ? 60  LYS A CG  1 
ATOM   269  C CD  . LYS A 1 42  ? -0.001  -9.348  17.386  1.00 35.39 ? 60  LYS A CD  1 
ATOM   270  C CE  . LYS A 1 42  ? 0.351   -9.228  18.869  1.00 40.07 ? 60  LYS A CE  1 
ATOM   271  N NZ  . LYS A 1 42  ? 1.778   -9.574  19.150  1.00 39.53 ? 60  LYS A NZ  1 
ATOM   272  N N   . SER A 1 43  ? 0.164   -6.767  12.536  1.00 20.56 ? 61  SER A N   1 
ATOM   273  C CA  . SER A 1 43  ? -0.518  -6.152  11.404  1.00 17.41 ? 61  SER A CA  1 
ATOM   274  C C   . SER A 1 43  ? 0.245   -4.906  10.982  1.00 17.24 ? 61  SER A C   1 
ATOM   275  O O   . SER A 1 43  ? 0.864   -4.243  11.809  1.00 20.59 ? 61  SER A O   1 
ATOM   276  C CB  . SER A 1 43  ? -1.957  -5.780  11.797  1.00 22.15 ? 61  SER A CB  1 
ATOM   277  O OG  . SER A 1 43  ? -2.683  -5.170  10.751  1.00 23.67 ? 61  SER A OG  1 
ATOM   278  N N   . PHE A 1 44  ? 0.219   -4.605  9.684   1.00 17.41 ? 62  PHE A N   1 
ATOM   279  C CA  . PHE A 1 44  ? 0.566   -3.256  9.266   1.00 18.00 ? 62  PHE A CA  1 
ATOM   280  C C   . PHE A 1 44  ? -0.260  -2.887  8.049   1.00 16.49 ? 62  PHE A C   1 
ATOM   281  O O   . PHE A 1 44  ? -0.952  -3.722  7.465   1.00 16.22 ? 62  PHE A O   1 
ATOM   282  C CB  . PHE A 1 44  ? 2.076   -3.084  9.033   1.00 17.65 ? 62  PHE A CB  1 
ATOM   283  C CG  . PHE A 1 44  ? 2.625   -3.754  7.805   1.00 18.58 ? 62  PHE A CG  1 
ATOM   284  C CD1 . PHE A 1 44  ? 2.994   -5.098  7.819   1.00 16.42 ? 62  PHE A CD1 1 
ATOM   285  C CD2 . PHE A 1 44  ? 2.855   -3.008  6.650   1.00 16.54 ? 62  PHE A CD2 1 
ATOM   286  C CE1 . PHE A 1 44  ? 3.550   -5.701  6.683   1.00 17.01 ? 62  PHE A CE1 1 
ATOM   287  C CE2 . PHE A 1 44  ? 3.421   -3.601  5.520   1.00 15.36 ? 62  PHE A CE2 1 
ATOM   288  C CZ  . PHE A 1 44  ? 3.763   -4.954  5.541   1.00 16.73 ? 62  PHE A CZ  1 
ATOM   289  N N   . ASN A 1 45  ? -0.234  -1.592  7.723   1.00 16.20 ? 63  ASN A N   1 
ATOM   290  C CA  . ASN A 1 45  ? -1.089  -1.020  6.691   1.00 18.03 ? 63  ASN A CA  1 
ATOM   291  C C   . ASN A 1 45  ? -0.284  -0.101  5.785   1.00 18.81 ? 63  ASN A C   1 
ATOM   292  O O   . ASN A 1 45  ? 0.604   0.623   6.243   1.00 18.74 ? 63  ASN A O   1 
ATOM   293  C CB  . ASN A 1 45  ? -2.256  -0.243  7.305   1.00 19.86 ? 63  ASN A CB  1 
ATOM   294  C CG  . ASN A 1 45  ? -3.112  -1.108  8.241   1.00 23.23 ? 63  ASN A CG  1 
ATOM   295  O OD1 . ASN A 1 45  ? -4.041  -1.781  7.800   1.00 23.48 ? 63  ASN A OD1 1 
ATOM   296  N ND2 . ASN A 1 45  ? -2.787  -1.094  9.528   1.00 27.57 ? 63  ASN A ND2 1 
ATOM   297  N N   . VAL A 1 46  ? -0.597  -0.159  4.491   1.00 16.16 ? 64  VAL A N   1 
ATOM   298  C CA  . VAL A 1 46  ? -0.102  0.780   3.483   1.00 14.39 ? 64  VAL A CA  1 
ATOM   299  C C   . VAL A 1 46  ? -1.324  1.268   2.716   1.00 19.24 ? 64  VAL A C   1 
ATOM   300  O O   . VAL A 1 46  ? -2.045  0.457   2.121   1.00 17.17 ? 64  VAL A O   1 
ATOM   301  C CB  . VAL A 1 46  ? 0.909   0.126   2.524   1.00 14.71 ? 64  VAL A CB  1 
ATOM   302  C CG1 . VAL A 1 46  ? 1.287   1.084   1.393   1.00 17.94 ? 64  VAL A CG1 1 
ATOM   303  C CG2 . VAL A 1 46  ? 2.152   -0.330  3.268   1.00 16.60 ? 64  VAL A CG2 1 
ATOM   304  N N   . ASP A 1 47  ? -1.569  2.577   2.735   1.00 19.57 ? 65  ASP A N   1 
ATOM   305  C CA  . ASP A 1 47  ? -2.736  3.149   2.078   1.00 18.68 ? 65  ASP A CA  1 
ATOM   306  C C   . ASP A 1 47  ? -2.327  4.203   1.063   1.00 15.93 ? 65  ASP A C   1 
ATOM   307  O O   . ASP A 1 47  ? -1.429  5.008   1.319   1.00 18.37 ? 65  ASP A O   1 
ATOM   308  C CB  . ASP A 1 47  ? -3.716  3.797   3.070   1.00 18.74 ? 65  ASP A CB  1 
ATOM   309  C CG  . ASP A 1 47  ? -4.234  2.825   4.120   1.00 27.02 ? 65  ASP A CG  1 
ATOM   310  O OD1 . ASP A 1 47  ? -4.508  1.665   3.749   1.00 23.65 ? 65  ASP A OD1 1 
ATOM   311  O OD2 . ASP A 1 47  ? -4.448  3.239   5.292   1.00 31.14 ? 65  ASP A OD2 1 
ATOM   312  N N   . LEU A 1 48  ? -3.006  4.186   -0.083  1.00 16.93 ? 66  LEU A N   1 
ATOM   313  C CA  . LEU A 1 48  ? -2.935  5.266   -1.060  1.00 17.80 ? 66  LEU A CA  1 
ATOM   314  C C   . LEU A 1 48  ? -4.256  6.025   -1.051  1.00 18.08 ? 66  LEU A C   1 
ATOM   315  O O   . LEU A 1 48  ? -5.326  5.427   -1.219  1.00 19.03 ? 66  LEU A O   1 
ATOM   316  C CB  . LEU A 1 48  ? -2.641  4.714   -2.452  1.00 15.15 ? 66  LEU A CB  1 
ATOM   317  C CG  . LEU A 1 48  ? -1.232  4.175   -2.675  1.00 15.34 ? 66  LEU A CG  1 
ATOM   318  C CD1 . LEU A 1 48  ? -1.212  3.425   -4.010  1.00 19.06 ? 66  LEU A CD1 1 
ATOM   319  C CD2 . LEU A 1 48  ? -0.219  5.332   -2.671  1.00 19.17 ? 66  LEU A CD2 1 
ATOM   320  N N   . LEU A 1 49  ? -4.173  7.347   -0.869  1.00 20.33 ? 67  LEU A N   1 
ATOM   321  C CA  . LEU A 1 49  ? -5.325  8.170   -0.539  1.00 20.42 ? 67  LEU A CA  1 
ATOM   322  C C   . LEU A 1 49  ? -5.447  9.322   -1.523  1.00 20.03 ? 67  LEU A C   1 
ATOM   323  O O   . LEU A 1 49  ? -4.461  9.760   -2.120  1.00 19.01 ? 67  LEU A O   1 
ATOM   324  C CB  . LEU A 1 49  ? -5.220  8.759   0.887   1.00 24.06 ? 67  LEU A CB  1 
ATOM   325  C CG  . LEU A 1 49  ? -5.186  7.846   2.112   1.00 28.04 ? 67  LEU A CG  1 
ATOM   326  C CD1 . LEU A 1 49  ? -3.764  7.465   2.435   1.00 28.34 ? 67  LEU A CD1 1 
ATOM   327  C CD2 . LEU A 1 49  ? -5.831  8.540   3.298   1.00 29.39 ? 67  LEU A CD2 1 
ATOM   328  N N   . ALA A 1 50  ? -6.673  9.796   -1.698  1.00 20.96 ? 68  ALA A N   1 
ATOM   329  C CA  . ALA A 1 50  ? -6.915  11.078  -2.351  1.00 22.49 ? 68  ALA A CA  1 
ATOM   330  C C   . ALA A 1 50  ? -6.947  12.131  -1.251  1.00 29.52 ? 68  ALA A C   1 
ATOM   331  O O   . ALA A 1 50  ? -7.898  12.188  -0.471  1.00 30.88 ? 68  ALA A O   1 
ATOM   332  C CB  . ALA A 1 50  ? -8.210  11.051  -3.156  1.00 26.13 ? 68  ALA A CB  1 
ATOM   333  N N   . GLY A 1 51  ? -5.890  12.945  -1.175  1.00 30.34 ? 69  GLY A N   1 
ATOM   334  C CA  . GLY A 1 51  ? -5.720  13.824  -0.027  1.00 33.51 ? 69  GLY A CA  1 
ATOM   335  C C   . GLY A 1 51  ? -6.893  14.762  0.194   1.00 41.17 ? 69  GLY A C   1 
ATOM   336  O O   . GLY A 1 51  ? -7.255  15.060  1.335   1.00 46.17 ? 69  GLY A O   1 
ATOM   337  N N   . LYS A 1 52  ? -7.508  15.231  -0.891  1.00 36.35 ? 70  LYS A N   1 
ATOM   338  C CA  . LYS A 1 52  ? -8.661  16.119  -0.797  1.00 44.13 ? 70  LYS A CA  1 
ATOM   339  C C   . LYS A 1 52  ? -9.833  15.426  -0.113  1.00 41.41 ? 70  LYS A C   1 
ATOM   340  O O   . LYS A 1 52  ? -10.157 15.730  1.040   1.00 49.13 ? 70  LYS A O   1 
ATOM   341  C CB  . LYS A 1 52  ? -9.074  16.603  -2.191  1.00 42.85 ? 70  LYS A CB  1 
ATOM   342  C CG  . LYS A 1 52  ? -8.244  17.759  -2.749  1.00 52.36 ? 70  LYS A CG  1 
ATOM   343  C CD  . LYS A 1 52  ? -7.659  18.628  -1.638  1.00 55.77 ? 70  LYS A CD  1 
ATOM   344  C CE  . LYS A 1 52  ? -8.629  19.748  -1.254  1.00 58.84 ? 70  LYS A CE  1 
ATOM   345  N NZ  . LYS A 1 52  ? -7.951  20.918  -0.627  1.00 64.33 ? 70  LYS A NZ  1 
ATOM   346  N N   . SER A 1 53  ? -10.461 14.483  -0.816  1.00 38.57 ? 71  SER A N   1 
ATOM   347  C CA  . SER A 1 53  ? -11.665 13.823  -0.327  1.00 39.08 ? 71  SER A CA  1 
ATOM   348  C C   . SER A 1 53  ? -11.401 12.865  0.825   1.00 38.32 ? 71  SER A C   1 
ATOM   349  O O   . SER A 1 53  ? -12.358 12.453  1.489   1.00 38.47 ? 71  SER A O   1 
ATOM   350  C CB  . SER A 1 53  ? -12.343 13.076  -1.475  1.00 40.74 ? 71  SER A CB  1 
ATOM   351  O OG  . SER A 1 53  ? -11.400 12.315  -2.211  1.00 42.70 ? 71  SER A OG  1 
ATOM   352  N N   . LYS A 1 54  ? -10.139 12.516  1.081   1.00 40.19 ? 72  LYS A N   1 
ATOM   353  C CA  . LYS A 1 54  ? -9.718  11.530  2.071   1.00 36.72 ? 72  LYS A CA  1 
ATOM   354  C C   . LYS A 1 54  ? -10.184 10.116  1.735   1.00 30.90 ? 72  LYS A C   1 
ATOM   355  O O   . LYS A 1 54  ? -10.028 9.209   2.561   1.00 34.08 ? 72  LYS A O   1 
ATOM   356  C CB  . LYS A 1 54  ? -10.168 11.909  3.487   1.00 40.54 ? 72  LYS A CB  1 
ATOM   357  C CG  . LYS A 1 54  ? -9.387  13.069  4.087   1.00 46.62 ? 72  LYS A CG  1 
ATOM   358  C CD  . LYS A 1 54  ? -9.710  13.245  5.560   1.00 49.71 ? 72  LYS A CD  1 
ATOM   359  C CE  . LYS A 1 54  ? -8.444  13.278  6.400   1.00 55.04 ? 72  LYS A CE  1 
ATOM   360  N NZ  . LYS A 1 54  ? -8.662  12.698  7.753   1.00 57.69 ? 72  LYS A NZ  1 
ATOM   361  N N   . ASP A 1 55  ? -10.758 9.910   0.547   1.00 35.07 ? 73  ASP A N   1 
ATOM   362  C CA  . ASP A 1 55  ? -11.008 8.568   0.043   1.00 29.05 ? 73  ASP A CA  1 
ATOM   363  C C   . ASP A 1 55  ? -9.716  7.759   0.048   1.00 27.28 ? 73  ASP A C   1 
ATOM   364  O O   . ASP A 1 55  ? -8.635  8.284   -0.241  1.00 27.79 ? 73  ASP A O   1 
ATOM   365  C CB  . ASP A 1 55  ? -11.556 8.620   -1.387  1.00 26.73 ? 73  ASP A CB  1 
ATOM   366  C CG  . ASP A 1 55  ? -13.024 9.017   -1.469  1.00 35.51 ? 73  ASP A CG  1 
ATOM   367  O OD1 . ASP A 1 55  ? -13.748 9.004   -0.447  1.00 32.22 ? 73  ASP A OD1 1 
ATOM   368  O OD2 . ASP A 1 55  ? -13.454 9.348   -2.594  1.00 36.19 ? 73  ASP A OD2 1 
ATOM   369  N N   . ILE A 1 56  ? -9.829  6.473   0.354   1.00 22.42 ? 74  ILE A N   1 
ATOM   370  C CA  . ILE A 1 56  ? -8.687  5.565   0.315   1.00 20.56 ? 74  ILE A CA  1 
ATOM   371  C C   . ILE A 1 56  ? -8.876  4.691   -0.912  1.00 20.17 ? 74  ILE A C   1 
ATOM   372  O O   . ILE A 1 56  ? -9.753  3.820   -0.949  1.00 20.66 ? 74  ILE A O   1 
ATOM   373  C CB  . ILE A 1 56  ? -8.552  4.737   1.601   1.00 21.74 ? 74  ILE A CB  1 
ATOM   374  C CG1 . ILE A 1 56  ? -8.329  5.659   2.805   1.00 22.63 ? 74  ILE A CG1 1 
ATOM   375  C CG2 . ILE A 1 56  ? -7.369  3.766   1.484   1.00 20.23 ? 74  ILE A CG2 1 
ATOM   376  C CD1 . ILE A 1 56  ? -8.490  4.968   4.134   1.00 24.41 ? 74  ILE A CD1 1 
ATOM   377  N N   . ALA A 1 57  ? -8.073  4.938   -1.951  1.00 15.24 ? 75  ALA A N   1 
ATOM   378  C CA  . ALA A 1 57  ? -8.237  4.180   -3.183  1.00 17.09 ? 75  ALA A CA  1 
ATOM   379  C C   . ALA A 1 57  ? -7.759  2.753   -3.016  1.00 14.56 ? 75  ALA A C   1 
ATOM   380  O O   . ALA A 1 57  ? -8.311  1.828   -3.619  1.00 18.18 ? 75  ALA A O   1 
ATOM   381  C CB  . ALA A 1 57  ? -7.458  4.848   -4.318  1.00 16.88 ? 75  ALA A CB  1 
ATOM   382  N N   . LEU A 1 58  ? -6.702  2.565   -2.236  1.00 17.28 ? 76  LEU A N   1 
ATOM   383  C CA  . LEU A 1 58  ? -6.104  1.251   -2.051  1.00 14.06 ? 76  LEU A CA  1 
ATOM   384  C C   . LEU A 1 58  ? -5.617  1.143   -0.623  1.00 15.25 ? 76  LEU A C   1 
ATOM   385  O O   . LEU A 1 58  ? -4.692  1.853   -0.218  1.00 15.81 ? 76  LEU A O   1 
ATOM   386  C CB  . LEU A 1 58  ? -4.943  1.027   -3.027  1.00 14.00 ? 76  LEU A CB  1 
ATOM   387  C CG  . LEU A 1 58  ? -4.297  -0.369  -2.957  1.00 15.85 ? 76  LEU A CG  1 
ATOM   388  C CD1 . LEU A 1 58  ? -5.265  -1.454  -3.368  1.00 18.73 ? 76  LEU A CD1 1 
ATOM   389  C CD2 . LEU A 1 58  ? -3.014  -0.447  -3.775  1.00 17.62 ? 76  LEU A CD2 1 
ATOM   390  N N   . HIS A 1 59  ? -6.226  0.230   0.126   1.00 14.23 ? 77  HIS A N   1 
ATOM   391  C CA  . HIS A 1 59  ? -5.823  -0.113  1.477   1.00 16.61 ? 77  HIS A CA  1 
ATOM   392  C C   . HIS A 1 59  ? -5.217  -1.512  1.444   1.00 14.36 ? 77  HIS A C   1 
ATOM   393  O O   . HIS A 1 59  ? -5.880  -2.464  1.028   1.00 15.35 ? 77  HIS A O   1 
ATOM   394  C CB  . HIS A 1 59  ? -7.045  -0.045  2.387   1.00 13.91 ? 77  HIS A CB  1 
ATOM   395  C CG  . HIS A 1 59  ? -6.855  -0.654  3.742   1.00 16.35 ? 77  HIS A CG  1 
ATOM   396  N ND1 . HIS A 1 59  ? -6.032  -0.108  4.703   1.00 17.89 ? 77  HIS A ND1 1 
ATOM   397  C CD2 . HIS A 1 59  ? -7.413  -1.753  4.300   1.00 18.77 ? 77  HIS A CD2 1 
ATOM   398  C CE1 . HIS A 1 59  ? -6.088  -0.849  5.797   1.00 23.22 ? 77  HIS A CE1 1 
ATOM   399  N NE2 . HIS A 1 59  ? -6.913  -1.858  5.576   1.00 18.77 ? 77  HIS A NE2 1 
ATOM   400  N N   . LEU A 1 60  ? -3.955  -1.627  1.847   1.00 14.37 ? 78  LEU A N   1 
ATOM   401  C CA  . LEU A 1 60  ? -3.243  -2.904  1.886   1.00 12.96 ? 78  LEU A CA  1 
ATOM   402  C C   . LEU A 1 60  ? -2.935  -3.230  3.341   1.00 14.54 ? 78  LEU A C   1 
ATOM   403  O O   . LEU A 1 60  ? -2.288  -2.435  4.029   1.00 15.97 ? 78  LEU A O   1 
ATOM   404  C CB  . LEU A 1 60  ? -1.950  -2.842  1.083   1.00 14.59 ? 78  LEU A CB  1 
ATOM   405  C CG  . LEU A 1 60  ? -2.110  -2.472  -0.390  1.00 15.25 ? 78  LEU A CG  1 
ATOM   406  C CD1 . LEU A 1 60  ? -0.730  -2.334  -1.010  1.00 14.67 ? 78  LEU A CD1 1 
ATOM   407  C CD2 . LEU A 1 60  ? -2.924  -3.531  -1.121  1.00 14.86 ? 78  LEU A CD2 1 
ATOM   408  N N   . ASN A 1 61  ? -3.355  -4.408  3.805   1.00 15.04 ? 79  ASN A N   1 
ATOM   409  C CA  . ASN A 1 61  ? -3.212  -4.779  5.213   1.00 14.55 ? 79  ASN A CA  1 
ATOM   410  C C   . ASN A 1 61  ? -2.707  -6.213  5.349   1.00 13.53 ? 79  ASN A C   1 
ATOM   411  O O   . ASN A 1 61  ? -3.500  -7.164  5.449   1.00 14.13 ? 79  ASN A O   1 
ATOM   412  C CB  . ASN A 1 61  ? -4.541  -4.577  5.942   1.00 13.55 ? 79  ASN A CB  1 
ATOM   413  C CG  . ASN A 1 61  ? -4.551  -5.097  7.373   1.00 17.19 ? 79  ASN A CG  1 
ATOM   414  O OD1 . ASN A 1 61  ? -5.617  -5.478  7.847   1.00 20.81 ? 79  ASN A OD1 1 
ATOM   415  N ND2 . ASN A 1 61  ? -3.410  -5.107  8.054   1.00 18.00 ? 79  ASN A ND2 1 
ATOM   416  N N   . PRO A 1 62  ? -1.386  -6.405  5.384   1.00 13.80 ? 80  PRO A N   1 
ATOM   417  C CA  . PRO A 1 62  ? -0.850  -7.727  5.760   1.00 14.36 ? 80  PRO A CA  1 
ATOM   418  C C   . PRO A 1 62  ? -1.082  -7.998  7.241   1.00 16.71 ? 80  PRO A C   1 
ATOM   419  O O   . PRO A 1 62  ? -0.731  -7.191  8.106   1.00 17.02 ? 80  PRO A O   1 
ATOM   420  C CB  . PRO A 1 62  ? 0.647   -7.620  5.429   1.00 15.18 ? 80  PRO A CB  1 
ATOM   421  C CG  . PRO A 1 62  ? 0.751   -6.418  4.463   1.00 13.32 ? 80  PRO A CG  1 
ATOM   422  C CD  . PRO A 1 62  ? -0.317  -5.476  4.960   1.00 14.39 ? 80  PRO A CD  1 
ATOM   423  N N   . ARG A 1 63  ? -1.700  -9.137  7.524   1.00 15.51 ? 81  ARG A N   1 
ATOM   424  C CA  . ARG A 1 63  ? -2.049  -9.532  8.881   1.00 15.57 ? 81  ARG A CA  1 
ATOM   425  C C   . ARG A 1 63  ? -1.122  -10.690 9.232   1.00 16.67 ? 81  ARG A C   1 
ATOM   426  O O   . ARG A 1 63  ? -1.337  -11.822 8.793   1.00 15.47 ? 81  ARG A O   1 
ATOM   427  C CB  . ARG A 1 63  ? -3.519  -9.915  8.927   1.00 13.94 ? 81  ARG A CB  1 
ATOM   428  C CG  . ARG A 1 63  ? -4.482  -8.718  9.060   1.00 23.60 ? 81  ARG A CG  1 
ATOM   429  C CD  . ARG A 1 63  ? -5.855  -9.180  9.613   1.00 24.16 ? 81  ARG A CD  1 
ATOM   430  N NE  . ARG A 1 63  ? -6.970  -8.347  9.182   1.00 35.92 ? 81  ARG A NE  1 
ATOM   431  C CZ  . ARG A 1 63  ? -7.271  -7.175  9.728   1.00 37.05 ? 81  ARG A CZ  1 
ATOM   432  N NH1 . ARG A 1 63  ? -6.534  -6.654  10.703  1.00 32.83 ? 81  ARG A NH1 1 
ATOM   433  N NH2 . ARG A 1 63  ? -8.337  -6.507  9.286   1.00 33.54 ? 81  ARG A NH2 1 
ATOM   434  N N   . LEU A 1 64  ? -0.057  -10.387 9.977   1.00 17.23 ? 82  LEU A N   1 
ATOM   435  C CA  . LEU A 1 64  ? 0.922   -11.405 10.353  1.00 15.27 ? 82  LEU A CA  1 
ATOM   436  C C   . LEU A 1 64  ? 0.331   -12.446 11.289  1.00 17.58 ? 82  LEU A C   1 
ATOM   437  O O   . LEU A 1 64  ? 0.740   -13.615 11.255  1.00 18.02 ? 82  LEU A O   1 
ATOM   438  C CB  . LEU A 1 64  ? 2.135   -10.763 11.034  1.00 16.78 ? 82  LEU A CB  1 
ATOM   439  C CG  . LEU A 1 64  ? 3.161   -10.001 10.191  1.00 18.34 ? 82  LEU A CG  1 
ATOM   440  C CD1 . LEU A 1 64  ? 3.558   -10.809 8.964   1.00 18.21 ? 82  LEU A CD1 1 
ATOM   441  C CD2 . LEU A 1 64  ? 2.600   -8.647  9.817   1.00 19.21 ? 82  LEU A CD2 1 
ATOM   442  N N   . ASN A 1 65  ? -0.608  -12.037 12.140  1.00 17.27 ? 83  ASN A N   1 
ATOM   443  C CA  . ASN A 1 65  ? -1.126  -12.947 13.156  1.00 18.24 ? 83  ASN A CA  1 
ATOM   444  C C   . ASN A 1 65  ? -1.926  -14.084 12.546  1.00 19.68 ? 83  ASN A C   1 
ATOM   445  O O   . ASN A 1 65  ? -1.935  -15.190 13.098  1.00 21.94 ? 83  ASN A O   1 
ATOM   446  C CB  . ASN A 1 65  ? -1.975  -12.192 14.175  1.00 18.26 ? 83  ASN A CB  1 
ATOM   447  C CG  . ASN A 1 65  ? -3.165  -11.502 13.558  1.00 20.79 ? 83  ASN A CG  1 
ATOM   448  O OD1 . ASN A 1 65  ? -3.078  -10.968 12.449  1.00 20.44 ? 83  ASN A OD1 1 
ATOM   449  N ND2 . ASN A 1 65  ? -4.290  -11.484 14.283  1.00 17.05 ? 83  ASN A ND2 1 
ATOM   450  N N   . ILE A 1 66  ? -2.614  -13.845 11.432  1.00 17.94 ? 84  ILE A N   1 
ATOM   451  C CA  . ILE A 1 66  ? -3.380  -14.892 10.771  1.00 16.54 ? 84  ILE A CA  1 
ATOM   452  C C   . ILE A 1 66  ? -2.841  -15.233 9.392   1.00 15.88 ? 84  ILE A C   1 
ATOM   453  O O   . ILE A 1 66  ? -3.377  -16.128 8.745   1.00 18.01 ? 84  ILE A O   1 
ATOM   454  C CB  . ILE A 1 66  ? -4.878  -14.539 10.692  1.00 20.01 ? 84  ILE A CB  1 
ATOM   455  C CG1 . ILE A 1 66  ? -5.073  -13.229 9.939   1.00 19.05 ? 84  ILE A CG1 1 
ATOM   456  C CG2 . ILE A 1 66  ? -5.485  -14.470 12.091  1.00 21.35 ? 84  ILE A CG2 1 
ATOM   457  C CD1 . ILE A 1 66  ? -6.508  -12.991 9.524   1.00 19.68 ? 84  ILE A CD1 1 
ATOM   458  N N   . LYS A 1 67  ? -1.774  -14.557 8.935   1.00 15.21 ? 85  LYS A N   1 
ATOM   459  C CA  . LYS A 1 67  ? -1.169  -14.791 7.622   1.00 15.22 ? 85  LYS A CA  1 
ATOM   460  C C   . LYS A 1 67  ? -2.201  -14.601 6.510   1.00 15.99 ? 85  LYS A C   1 
ATOM   461  O O   . LYS A 1 67  ? -2.414  -15.464 5.658   1.00 13.85 ? 85  LYS A O   1 
ATOM   462  C CB  . LYS A 1 67  ? -0.475  -16.158 7.549   1.00 16.81 ? 85  LYS A CB  1 
ATOM   463  C CG  . LYS A 1 67  ? 0.730   -16.260 8.496   1.00 19.44 ? 85  LYS A CG  1 
ATOM   464  C CD  . LYS A 1 67  ? 0.865   -17.640 9.140   1.00 28.10 ? 85  LYS A CD  1 
ATOM   465  C CE  . LYS A 1 67  ? -0.106  -17.782 10.325  1.00 29.67 ? 85  LYS A CE  1 
ATOM   466  N NZ  . LYS A 1 67  ? -0.517  -19.196 10.590  1.00 30.02 ? 85  LYS A NZ  1 
ATOM   467  N N   . ALA A 1 68  ? -2.843  -13.432 6.537   1.00 13.47 ? 86  ALA A N   1 
ATOM   468  C CA  . ALA A 1 68  ? -3.808  -12.999 5.541   1.00 14.23 ? 86  ALA A CA  1 
ATOM   469  C C   . ALA A 1 68  ? -3.370  -11.638 5.028   1.00 13.03 ? 86  ALA A C   1 
ATOM   470  O O   . ALA A 1 68  ? -2.759  -10.854 5.755   1.00 15.68 ? 86  ALA A O   1 
ATOM   471  C CB  . ALA A 1 68  ? -5.231  -12.879 6.129   1.00 15.30 ? 86  ALA A CB  1 
ATOM   472  N N   . PHE A 1 69  ? -3.649  -11.386 3.758   1.00 12.78 ? 87  PHE A N   1 
ATOM   473  C CA  . PHE A 1 69  ? -3.298  -10.131 3.096   1.00 15.75 ? 87  PHE A CA  1 
ATOM   474  C C   . PHE A 1 69  ? -4.598  -9.546  2.557   1.00 14.83 ? 87  PHE A C   1 
ATOM   475  O O   . PHE A 1 69  ? -5.077  -9.957  1.506   1.00 15.68 ? 87  PHE A O   1 
ATOM   476  C CB  . PHE A 1 69  ? -2.291  -10.402 1.985   1.00 13.39 ? 87  PHE A CB  1 
ATOM   477  C CG  . PHE A 1 69  ? -1.576  -9.185  1.465   1.00 15.37 ? 87  PHE A CG  1 
ATOM   478  C CD1 . PHE A 1 69  ? -1.978  -7.890  1.778   1.00 17.07 ? 87  PHE A CD1 1 
ATOM   479  C CD2 . PHE A 1 69  ? -0.536  -9.356  0.572   1.00 17.16 ? 87  PHE A CD2 1 
ATOM   480  C CE1 . PHE A 1 69  ? -1.307  -6.780  1.215   1.00 17.32 ? 87  PHE A CE1 1 
ATOM   481  C CE2 . PHE A 1 69  ? 0.147   -8.266  0.027   1.00 15.37 ? 87  PHE A CE2 1 
ATOM   482  C CZ  . PHE A 1 69  ? -0.234  -6.991  0.350   1.00 17.65 ? 87  PHE A CZ  1 
ATOM   483  N N   . VAL A 1 70  ? -5.143  -8.582  3.268   1.00 14.61 ? 88  VAL A N   1 
ATOM   484  C CA  . VAL A 1 70  ? -6.468  -8.022  3.022   1.00 17.72 ? 88  VAL A CA  1 
ATOM   485  C C   . VAL A 1 70  ? -6.365  -6.691  2.278   1.00 15.93 ? 88  VAL A C   1 
ATOM   486  O O   . VAL A 1 70  ? -5.455  -5.901  2.536   1.00 17.49 ? 88  VAL A O   1 
ATOM   487  C CB  . VAL A 1 70  ? -7.167  -7.874  4.385   1.00 20.39 ? 88  VAL A CB  1 
ATOM   488  C CG1 . VAL A 1 70  ? -8.276  -6.927  4.312   1.00 30.04 ? 88  VAL A CG1 1 
ATOM   489  C CG2 . VAL A 1 70  ? -7.632  -9.264  4.835   1.00 24.20 ? 88  VAL A CG2 1 
ATOM   490  N N   . ARG A 1 71  ? -7.299  -6.438  1.350   1.00 16.21 ? 89  ARG A N   1 
ATOM   491  C CA  . ARG A 1 71  ? -7.302  -5.217  0.546   1.00 15.54 ? 89  ARG A CA  1 
ATOM   492  C C   . ARG A 1 71  ? -8.716  -4.656  0.434   1.00 15.96 ? 89  ARG A C   1 
ATOM   493  O O   . ARG A 1 71  ? -9.683  -5.407  0.348   1.00 17.49 ? 89  ARG A O   1 
ATOM   494  C CB  . ARG A 1 71  ? -6.764  -5.473  -0.878  1.00 15.57 ? 89  ARG A CB  1 
ATOM   495  C CG  . ARG A 1 71  ? -5.416  -6.175  -0.958  1.00 15.54 ? 89  ARG A CG  1 
ATOM   496  C CD  . ARG A 1 71  ? -5.521  -7.714  -0.845  1.00 15.66 ? 89  ARG A CD  1 
ATOM   497  N NE  . ARG A 1 71  ? -6.054  -8.381  -2.031  1.00 14.59 ? 89  ARG A NE  1 
ATOM   498  C CZ  . ARG A 1 71  ? -6.070  -9.701  -2.169  1.00 15.76 ? 89  ARG A CZ  1 
ATOM   499  N NH1 . ARG A 1 71  ? -5.602  -10.494 -1.222  1.00 14.76 ? 89  ARG A NH1 1 
ATOM   500  N NH2 . ARG A 1 71  ? -6.567  -10.239 -3.277  1.00 16.81 ? 89  ARG A NH2 1 
ATOM   501  N N   . ASN A 1 72  ? -8.834  -3.333  0.391   1.00 17.15 ? 90  ASN A N   1 
ATOM   502  C CA  . ASN A 1 72  ? -10.159 -2.711  0.309   1.00 16.10 ? 90  ASN A CA  1 
ATOM   503  C C   . ASN A 1 72  ? -9.986  -1.247  -0.077  1.00 17.94 ? 90  ASN A C   1 
ATOM   504  O O   . ASN A 1 72  ? -8.867  -0.743  -0.197  1.00 16.03 ? 90  ASN A O   1 
ATOM   505  C CB  . ASN A 1 72  ? -10.922 -2.843  1.634   1.00 17.07 ? 90  ASN A CB  1 
ATOM   506  C CG  . ASN A 1 72  ? -12.429 -2.901  1.453   1.00 19.90 ? 90  ASN A CG  1 
ATOM   507  O OD1 . ASN A 1 72  ? -12.970 -2.559  0.409   1.00 20.25 ? 90  ASN A OD1 1 
ATOM   508  N ND2 . ASN A 1 72  ? -13.112 -3.369  2.486   1.00 20.84 ? 90  ASN A ND2 1 
ATOM   509  N N   . SER A 1 73  ? -11.116 -0.571  -0.276  1.00 17.09 ? 91  SER A N   1 
ATOM   510  C CA  . SER A 1 73  ? -11.143 0.844   -0.617  1.00 16.43 ? 91  SER A CA  1 
ATOM   511  C C   . SER A 1 73  ? -12.176 1.514   0.269   1.00 21.15 ? 91  SER A C   1 
ATOM   512  O O   . SER A 1 73  ? -13.197 0.897   0.606   1.00 19.62 ? 91  SER A O   1 
ATOM   513  C CB  . SER A 1 73  ? -11.519 1.065   -2.082  1.00 16.93 ? 91  SER A CB  1 
ATOM   514  O OG  . SER A 1 73  ? -10.515 0.584   -2.968  1.00 19.05 ? 91  SER A OG  1 
ATOM   515  N N   . PHE A 1 74  ? -11.907 2.753   0.660   1.00 21.16 ? 92  PHE A N   1 
ATOM   516  C CA  . PHE A 1 74  ? -12.828 3.549   1.475   1.00 23.14 ? 92  PHE A CA  1 
ATOM   517  C C   . PHE A 1 74  ? -13.292 4.728   0.626   1.00 22.62 ? 92  PHE A C   1 
ATOM   518  O O   . PHE A 1 74  ? -12.563 5.711   0.463   1.00 24.84 ? 92  PHE A O   1 
ATOM   519  C CB  . PHE A 1 74  ? -12.165 4.009   2.768   1.00 21.90 ? 92  PHE A CB  1 
ATOM   520  C CG  . PHE A 1 74  ? -13.090 4.746   3.689   1.00 27.04 ? 92  PHE A CG  1 
ATOM   521  C CD1 . PHE A 1 74  ? -13.999 4.052   4.481   1.00 27.45 ? 92  PHE A CD1 1 
ATOM   522  C CD2 . PHE A 1 74  ? -13.046 6.132   3.769   1.00 28.71 ? 92  PHE A CD2 1 
ATOM   523  C CE1 . PHE A 1 74  ? -14.851 4.734   5.340   1.00 30.87 ? 92  PHE A CE1 1 
ATOM   524  C CE2 . PHE A 1 74  ? -13.895 6.816   4.625   1.00 36.80 ? 92  PHE A CE2 1 
ATOM   525  C CZ  . PHE A 1 74  ? -14.795 6.113   5.411   1.00 36.75 ? 92  PHE A CZ  1 
ATOM   526  N N   . LEU A 1 75  ? -14.502 4.613   0.082   1.00 25.29 ? 93  LEU A N   1 
ATOM   527  C CA  . LEU A 1 75  ? -15.064 5.551   -0.884  1.00 27.64 ? 93  LEU A CA  1 
ATOM   528  C C   . LEU A 1 75  ? -16.478 5.919   -0.476  1.00 30.65 ? 93  LEU A C   1 
ATOM   529  O O   . LEU A 1 75  ? -17.234 5.059   -0.018  1.00 28.45 ? 93  LEU A O   1 
ATOM   530  C CB  . LEU A 1 75  ? -15.098 4.958   -2.293  1.00 27.78 ? 93  LEU A CB  1 
ATOM   531  C CG  . LEU A 1 75  ? -13.870 4.160   -2.738  1.00 29.04 ? 93  LEU A CG  1 
ATOM   532  C CD1 . LEU A 1 75  ? -14.154 3.365   -4.001  1.00 23.41 ? 93  LEU A CD1 1 
ATOM   533  C CD2 . LEU A 1 75  ? -12.699 5.112   -2.950  1.00 25.07 ? 93  LEU A CD2 1 
ATOM   534  N N   . GLN A 1 76  ? -16.848 7.186   -0.688  1.00 30.36 ? 94  GLN A N   1 
ATOM   535  C CA  . GLN A 1 76  ? -18.172 7.669   -0.282  1.00 34.17 ? 94  GLN A CA  1 
ATOM   536  C C   . GLN A 1 76  ? -18.395 7.408   1.206   1.00 36.81 ? 94  GLN A C   1 
ATOM   537  O O   . GLN A 1 76  ? -19.505 7.083   1.636   1.00 41.45 ? 94  GLN A O   1 
ATOM   538  C CB  . GLN A 1 76  ? -19.289 7.025   -1.115  1.00 36.56 ? 94  GLN A CB  1 
ATOM   539  C CG  . GLN A 1 76  ? -19.665 7.744   -2.409  1.00 42.58 ? 94  GLN A CG  1 
ATOM   540  C CD  . GLN A 1 76  ? -20.894 7.124   -3.100  1.00 44.84 ? 94  GLN A CD  1 
ATOM   541  O OE1 . GLN A 1 76  ? -20.796 6.648   -4.236  1.00 47.21 ? 94  GLN A OE1 1 
ATOM   542  N NE2 . GLN A 1 76  ? -22.054 7.148   -2.426  1.00 40.73 ? 94  GLN A NE2 1 
ATOM   543  N N   . GLU A 1 77  ? -17.310 7.494   1.981   1.00 33.55 ? 95  GLU A N   1 
ATOM   544  C CA  . GLU A 1 77  ? -17.324 7.330   3.434   1.00 37.51 ? 95  GLU A CA  1 
ATOM   545  C C   . GLU A 1 77  ? -17.756 5.927   3.872   1.00 37.92 ? 95  GLU A C   1 
ATOM   546  O O   . GLU A 1 77  ? -18.315 5.755   4.954   1.00 36.17 ? 95  GLU A O   1 
ATOM   547  C CB  . GLU A 1 77  ? -18.202 8.395   4.098   1.00 42.52 ? 95  GLU A CB  1 
ATOM   548  C CG  . GLU A 1 77  ? -17.765 9.827   3.804   1.00 45.69 ? 95  GLU A CG  1 
ATOM   549  C CD  . GLU A 1 77  ? -18.318 10.824  4.812   1.00 58.54 ? 95  GLU A CD  1 
ATOM   550  O OE1 . GLU A 1 77  ? -18.985 11.797  4.389   1.00 59.40 ? 95  GLU A OE1 1 
ATOM   551  O OE2 . GLU A 1 77  ? -18.085 10.635  6.025   1.00 59.76 ? 95  GLU A OE2 1 
ATOM   552  N N   . SER A 1 78  ? -17.489 4.900   3.065   1.00 33.69 ? 96  SER A N   1 
ATOM   553  C CA  . SER A 1 78  ? -17.699 3.534   3.532   1.00 29.63 ? 96  SER A CA  1 
ATOM   554  C C   . SER A 1 78  ? -16.696 2.581   2.889   1.00 27.57 ? 96  SER A C   1 
ATOM   555  O O   . SER A 1 78  ? -16.315 2.739   1.721   1.00 26.94 ? 96  SER A O   1 
ATOM   556  C CB  . SER A 1 78  ? -19.125 3.035   3.265   1.00 34.65 ? 96  SER A CB  1 
ATOM   557  O OG  . SER A 1 78  ? -19.547 3.316   1.943   1.00 42.05 ? 96  SER A OG  1 
ATOM   558  N N   . TRP A 1 79  ? -16.290 1.580   3.671   1.00 26.04 ? 97  TRP A N   1 
ATOM   559  C CA  . TRP A 1 79  ? -15.492 0.478   3.152   1.00 24.33 ? 97  TRP A CA  1 
ATOM   560  C C   . TRP A 1 79  ? -16.319 -0.374  2.195   1.00 24.30 ? 97  TRP A C   1 
ATOM   561  O O   . TRP A 1 79  ? -17.534 -0.524  2.346   1.00 24.27 ? 97  TRP A O   1 
ATOM   562  C CB  . TRP A 1 79  ? -14.961 -0.387  4.297   1.00 19.88 ? 97  TRP A CB  1 
ATOM   563  C CG  . TRP A 1 79  ? -13.954 0.291   5.115   1.00 23.60 ? 97  TRP A CG  1 
ATOM   564  C CD1 . TRP A 1 79  ? -14.117 0.819   6.362   1.00 25.27 ? 97  TRP A CD1 1 
ATOM   565  C CD2 . TRP A 1 79  ? -12.597 0.552   4.741   1.00 21.22 ? 97  TRP A CD2 1 
ATOM   566  N NE1 . TRP A 1 79  ? -12.949 1.388   6.789   1.00 25.31 ? 97  TRP A NE1 1 
ATOM   567  C CE2 . TRP A 1 79  ? -11.995 1.237   5.813   1.00 21.52 ? 97  TRP A CE2 1 
ATOM   568  C CE3 . TRP A 1 79  ? -11.835 0.273   3.603   1.00 19.47 ? 97  TRP A CE3 1 
ATOM   569  C CZ2 . TRP A 1 79  ? -10.663 1.648   5.784   1.00 21.97 ? 97  TRP A CZ2 1 
ATOM   570  C CZ3 . TRP A 1 79  ? -10.517 0.679   3.575   1.00 19.32 ? 97  TRP A CZ3 1 
ATOM   571  C CH2 . TRP A 1 79  ? -9.937  1.349   4.655   1.00 21.13 ? 97  TRP A CH2 1 
ATOM   572  N N   . GLY A 1 80  ? -15.658 -0.907  1.181   1.00 21.51 ? 98  GLY A N   1 
ATOM   573  C CA  . GLY A 1 80  ? -16.294 -1.769  0.215   1.00 19.92 ? 98  GLY A CA  1 
ATOM   574  C C   . GLY A 1 80  ? -16.129 -3.223  0.590   1.00 18.41 ? 98  GLY A C   1 
ATOM   575  O O   . GLY A 1 80  ? -15.919 -3.573  1.755   1.00 22.73 ? 98  GLY A O   1 
ATOM   576  N N   . GLU A 1 81  ? -16.205 -4.078  -0.421  1.00 21.94 ? 99  GLU A N   1 
ATOM   577  C CA  . GLU A 1 81  ? -16.046 -5.508  -0.212  1.00 21.05 ? 99  GLU A CA  1 
ATOM   578  C C   . GLU A 1 81  ? -14.561 -5.845  -0.122  1.00 24.51 ? 99  GLU A C   1 
ATOM   579  O O   . GLU A 1 81  ? -13.787 -5.531  -1.031  1.00 23.11 ? 99  GLU A O   1 
ATOM   580  C CB  . GLU A 1 81  ? -16.716 -6.288  -1.335  1.00 29.00 ? 99  GLU A CB  1 
ATOM   581  C CG  . GLU A 1 81  ? -16.747 -7.774  -1.090  1.00 38.29 ? 99  GLU A CG  1 
ATOM   582  C CD  . GLU A 1 81  ? -18.052 -8.205  -0.442  1.00 45.46 ? 99  GLU A CD  1 
ATOM   583  O OE1 . GLU A 1 81  ? -18.150 -9.371  0.009   1.00 53.42 ? 99  GLU A OE1 1 
ATOM   584  O OE2 . GLU A 1 81  ? -18.979 -7.367  -0.371  1.00 49.13 ? 99  GLU A OE2 1 
ATOM   585  N N   . GLU A 1 82  ? -14.179 -6.488  0.977   1.00 22.83 ? 100 GLU A N   1 
ATOM   586  C CA  . GLU A 1 82  ? -12.800 -6.895  1.205   1.00 22.67 ? 100 GLU A CA  1 
ATOM   587  C C   . GLU A 1 82  ? -12.353 -7.939  0.194   1.00 22.65 ? 100 GLU A C   1 
ATOM   588  O O   . GLU A 1 82  ? -13.096 -8.869  -0.129  1.00 24.39 ? 100 GLU A O   1 
ATOM   589  C CB  . GLU A 1 82  ? -12.684 -7.470  2.609   1.00 23.33 ? 100 GLU A CB  1 
ATOM   590  C CG  . GLU A 1 82  ? -11.349 -7.333  3.228   1.00 25.62 ? 100 GLU A CG  1 
ATOM   591  C CD  . GLU A 1 82  ? -11.376 -7.626  4.726   1.00 34.31 ? 100 GLU A CD  1 
ATOM   592  O OE1 . GLU A 1 82  ? -11.571 -6.675  5.517   1.00 35.47 ? 100 GLU A OE1 1 
ATOM   593  O OE2 . GLU A 1 82  ? -11.172 -8.796  5.108   1.00 38.10 ? 100 GLU A OE2 1 
ATOM   594  N N   . GLU A 1 83  ? -11.120 -7.803  -0.294  1.00 18.30 ? 101 GLU A N   1 
ATOM   595  C CA  . GLU A 1 83  ? -10.523 -8.803  -1.169  1.00 16.69 ? 101 GLU A CA  1 
ATOM   596  C C   . GLU A 1 83  ? -9.418  -9.515  -0.401  1.00 17.03 ? 101 GLU A C   1 
ATOM   597  O O   . GLU A 1 83  ? -8.562  -8.869  0.207   1.00 16.65 ? 101 GLU A O   1 
ATOM   598  C CB  . GLU A 1 83  ? -10.001 -8.178  -2.472  1.00 19.11 ? 101 GLU A CB  1 
ATOM   599  C CG  . GLU A 1 83  ? -11.152 -7.803  -3.407  1.00 20.71 ? 101 GLU A CG  1 
ATOM   600  C CD  . GLU A 1 83  ? -10.703 -7.134  -4.686  1.00 21.43 ? 101 GLU A CD  1 
ATOM   601  O OE1 . GLU A 1 83  ? -9.715  -7.607  -5.292  1.00 22.06 ? 101 GLU A OE1 1 
ATOM   602  O OE2 . GLU A 1 83  ? -11.398 -6.186  -5.121  1.00 20.64 ? 101 GLU A OE2 1 
ATOM   603  N N   . ARG A 1 84  ? -9.472  -10.850 -0.388  1.00 17.69 ? 102 ARG A N   1 
ATOM   604  C CA  . ARG A 1 84  ? -8.608  -11.640 0.475   1.00 16.88 ? 102 ARG A CA  1 
ATOM   605  C C   . ARG A 1 84  ? -7.837  -12.736 -0.230  1.00 16.80 ? 102 ARG A C   1 
ATOM   606  O O   . ARG A 1 84  ? -6.905  -13.277 0.379   1.00 18.56 ? 102 ARG A O   1 
ATOM   607  C CB  . ARG A 1 84  ? -9.428  -12.298 1.598   1.00 21.50 ? 102 ARG A CB  1 
ATOM   608  C CG  . ARG A 1 84  ? -10.262 -11.352 2.402   1.00 24.12 ? 102 ARG A CG  1 
ATOM   609  C CD  . ARG A 1 84  ? -10.632 -11.963 3.741   1.00 31.37 ? 102 ARG A CD  1 
ATOM   610  N NE  . ARG A 1 84  ? -11.509 -11.076 4.493   1.00 37.88 ? 102 ARG A NE  1 
ATOM   611  C CZ  . ARG A 1 84  ? -12.833 -11.113 4.424   1.00 39.81 ? 102 ARG A CZ  1 
ATOM   612  N NH1 . ARG A 1 84  ? -13.457 -11.971 3.631   1.00 39.07 ? 102 ARG A NH1 1 
ATOM   613  N NH2 . ARG A 1 84  ? -13.547 -10.274 5.172   1.00 39.35 ? 102 ARG A NH2 1 
ATOM   614  N N   . ASN A 1 85  ? -8.192  -13.109 -1.460  1.00 17.52 ? 103 ASN A N   1 
ATOM   615  C CA  . ASN A 1 85  ? -7.544  -14.254 -2.090  1.00 20.14 ? 103 ASN A CA  1 
ATOM   616  C C   . ASN A 1 85  ? -6.060  -13.999 -2.269  1.00 17.00 ? 103 ASN A C   1 
ATOM   617  O O   . ASN A 1 85  ? -5.647  -12.951 -2.776  1.00 17.95 ? 103 ASN A O   1 
ATOM   618  C CB  . ASN A 1 85  ? -8.150  -14.574 -3.455  1.00 23.21 ? 103 ASN A CB  1 
ATOM   619  C CG  . ASN A 1 85  ? -9.570  -15.075 -3.368  1.00 30.02 ? 103 ASN A CG  1 
ATOM   620  O OD1 . ASN A 1 85  ? -10.039 -15.490 -2.303  1.00 34.69 ? 103 ASN A OD1 1 
ATOM   621  N ND2 . ASN A 1 85  ? -10.255 -15.087 -4.510  1.00 29.01 ? 103 ASN A ND2 1 
ATOM   622  N N   . ILE A 1 86  ? -5.260  -14.973 -1.851  1.00 15.69 ? 104 ILE A N   1 
ATOM   623  C CA  . ILE A 1 86  ? -3.833  -15.019 -2.125  1.00 16.22 ? 104 ILE A CA  1 
ATOM   624  C C   . ILE A 1 86  ? -3.494  -16.444 -2.531  1.00 17.16 ? 104 ILE A C   1 
ATOM   625  O O   . ILE A 1 86  ? -4.267  -17.376 -2.294  1.00 17.96 ? 104 ILE A O   1 
ATOM   626  C CB  . ILE A 1 86  ? -3.004  -14.579 -0.897  1.00 16.50 ? 104 ILE A CB  1 
ATOM   627  C CG1 . ILE A 1 86  ? -3.323  -15.468 0.316   1.00 20.16 ? 104 ILE A CG1 1 
ATOM   628  C CG2 . ILE A 1 86  ? -3.256  -13.095 -0.575  1.00 23.52 ? 104 ILE A CG2 1 
ATOM   629  C CD1 . ILE A 1 86  ? -2.544  -15.118 1.590   1.00 20.12 ? 104 ILE A CD1 1 
ATOM   630  N N   . THR A 1 87  ? -2.329  -16.623 -3.144  1.00 18.87 ? 105 THR A N   1 
ATOM   631  C CA  . THR A 1 87  ? -1.809  -17.975 -3.328  1.00 17.28 ? 105 THR A CA  1 
ATOM   632  C C   . THR A 1 87  ? -0.606  -18.267 -2.458  1.00 16.22 ? 105 THR A C   1 
ATOM   633  O O   . THR A 1 87  ? -0.118  -19.400 -2.457  1.00 18.36 ? 105 THR A O   1 
ATOM   634  C CB  . THR A 1 87  ? -1.446  -18.229 -4.792  1.00 20.87 ? 105 THR A CB  1 
ATOM   635  O OG1 . THR A 1 87  ? -0.471  -17.274 -5.217  1.00 22.16 ? 105 THR A OG1 1 
ATOM   636  C CG2 . THR A 1 87  ? -2.702  -18.132 -5.654  1.00 23.39 ? 105 THR A CG2 1 
ATOM   637  N N   . SER A 1 88  ? -0.100  -17.268 -1.749  1.00 16.86 ? 106 SER A N   1 
ATOM   638  C CA  . SER A 1 88  ? 0.894   -17.469 -0.709  1.00 17.87 ? 106 SER A CA  1 
ATOM   639  C C   . SER A 1 88  ? 0.850   -16.248 0.189   1.00 17.31 ? 106 SER A C   1 
ATOM   640  O O   . SER A 1 88  ? 0.340   -15.195 -0.203  1.00 22.04 ? 106 SER A O   1 
ATOM   641  C CB  . SER A 1 88  ? 2.295   -17.709 -1.285  1.00 21.04 ? 106 SER A CB  1 
ATOM   642  O OG  . SER A 1 88  ? 2.838   -16.516 -1.840  1.00 23.40 ? 106 SER A OG  1 
ATOM   643  N N   . PHE A 1 89  ? 1.337   -16.406 1.417   1.00 15.19 ? 107 PHE A N   1 
ATOM   644  C CA  . PHE A 1 89  ? 1.453   -15.234 2.272   1.00 16.11 ? 107 PHE A CA  1 
ATOM   645  C C   . PHE A 1 89  ? 2.914   -14.820 2.317   1.00 15.92 ? 107 PHE A C   1 
ATOM   646  O O   . PHE A 1 89  ? 3.744   -15.564 2.855   1.00 16.32 ? 107 PHE A O   1 
ATOM   647  C CB  . PHE A 1 89  ? 0.923   -15.499 3.681   1.00 15.08 ? 107 PHE A CB  1 
ATOM   648  C CG  . PHE A 1 89  ? 0.960   -14.275 4.544   1.00 12.74 ? 107 PHE A CG  1 
ATOM   649  C CD1 . PHE A 1 89  ? 0.099   -13.217 4.292   1.00 12.42 ? 107 PHE A CD1 1 
ATOM   650  C CD2 . PHE A 1 89  ? 1.891   -14.158 5.572   1.00 14.80 ? 107 PHE A CD2 1 
ATOM   651  C CE1 . PHE A 1 89  ? 0.142   -12.064 5.080   1.00 14.85 ? 107 PHE A CE1 1 
ATOM   652  C CE2 . PHE A 1 89  ? 1.940   -13.007 6.358   1.00 16.35 ? 107 PHE A CE2 1 
ATOM   653  C CZ  . PHE A 1 89  ? 1.064   -11.966 6.115   1.00 15.81 ? 107 PHE A CZ  1 
ATOM   654  N N   . PRO A 1 90  ? 3.276   -13.652 1.777   1.00 16.23 ? 108 PRO A N   1 
ATOM   655  C CA  . PRO A 1 90  ? 4.687   -13.352 1.490   1.00 18.58 ? 108 PRO A CA  1 
ATOM   656  C C   . PRO A 1 90  ? 5.469   -12.654 2.596   1.00 20.12 ? 108 PRO A C   1 
ATOM   657  O O   . PRO A 1 90  ? 6.624   -12.290 2.349   1.00 21.74 ? 108 PRO A O   1 
ATOM   658  C CB  . PRO A 1 90  ? 4.579   -12.424 0.271   1.00 16.96 ? 108 PRO A CB  1 
ATOM   659  C CG  . PRO A 1 90  ? 3.251   -11.699 0.435   1.00 13.77 ? 108 PRO A CG  1 
ATOM   660  C CD  . PRO A 1 90  ? 2.354   -12.620 1.270   1.00 14.87 ? 108 PRO A CD  1 
ATOM   661  N N   . PHE A 1 91  ? 4.908   -12.440 3.778   1.00 15.06 ? 109 PHE A N   1 
ATOM   662  C CA  . PHE A 1 91  ? 5.616   -11.753 4.842   1.00 17.02 ? 109 PHE A CA  1 
ATOM   663  C C   . PHE A 1 91  ? 5.915   -12.701 5.987   1.00 19.41 ? 109 PHE A C   1 
ATOM   664  O O   . PHE A 1 91  ? 5.245   -13.721 6.173   1.00 19.82 ? 109 PHE A O   1 
ATOM   665  C CB  . PHE A 1 91  ? 4.807   -10.574 5.393   1.00 17.91 ? 109 PHE A CB  1 
ATOM   666  C CG  . PHE A 1 91  ? 4.424   -9.566  4.360   1.00 15.33 ? 109 PHE A CG  1 
ATOM   667  C CD1 . PHE A 1 91  ? 5.297   -8.522  4.032   1.00 15.05 ? 109 PHE A CD1 1 
ATOM   668  C CD2 . PHE A 1 91  ? 3.193   -9.630  3.737   1.00 13.88 ? 109 PHE A CD2 1 
ATOM   669  C CE1 . PHE A 1 91  ? 4.934   -7.594  3.078   1.00 15.31 ? 109 PHE A CE1 1 
ATOM   670  C CE2 . PHE A 1 91  ? 2.826   -8.694  2.795   1.00 16.93 ? 109 PHE A CE2 1 
ATOM   671  C CZ  . PHE A 1 91  ? 3.688   -7.667  2.470   1.00 15.68 ? 109 PHE A CZ  1 
ATOM   672  N N   . SER A 1 92  ? 6.908   -12.335 6.789   1.00 17.53 ? 110 SER A N   1 
ATOM   673  C CA  . SER A 1 92  ? 7.128   -13.095 8.010   1.00 23.23 ? 110 SER A CA  1 
ATOM   674  C C   . SER A 1 92  ? 7.760   -12.202 9.064   1.00 22.61 ? 110 SER A C   1 
ATOM   675  O O   . SER A 1 92  ? 8.536   -11.297 8.732   1.00 19.03 ? 110 SER A O   1 
ATOM   676  C CB  . SER A 1 92  ? 7.994   -14.334 7.751   1.00 29.48 ? 110 SER A CB  1 
ATOM   677  O OG  . SER A 1 92  ? 9.323   -13.974 7.514   1.00 36.62 ? 110 SER A OG  1 
ATOM   678  N N   . PRO A 1 93  ? 7.432   -12.420 10.330  1.00 24.46 ? 111 PRO A N   1 
ATOM   679  C CA  . PRO A 1 93  ? 7.922   -11.532 11.388  1.00 23.25 ? 111 PRO A CA  1 
ATOM   680  C C   . PRO A 1 93  ? 9.438   -11.540 11.454  1.00 22.06 ? 111 PRO A C   1 
ATOM   681  O O   . PRO A 1 93  ? 10.080  -12.579 11.286  1.00 25.22 ? 111 PRO A O   1 
ATOM   682  C CB  . PRO A 1 93  ? 7.302   -12.130 12.657  1.00 23.57 ? 111 PRO A CB  1 
ATOM   683  C CG  . PRO A 1 93  ? 6.042   -12.781 12.155  1.00 25.37 ? 111 PRO A CG  1 
ATOM   684  C CD  . PRO A 1 93  ? 6.428   -13.371 10.833  1.00 24.98 ? 111 PRO A CD  1 
ATOM   685  N N   . GLY A 1 94  ? 10.006  -10.360 11.698  1.00 23.66 ? 112 GLY A N   1 
ATOM   686  C CA  . GLY A 1 94  ? 11.437  -10.205 11.785  1.00 22.97 ? 112 GLY A CA  1 
ATOM   687  C C   . GLY A 1 94  ? 12.162  -10.042 10.470  1.00 24.30 ? 112 GLY A C   1 
ATOM   688  O O   . GLY A 1 94  ? 13.368  -9.774  10.479  1.00 28.38 ? 112 GLY A O   1 
ATOM   689  N N   . MET A 1 95  ? 11.482  -10.167 9.335   1.00 23.86 ? 113 MET A N   1 
ATOM   690  C CA  . MET A 1 95  ? 12.172  -10.269 8.057   1.00 23.58 ? 113 MET A CA  1 
ATOM   691  C C   . MET A 1 95  ? 11.976  -9.026  7.201   1.00 21.30 ? 113 MET A C   1 
ATOM   692  O O   . MET A 1 95  ? 10.902  -8.425  7.175   1.00 21.05 ? 113 MET A O   1 
ATOM   693  C CB  . MET A 1 95  ? 11.732  -11.510 7.279   1.00 26.11 ? 113 MET A CB  1 
ATOM   694  C CG  . MET A 1 95  ? 11.999  -12.813 8.015   1.00 31.11 ? 113 MET A CG  1 
ATOM   695  S SD  . MET A 1 95  ? 13.736  -13.059 8.414   1.00 47.27 ? 113 MET A SD  1 
ATOM   696  C CE  . MET A 1 95  ? 14.462  -12.961 6.774   1.00 39.65 ? 113 MET A CE  1 
ATOM   697  N N   . TYR A 1 96  ? 13.047  -8.678  6.497   1.00 21.72 ? 114 TYR A N   1 
ATOM   698  C CA  . TYR A 1 96  ? 13.057  -7.590  5.537   1.00 21.78 ? 114 TYR A CA  1 
ATOM   699  C C   . TYR A 1 96  ? 12.145  -7.904  4.357   1.00 19.38 ? 114 TYR A C   1 
ATOM   700  O O   . TYR A 1 96  ? 12.097  -9.042  3.887   1.00 21.63 ? 114 TYR A O   1 
ATOM   701  C CB  . TYR A 1 96  ? 14.493  -7.389  5.056   1.00 22.11 ? 114 TYR A CB  1 
ATOM   702  C CG  . TYR A 1 96  ? 14.623  -6.431  3.900   1.00 22.10 ? 114 TYR A CG  1 
ATOM   703  C CD1 . TYR A 1 96  ? 14.650  -5.067  4.117   1.00 24.57 ? 114 TYR A CD1 1 
ATOM   704  C CD2 . TYR A 1 96  ? 14.703  -6.897  2.591   1.00 23.90 ? 114 TYR A CD2 1 
ATOM   705  C CE1 . TYR A 1 96  ? 14.753  -4.189  3.072   1.00 24.07 ? 114 TYR A CE1 1 
ATOM   706  C CE2 . TYR A 1 96  ? 14.814  -6.018  1.527   1.00 20.95 ? 114 TYR A CE2 1 
ATOM   707  C CZ  . TYR A 1 96  ? 14.840  -4.667  1.780   1.00 24.13 ? 114 TYR A CZ  1 
ATOM   708  O OH  . TYR A 1 96  ? 14.950  -3.757  0.752   1.00 27.71 ? 114 TYR A OH  1 
ATOM   709  N N   . PHE A 1 97  ? 11.437  -6.882  3.868   1.00 17.96 ? 115 PHE A N   1 
ATOM   710  C CA  . PHE A 1 97  ? 10.569  -7.041  2.705   1.00 19.92 ? 115 PHE A CA  1 
ATOM   711  C C   . PHE A 1 97  ? 10.663  -5.820  1.807   1.00 17.56 ? 115 PHE A C   1 
ATOM   712  O O   . PHE A 1 97  ? 11.043  -4.723  2.229   1.00 17.22 ? 115 PHE A O   1 
ATOM   713  C CB  . PHE A 1 97  ? 9.092   -7.249  3.095   1.00 19.37 ? 115 PHE A CB  1 
ATOM   714  C CG  . PHE A 1 97  ? 8.444   -6.018  3.675   1.00 17.80 ? 115 PHE A CG  1 
ATOM   715  C CD1 . PHE A 1 97  ? 7.800   -5.087  2.861   1.00 15.18 ? 115 PHE A CD1 1 
ATOM   716  C CD2 . PHE A 1 97  ? 8.539   -5.752  5.031   1.00 17.74 ? 115 PHE A CD2 1 
ATOM   717  C CE1 . PHE A 1 97  ? 7.235   -3.943  3.399   1.00 17.42 ? 115 PHE A CE1 1 
ATOM   718  C CE2 . PHE A 1 97  ? 7.969   -4.613  5.582   1.00 18.67 ? 115 PHE A CE2 1 
ATOM   719  C CZ  . PHE A 1 97  ? 7.311   -3.706  4.775   1.00 20.33 ? 115 PHE A CZ  1 
ATOM   720  N N   . GLU A 1 98  ? 10.263  -6.018  0.557   1.00 17.92 ? 116 GLU A N   1 
ATOM   721  C CA  . GLU A 1 98  ? 10.066  -4.918  -0.377  1.00 18.17 ? 116 GLU A CA  1 
ATOM   722  C C   . GLU A 1 98  ? 8.720   -5.137  -1.042  1.00 17.94 ? 116 GLU A C   1 
ATOM   723  O O   . GLU A 1 98  ? 8.509   -6.172  -1.683  1.00 21.47 ? 116 GLU A O   1 
ATOM   724  C CB  . GLU A 1 98  ? 11.174  -4.875  -1.429  1.00 20.96 ? 116 GLU A CB  1 
ATOM   725  C CG  . GLU A 1 98  ? 12.445  -4.257  -0.933  1.00 26.19 ? 116 GLU A CG  1 
ATOM   726  C CD  . GLU A 1 98  ? 13.505  -4.192  -2.015  1.00 32.04 ? 116 GLU A CD  1 
ATOM   727  O OE1 . GLU A 1 98  ? 14.711  -4.178  -1.670  1.00 31.94 ? 116 GLU A OE1 1 
ATOM   728  O OE2 . GLU A 1 98  ? 13.121  -4.122  -3.208  1.00 35.52 ? 116 GLU A OE2 1 
ATOM   729  N N   . MET A 1 99  ? 7.817   -4.180  -0.908  1.00 15.53 ? 117 MET A N   1 
ATOM   730  C CA  . MET A 1 99  ? 6.508   -4.296  -1.522  1.00 15.75 ? 117 MET A CA  1 
ATOM   731  C C   . MET A 1 99  ? 6.425   -3.258  -2.625  1.00 17.35 ? 117 MET A C   1 
ATOM   732  O O   . MET A 1 99  ? 6.701   -2.080  -2.385  1.00 18.18 ? 117 MET A O   1 
ATOM   733  C CB  . MET A 1 99  ? 5.388   -4.097  -0.509  1.00 18.30 ? 117 MET A CB  1 
ATOM   734  C CG  . MET A 1 99  ? 4.018   -4.040  -1.174  1.00 19.64 ? 117 MET A CG  1 
ATOM   735  S SD  . MET A 1 99  ? 2.692   -4.483  -0.046  1.00 23.97 ? 117 MET A SD  1 
ATOM   736  C CE  . MET A 1 99  ? 2.571   -2.902  0.771   1.00 18.38 ? 117 MET A CE  1 
ATOM   737  N N   . ILE A 1 100 ? 6.073   -3.699  -3.826  1.00 14.57 ? 118 ILE A N   1 
ATOM   738  C CA  . ILE A 1 100 ? 5.948   -2.819  -4.984  1.00 14.00 ? 118 ILE A CA  1 
ATOM   739  C C   . ILE A 1 100 ? 4.474   -2.682  -5.329  1.00 15.86 ? 118 ILE A C   1 
ATOM   740  O O   . ILE A 1 100 ? 3.785   -3.682  -5.567  1.00 14.25 ? 118 ILE A O   1 
ATOM   741  C CB  . ILE A 1 100 ? 6.741   -3.349  -6.186  1.00 18.06 ? 118 ILE A CB  1 
ATOM   742  C CG1 . ILE A 1 100 ? 8.255   -3.311  -5.915  1.00 20.75 ? 118 ILE A CG1 1 
ATOM   743  C CG2 . ILE A 1 100 ? 6.399   -2.550  -7.440  1.00 21.50 ? 118 ILE A CG2 1 
ATOM   744  C CD1 . ILE A 1 100 ? 9.058   -4.026  -7.007  1.00 26.50 ? 118 ILE A CD1 1 
ATOM   745  N N   . ILE A 1 101 ? 3.982   -1.444  -5.345  1.00 14.12 ? 119 ILE A N   1 
ATOM   746  C CA  . ILE A 1 101 ? 2.636   -1.134  -5.809  1.00 12.02 ? 119 ILE A CA  1 
ATOM   747  C C   . ILE A 1 101 ? 2.784   -0.499  -7.176  1.00 16.46 ? 119 ILE A C   1 
ATOM   748  O O   . ILE A 1 101 ? 3.351   0.590   -7.288  1.00 15.77 ? 119 ILE A O   1 
ATOM   749  C CB  . ILE A 1 101 ? 1.908   -0.181  -4.856  1.00 13.74 ? 119 ILE A CB  1 
ATOM   750  C CG1 . ILE A 1 101 ? 1.910   -0.740  -3.426  1.00 16.21 ? 119 ILE A CG1 1 
ATOM   751  C CG2 . ILE A 1 101 ? 0.499   0.091   -5.392  1.00 15.84 ? 119 ILE A CG2 1 
ATOM   752  C CD1 . ILE A 1 101 ? 1.494   0.284   -2.371  1.00 18.55 ? 119 ILE A CD1 1 
ATOM   753  N N   . TYR A 1 102 ? 2.291   -1.174  -8.211  1.00 11.73 ? 120 TYR A N   1 
ATOM   754  C CA  . TYR A 1 102 ? 2.361   -0.674  -9.578  1.00 12.84 ? 120 TYR A CA  1 
ATOM   755  C C   . TYR A 1 102 ? 0.966   -0.285  -10.030 1.00 14.65 ? 120 TYR A C   1 
ATOM   756  O O   . TYR A 1 102 ? 0.029   -1.079  -9.911  1.00 14.55 ? 120 TYR A O   1 
ATOM   757  C CB  . TYR A 1 102 ? 2.927   -1.725  -10.531 1.00 14.41 ? 120 TYR A CB  1 
ATOM   758  C CG  . TYR A 1 102 ? 2.978   -1.272  -11.964 1.00 17.40 ? 120 TYR A CG  1 
ATOM   759  C CD1 . TYR A 1 102 ? 3.980   -0.407  -12.408 1.00 14.36 ? 120 TYR A CD1 1 
ATOM   760  C CD2 . TYR A 1 102 ? 2.023   -1.685  -12.869 1.00 18.42 ? 120 TYR A CD2 1 
ATOM   761  C CE1 . TYR A 1 102 ? 4.028   0.007   -13.730 1.00 19.94 ? 120 TYR A CE1 1 
ATOM   762  C CE2 . TYR A 1 102 ? 2.061   -1.278  -14.183 1.00 18.16 ? 120 TYR A CE2 1 
ATOM   763  C CZ  . TYR A 1 102 ? 3.063   -0.435  -14.611 1.00 17.89 ? 120 TYR A CZ  1 
ATOM   764  O OH  . TYR A 1 102 ? 3.089   -0.041  -15.933 1.00 22.10 ? 120 TYR A OH  1 
ATOM   765  N N   . CYS A 1 103 ? 0.826   0.930   -10.541 1.00 13.22 ? 121 CYS A N   1 
ATOM   766  C CA  . CYS A 1 103 ? -0.461  1.377   -11.061 1.00 15.84 ? 121 CYS A CA  1 
ATOM   767  C C   . CYS A 1 103 ? -0.541  1.056   -12.550 1.00 17.51 ? 121 CYS A C   1 
ATOM   768  O O   . CYS A 1 103 ? 0.254   1.580   -13.342 1.00 15.72 ? 121 CYS A O   1 
ATOM   769  C CB  . CYS A 1 103 ? -0.649  2.865   -10.813 1.00 15.83 ? 121 CYS A CB  1 
ATOM   770  S SG  . CYS A 1 103 ? -2.317  3.432   -11.133 1.00 16.66 ? 121 CYS A SG  1 
ATOM   771  N N   . ASP A 1 104 ? -1.475  0.183   -12.924 1.00 15.55 ? 122 ASP A N   1 
ATOM   772  C CA  . ASP A 1 104 ? -1.786  -0.075  -14.329 1.00 15.11 ? 122 ASP A CA  1 
ATOM   773  C C   . ASP A 1 104 ? -3.117  0.592   -14.711 1.00 14.32 ? 122 ASP A C   1 
ATOM   774  O O   . ASP A 1 104 ? -3.783  1.240   -13.897 1.00 15.43 ? 122 ASP A O   1 
ATOM   775  C CB  . ASP A 1 104 ? -1.822  -1.583  -14.601 1.00 17.65 ? 122 ASP A CB  1 
ATOM   776  C CG  . ASP A 1 104 ? -1.291  -1.946  -15.973 1.00 24.43 ? 122 ASP A CG  1 
ATOM   777  O OD1 . ASP A 1 104 ? -1.368  -1.114  -16.908 1.00 25.17 ? 122 ASP A OD1 1 
ATOM   778  O OD2 . ASP A 1 104 ? -0.789  -3.082  -16.113 1.00 30.58 ? 122 ASP A OD2 1 
ATOM   779  N N   . VAL A 1 105 ? -3.501  0.437   -15.983 1.00 16.16 ? 123 VAL A N   1 
ATOM   780  C CA  . VAL A 1 105 ? -4.696  1.104   -16.497 1.00 16.80 ? 123 VAL A CA  1 
ATOM   781  C C   . VAL A 1 105 ? -5.947  0.625   -15.762 1.00 17.95 ? 123 VAL A C   1 
ATOM   782  O O   . VAL A 1 105 ? -6.770  1.427   -15.294 1.00 15.63 ? 123 VAL A O   1 
ATOM   783  C CB  . VAL A 1 105 ? -4.811  0.885   -18.019 1.00 19.17 ? 123 VAL A CB  1 
ATOM   784  C CG1 . VAL A 1 105 ? -6.131  1.455   -18.524 1.00 22.72 ? 123 VAL A CG1 1 
ATOM   785  C CG2 . VAL A 1 105 ? -3.638  1.514   -18.730 1.00 19.17 ? 123 VAL A CG2 1 
ATOM   786  N N   . ARG A 1 106 ? -6.111  -0.687  -15.630 1.00 19.45 ? 124 ARG A N   1 
ATOM   787  C CA  . ARG A 1 106 ? -7.346  -1.198  -15.046 1.00 19.88 ? 124 ARG A CA  1 
ATOM   788  C C   . ARG A 1 106 ? -7.189  -1.664  -13.606 1.00 17.48 ? 124 ARG A C   1 
ATOM   789  O O   . ARG A 1 106 ? -8.204  -1.904  -12.936 1.00 17.79 ? 124 ARG A O   1 
ATOM   790  C CB  . ARG A 1 106 ? -7.904  -2.334  -15.910 1.00 23.02 ? 124 ARG A CB  1 
ATOM   791  C CG  . ARG A 1 106 ? -8.271  -1.898  -17.322 1.00 25.95 ? 124 ARG A CG  1 
ATOM   792  C CD  . ARG A 1 106 ? -8.878  -3.048  -18.070 1.00 31.57 ? 124 ARG A CD  1 
ATOM   793  N NE  . ARG A 1 106 ? -7.902  -3.574  -19.014 1.00 33.09 ? 124 ARG A NE  1 
ATOM   794  C CZ  . ARG A 1 106 ? -8.170  -3.996  -20.241 1.00 32.16 ? 124 ARG A CZ  1 
ATOM   795  N NH1 . ARG A 1 106 ? -9.402  -3.986  -20.724 1.00 36.29 ? 124 ARG A NH1 1 
ATOM   796  N NH2 . ARG A 1 106 ? -7.174  -4.451  -20.999 1.00 32.09 ? 124 ARG A NH2 1 
ATOM   797  N N   . GLU A 1 107 ? -5.964  -1.773  -13.093 1.00 15.56 ? 125 GLU A N   1 
ATOM   798  C CA  . GLU A 1 107 ? -5.804  -2.305  -11.749 1.00 14.02 ? 125 GLU A CA  1 
ATOM   799  C C   . GLU A 1 107 ? -4.465  -1.864  -11.189 1.00 14.79 ? 125 GLU A C   1 
ATOM   800  O O   . GLU A 1 107 ? -3.563  -1.460  -11.931 1.00 16.07 ? 125 GLU A O   1 
ATOM   801  C CB  . GLU A 1 107 ? -5.861  -3.843  -11.718 1.00 15.25 ? 125 GLU A CB  1 
ATOM   802  C CG  . GLU A 1 107 ? -4.869  -4.593  -12.610 1.00 19.54 ? 125 GLU A CG  1 
ATOM   803  C CD  . GLU A 1 107 ? -5.168  -4.496  -14.093 1.00 28.17 ? 125 GLU A CD  1 
ATOM   804  O OE1 . GLU A 1 107 ? -6.287  -4.898  -14.485 1.00 31.00 ? 125 GLU A OE1 1 
ATOM   805  O OE2 . GLU A 1 107 ? -4.288  -4.054  -14.870 1.00 31.82 ? 125 GLU A OE2 1 
ATOM   806  N N   . PHE A 1 108 ? -4.347  -1.957  -9.868  1.00 14.03 ? 126 PHE A N   1 
ATOM   807  C CA  . PHE A 1 108 ? -3.038  -2.011  -9.239  1.00 16.93 ? 126 PHE A CA  1 
ATOM   808  C C   . PHE A 1 108 ? -2.514  -3.433  -9.284  1.00 17.92 ? 126 PHE A C   1 
ATOM   809  O O   . PHE A 1 108 ? -3.277  -4.398  -9.188  1.00 16.76 ? 126 PHE A O   1 
ATOM   810  C CB  . PHE A 1 108 ? -3.099  -1.577  -7.780  1.00 15.08 ? 126 PHE A CB  1 
ATOM   811  C CG  . PHE A 1 108 ? -3.383  -0.131  -7.587  1.00 15.08 ? 126 PHE A CG  1 
ATOM   812  C CD1 . PHE A 1 108 ? -2.365  0.801   -7.739  1.00 15.73 ? 126 PHE A CD1 1 
ATOM   813  C CD2 . PHE A 1 108 ? -4.638  0.303   -7.198  1.00 19.25 ? 126 PHE A CD2 1 
ATOM   814  C CE1 . PHE A 1 108 ? -2.600  2.142   -7.529  1.00 18.67 ? 126 PHE A CE1 1 
ATOM   815  C CE2 . PHE A 1 108 ? -4.883  1.656   -6.991  1.00 17.55 ? 126 PHE A CE2 1 
ATOM   816  C CZ  . PHE A 1 108 ? -3.867  2.572   -7.168  1.00 17.23 ? 126 PHE A CZ  1 
ATOM   817  N N   . LYS A 1 109 ? -1.202  -3.550  -9.435  1.00 16.07 ? 127 LYS A N   1 
ATOM   818  C CA  . LYS A 1 109 ? -0.485  -4.814  -9.340  1.00 15.80 ? 127 LYS A CA  1 
ATOM   819  C C   . LYS A 1 109 ? 0.474   -4.687  -8.168  1.00 14.95 ? 127 LYS A C   1 
ATOM   820  O O   . LYS A 1 109 ? 1.300   -3.773  -8.141  1.00 17.28 ? 127 LYS A O   1 
ATOM   821  C CB  . LYS A 1 109 ? 0.264   -5.124  -10.639 1.00 19.47 ? 127 LYS A CB  1 
ATOM   822  C CG  . LYS A 1 109 ? -0.681  -5.472  -11.784 1.00 21.92 ? 127 LYS A CG  1 
ATOM   823  C CD  . LYS A 1 109 ? -0.062  -5.260  -13.152 1.00 29.04 ? 127 LYS A CD  1 
ATOM   824  C CE  . LYS A 1 109 ? -1.077  -5.574  -14.251 1.00 32.10 ? 127 LYS A CE  1 
ATOM   825  N NZ  . LYS A 1 109 ? -0.420  -6.202  -15.432 1.00 41.65 ? 127 LYS A NZ  1 
ATOM   826  N N   . VAL A 1 110 ? 0.362   -5.587  -7.192  1.00 13.36 ? 128 VAL A N   1 
ATOM   827  C CA  . VAL A 1 110 ? 1.209   -5.545  -6.007  1.00 14.24 ? 128 VAL A CA  1 
ATOM   828  C C   . VAL A 1 110 ? 2.127   -6.759  -6.017  1.00 15.96 ? 128 VAL A C   1 
ATOM   829  O O   . VAL A 1 110 ? 1.670   -7.891  -6.207  1.00 15.21 ? 128 VAL A O   1 
ATOM   830  C CB  . VAL A 1 110 ? 0.367   -5.484  -4.718  1.00 12.33 ? 128 VAL A CB  1 
ATOM   831  C CG1 . VAL A 1 110 ? 1.268   -5.479  -3.481  1.00 17.12 ? 128 VAL A CG1 1 
ATOM   832  C CG2 . VAL A 1 110 ? -0.530  -4.246  -4.737  1.00 15.81 ? 128 VAL A CG2 1 
ATOM   833  N N   . ALA A 1 111 ? 3.423   -6.519  -5.837  1.00 13.91 ? 129 ALA A N   1 
ATOM   834  C CA  . ALA A 1 111 ? 4.414   -7.574  -5.696  1.00 14.13 ? 129 ALA A CA  1 
ATOM   835  C C   . ALA A 1 111 ? 5.096   -7.439  -4.344  1.00 15.05 ? 129 ALA A C   1 
ATOM   836  O O   . ALA A 1 111 ? 5.270   -6.332  -3.821  1.00 15.78 ? 129 ALA A O   1 
ATOM   837  C CB  . ALA A 1 111 ? 5.474   -7.505  -6.804  1.00 17.24 ? 129 ALA A CB  1 
ATOM   838  N N   . VAL A 1 112 ? 5.480   -8.569  -3.764  1.00 12.49 ? 130 VAL A N   1 
ATOM   839  C CA  . VAL A 1 112 ? 6.233   -8.567  -2.519  1.00 12.89 ? 130 VAL A CA  1 
ATOM   840  C C   . VAL A 1 112 ? 7.488   -9.383  -2.748  1.00 15.72 ? 130 VAL A C   1 
ATOM   841  O O   . VAL A 1 112 ? 7.407   -10.524 -3.214  1.00 14.22 ? 130 VAL A O   1 
ATOM   842  C CB  . VAL A 1 112 ? 5.422   -9.138  -1.336  1.00 14.07 ? 130 VAL A CB  1 
ATOM   843  C CG1 . VAL A 1 112 ? 6.268   -9.148  -0.083  1.00 14.59 ? 130 VAL A CG1 1 
ATOM   844  C CG2 . VAL A 1 112 ? 4.146   -8.334  -1.160  1.00 15.93 ? 130 VAL A CG2 1 
ATOM   845  N N   . ASN A 1 113 ? 8.639   -8.787  -2.433  1.00 14.19 ? 131 ASN A N   1 
ATOM   846  C CA  . ASN A 1 113 ? 9.934   -9.453  -2.573  1.00 15.24 ? 131 ASN A CA  1 
ATOM   847  C C   . ASN A 1 113 ? 10.117  -10.032 -3.974  1.00 18.30 ? 131 ASN A C   1 
ATOM   848  O O   . ASN A 1 113 ? 10.636  -11.134 -4.157  1.00 18.10 ? 131 ASN A O   1 
ATOM   849  C CB  . ASN A 1 113 ? 10.113  -10.529 -1.504  1.00 17.55 ? 131 ASN A CB  1 
ATOM   850  C CG  . ASN A 1 113 ? 10.060  -9.965  -0.107  1.00 16.71 ? 131 ASN A CG  1 
ATOM   851  O OD1 . ASN A 1 113 ? 10.373  -8.798  0.109   1.00 16.25 ? 131 ASN A OD1 1 
ATOM   852  N ND2 . ASN A 1 113 ? 9.723   -10.815 0.866   1.00 20.21 ? 131 ASN A ND2 1 
ATOM   853  N N   . GLY A 1 114 ? 9.679   -9.274  -4.975  1.00 16.35 ? 132 GLY A N   1 
ATOM   854  C CA  . GLY A 1 114 ? 9.858   -9.663  -6.359  1.00 17.66 ? 132 GLY A CA  1 
ATOM   855  C C   . GLY A 1 114 ? 8.879   -10.682 -6.885  1.00 17.07 ? 132 GLY A C   1 
ATOM   856  O O   . GLY A 1 114 ? 9.039   -11.152 -8.019  1.00 18.89 ? 132 GLY A O   1 
ATOM   857  N N   . VAL A 1 115 ? 7.850   -11.016 -6.113  1.00 15.54 ? 133 VAL A N   1 
ATOM   858  C CA  . VAL A 1 115 ? 6.871   -12.014 -6.499  1.00 18.27 ? 133 VAL A CA  1 
ATOM   859  C C   . VAL A 1 115 ? 5.522   -11.327 -6.637  1.00 17.66 ? 133 VAL A C   1 
ATOM   860  O O   . VAL A 1 115 ? 5.024   -10.726 -5.675  1.00 17.35 ? 133 VAL A O   1 
ATOM   861  C CB  . VAL A 1 115 ? 6.809   -13.150 -5.475  1.00 18.94 ? 133 VAL A CB  1 
ATOM   862  C CG1 . VAL A 1 115 ? 5.625   -14.037 -5.742  1.00 19.48 ? 133 VAL A CG1 1 
ATOM   863  C CG2 . VAL A 1 115 ? 8.107   -13.942 -5.511  1.00 20.60 ? 133 VAL A CG2 1 
ATOM   864  N N   . HIS A 1 116 ? 4.943   -11.394 -7.831  1.00 15.57 ? 134 HIS A N   1 
ATOM   865  C CA  . HIS A 1 116 ? 3.575   -10.910 -7.983  1.00 17.97 ? 134 HIS A CA  1 
ATOM   866  C C   . HIS A 1 116 ? 2.656   -11.529 -6.938  1.00 19.00 ? 134 HIS A C   1 
ATOM   867  O O   . HIS A 1 116 ? 2.607   -12.758 -6.770  1.00 20.44 ? 134 HIS A O   1 
ATOM   868  C CB  . HIS A 1 116 ? 3.042   -11.215 -9.372  1.00 22.77 ? 134 HIS A CB  1 
ATOM   869  C CG  . HIS A 1 116 ? 1.666   -10.682 -9.581  1.00 22.90 ? 134 HIS A CG  1 
ATOM   870  N ND1 . HIS A 1 116 ? 1.397   -9.330  -9.620  1.00 27.39 ? 134 HIS A ND1 1 
ATOM   871  C CD2 . HIS A 1 116 ? 0.473   -11.310 -9.702  1.00 29.67 ? 134 HIS A CD2 1 
ATOM   872  C CE1 . HIS A 1 116 ? 0.098   -9.149  -9.786  1.00 23.35 ? 134 HIS A CE1 1 
ATOM   873  N NE2 . HIS A 1 116 ? -0.484  -10.335 -9.836  1.00 26.91 ? 134 HIS A NE2 1 
ATOM   874  N N   . SER A 1 117 ? 1.907   -10.680 -6.244  1.00 14.43 ? 135 SER A N   1 
ATOM   875  C CA  . SER A 1 117 ? 1.078   -11.152 -5.142  1.00 16.08 ? 135 SER A CA  1 
ATOM   876  C C   . SER A 1 117 ? -0.409  -11.032 -5.426  1.00 18.01 ? 135 SER A C   1 
ATOM   877  O O   . SER A 1 117 ? -1.168  -11.972 -5.158  1.00 20.54 ? 135 SER A O   1 
ATOM   878  C CB  . SER A 1 117 ? 1.437   -10.375 -3.870  1.00 19.09 ? 135 SER A CB  1 
ATOM   879  O OG  . SER A 1 117 ? 0.587   -10.713 -2.789  1.00 22.76 ? 135 SER A OG  1 
ATOM   880  N N   . LEU A 1 118 ? -0.852  -9.917  -5.994  1.00 16.46 ? 136 LEU A N   1 
ATOM   881  C CA  . LEU A 1 118 ? -2.277  -9.710  -6.208  1.00 15.43 ? 136 LEU A CA  1 
ATOM   882  C C   . LEU A 1 118 ? -2.475  -8.591  -7.214  1.00 17.13 ? 136 LEU A C   1 
ATOM   883  O O   . LEU A 1 118 ? -1.583  -7.775  -7.447  1.00 15.24 ? 136 LEU A O   1 
ATOM   884  C CB  . LEU A 1 118 ? -2.985  -9.377  -4.891  1.00 16.50 ? 136 LEU A CB  1 
ATOM   885  C CG  . LEU A 1 118 ? -2.439  -8.144  -4.165  1.00 16.77 ? 136 LEU A CG  1 
ATOM   886  C CD1 . LEU A 1 118 ? -3.237  -6.888  -4.499  1.00 18.42 ? 136 LEU A CD1 1 
ATOM   887  C CD2 . LEU A 1 118 ? -2.430  -8.392  -2.656  1.00 20.65 ? 136 LEU A CD2 1 
ATOM   888  N N   . GLU A 1 119 ? -3.656  -8.577  -7.817  1.00 16.49 ? 137 GLU A N   1 
ATOM   889  C CA  . GLU A 1 119 ? -4.145  -7.442  -8.576  1.00 17.85 ? 137 GLU A CA  1 
ATOM   890  C C   . GLU A 1 119 ? -5.384  -6.902  -7.882  1.00 17.60 ? 137 GLU A C   1 
ATOM   891  O O   . GLU A 1 119 ? -6.160  -7.654  -7.281  1.00 17.98 ? 137 GLU A O   1 
ATOM   892  C CB  . GLU A 1 119 ? -4.467  -7.798  -10.031 1.00 19.29 ? 137 GLU A CB  1 
ATOM   893  C CG  . GLU A 1 119 ? -3.358  -8.545  -10.744 1.00 24.49 ? 137 GLU A CG  1 
ATOM   894  C CD  . GLU A 1 119 ? -3.553  -8.592  -12.248 1.00 36.03 ? 137 GLU A CD  1 
ATOM   895  O OE1 . GLU A 1 119 ? -4.717  -8.547  -12.696 1.00 40.16 ? 137 GLU A OE1 1 
ATOM   896  O OE2 . GLU A 1 119 ? -2.538  -8.680  -12.983 1.00 37.80 ? 137 GLU A OE2 1 
ATOM   897  N N   . TYR A 1 120 ? -5.549  -5.587  -7.944  1.00 14.51 ? 138 TYR A N   1 
ATOM   898  C CA  . TYR A 1 120 ? -6.700  -4.920  -7.353  1.00 13.70 ? 138 TYR A CA  1 
ATOM   899  C C   . TYR A 1 120 ? -7.303  -3.993  -8.403  1.00 16.63 ? 138 TYR A C   1 
ATOM   900  O O   . TYR A 1 120 ? -6.718  -2.956  -8.726  1.00 16.19 ? 138 TYR A O   1 
ATOM   901  C CB  . TYR A 1 120 ? -6.285  -4.161  -6.096  1.00 13.95 ? 138 TYR A CB  1 
ATOM   902  C CG  . TYR A 1 120 ? -7.413  -3.623  -5.262  1.00 13.12 ? 138 TYR A CG  1 
ATOM   903  C CD1 . TYR A 1 120 ? -7.918  -2.348  -5.480  1.00 15.60 ? 138 TYR A CD1 1 
ATOM   904  C CD2 . TYR A 1 120 ? -7.951  -4.384  -4.234  1.00 15.37 ? 138 TYR A CD2 1 
ATOM   905  C CE1 . TYR A 1 120 ? -8.944  -1.848  -4.696  1.00 16.72 ? 138 TYR A CE1 1 
ATOM   906  C CE2 . TYR A 1 120 ? -8.953  -3.897  -3.456  1.00 16.59 ? 138 TYR A CE2 1 
ATOM   907  C CZ  . TYR A 1 120 ? -9.448  -2.636  -3.684  1.00 18.76 ? 138 TYR A CZ  1 
ATOM   908  O OH  . TYR A 1 120 ? -10.457 -2.190  -2.870  1.00 17.19 ? 138 TYR A OH  1 
ATOM   909  N N   . LYS A 1 121 ? -8.471  -4.369  -8.920  1.00 17.08 ? 139 LYS A N   1 
ATOM   910  C CA  . LYS A 1 121 ? -9.199  -3.557  -9.889  1.00 16.07 ? 139 LYS A CA  1 
ATOM   911  C C   . LYS A 1 121 ? -9.511  -2.182  -9.311  1.00 16.83 ? 139 LYS A C   1 
ATOM   912  O O   . LYS A 1 121 ? -9.986  -2.071  -8.180  1.00 17.24 ? 139 LYS A O   1 
ATOM   913  C CB  . LYS A 1 121 ? -10.487 -4.298  -10.270 1.00 15.30 ? 139 LYS A CB  1 
ATOM   914  C CG  . LYS A 1 121 ? -10.936 -4.223  -11.703 1.00 28.61 ? 139 LYS A CG  1 
ATOM   915  C CD  . LYS A 1 121 ? -10.957 -2.792  -12.167 1.00 34.40 ? 139 LYS A CD  1 
ATOM   916  C CE  . LYS A 1 121 ? -11.211 -2.656  -13.649 1.00 32.94 ? 139 LYS A CE  1 
ATOM   917  N NZ  . LYS A 1 121 ? -10.677 -1.348  -14.092 1.00 25.51 ? 139 LYS A NZ  1 
ATOM   918  N N   . HIS A 1 122 ? -9.222  -1.131  -10.083 1.00 18.84 ? 140 HIS A N   1 
ATOM   919  C CA  . HIS A 1 122 ? -9.502  0.220   -9.627  1.00 15.75 ? 140 HIS A CA  1 
ATOM   920  C C   . HIS A 1 122 ? -10.980 0.385   -9.291  1.00 18.58 ? 140 HIS A C   1 
ATOM   921  O O   . HIS A 1 122 ? -11.859 0.089   -10.108 1.00 20.77 ? 140 HIS A O   1 
ATOM   922  C CB  . HIS A 1 122 ? -9.104  1.258   -10.676 1.00 17.78 ? 140 HIS A CB  1 
ATOM   923  C CG  . HIS A 1 122 ? -7.632  1.333   -10.919 1.00 16.63 ? 140 HIS A CG  1 
ATOM   924  N ND1 . HIS A 1 122 ? -6.725  1.550   -9.905  1.00 16.45 ? 140 HIS A ND1 1 
ATOM   925  C CD2 . HIS A 1 122 ? -6.909  1.246   -12.061 1.00 15.06 ? 140 HIS A CD2 1 
ATOM   926  C CE1 . HIS A 1 122 ? -5.505  1.582   -10.411 1.00 15.29 ? 140 HIS A CE1 1 
ATOM   927  N NE2 . HIS A 1 122 ? -5.589  1.404   -11.718 1.00 16.13 ? 140 HIS A NE2 1 
ATOM   928  N N   . ARG A 1 123 ? -11.237 0.851   -8.080  1.00 17.86 ? 141 ARG A N   1 
ATOM   929  C CA  . ARG A 1 123 ? -12.554 1.315   -7.654  1.00 19.71 ? 141 ARG A CA  1 
ATOM   930  C C   . ARG A 1 123 ? -12.637 2.833   -7.640  1.00 22.47 ? 141 ARG A C   1 
ATOM   931  O O   . ARG A 1 123 ? -13.617 3.410   -8.125  1.00 24.02 ? 141 ARG A O   1 
ATOM   932  C CB  . ARG A 1 123 ? -12.883 0.766   -6.263  1.00 17.49 ? 141 ARG A CB  1 
ATOM   933  C CG  . ARG A 1 123 ? -12.846 -0.717  -6.186  1.00 18.39 ? 141 ARG A CG  1 
ATOM   934  C CD  . ARG A 1 123 ? -13.213 -1.144  -4.801  1.00 17.74 ? 141 ARG A CD  1 
ATOM   935  N NE  . ARG A 1 123 ? -12.982 -2.563  -4.611  1.00 16.43 ? 141 ARG A NE  1 
ATOM   936  C CZ  . ARG A 1 123 ? -13.201 -3.188  -3.466  1.00 17.72 ? 141 ARG A CZ  1 
ATOM   937  N NH1 . ARG A 1 123 ? -13.745 -2.559  -2.436  1.00 19.32 ? 141 ARG A NH1 1 
ATOM   938  N NH2 . ARG A 1 123 ? -12.862 -4.468  -3.352  1.00 19.13 ? 141 ARG A NH2 1 
ATOM   939  N N   . PHE A 1 124 ? -11.622 3.492   -7.085  1.00 19.80 ? 142 PHE A N   1 
ATOM   940  C CA  . PHE A 1 124 ? -11.444 4.929   -7.241  1.00 21.74 ? 142 PHE A CA  1 
ATOM   941  C C   . PHE A 1 124 ? -10.837 5.186   -8.615  1.00 24.08 ? 142 PHE A C   1 
ATOM   942  O O   . PHE A 1 124 ? -9.689  4.817   -8.874  1.00 19.30 ? 142 PHE A O   1 
ATOM   943  C CB  . PHE A 1 124 ? -10.574 5.475   -6.114  1.00 21.62 ? 142 PHE A CB  1 
ATOM   944  C CG  . PHE A 1 124 ? -10.532 6.969   -6.055  1.00 19.76 ? 142 PHE A CG  1 
ATOM   945  C CD1 . PHE A 1 124 ? -11.538 7.685   -5.426  1.00 24.46 ? 142 PHE A CD1 1 
ATOM   946  C CD2 . PHE A 1 124 ? -9.464  7.659   -6.593  1.00 23.62 ? 142 PHE A CD2 1 
ATOM   947  C CE1 . PHE A 1 124 ? -11.488 9.067   -5.368  1.00 28.46 ? 142 PHE A CE1 1 
ATOM   948  C CE2 . PHE A 1 124 ? -9.406  9.033   -6.532  1.00 25.24 ? 142 PHE A CE2 1 
ATOM   949  C CZ  . PHE A 1 124 ? -10.416 9.741   -5.916  1.00 25.26 ? 142 PHE A CZ  1 
ATOM   950  N N   . LYS A 1 125 ? -11.613 5.814   -9.500  1.00 20.97 ? 143 LYS A N   1 
ATOM   951  C CA  . LYS A 1 125 ? -11.279 5.858   -10.918 1.00 22.83 ? 143 LYS A CA  1 
ATOM   952  C C   . LYS A 1 125 ? -10.386 7.031   -11.292 1.00 21.60 ? 143 LYS A C   1 
ATOM   953  O O   . LYS A 1 125 ? -9.651  6.936   -12.287 1.00 22.01 ? 143 LYS A O   1 
ATOM   954  C CB  . LYS A 1 125 ? -12.572 5.916   -11.739 1.00 24.77 ? 143 LYS A CB  1 
ATOM   955  C CG  . LYS A 1 125 ? -13.379 4.619   -11.732 1.00 25.80 ? 143 LYS A CG  1 
ATOM   956  C CD  . LYS A 1 125 ? -12.496 3.406   -11.892 1.00 26.91 ? 143 LYS A CD  1 
ATOM   957  C CE  . LYS A 1 125 ? -13.333 2.136   -11.913 1.00 32.28 ? 143 LYS A CE  1 
ATOM   958  N NZ  . LYS A 1 125 ? -14.700 2.402   -11.364 1.00 35.20 ? 143 LYS A NZ  1 
ATOM   959  N N   . GLU A 1 126 ? -10.411 8.117   -10.521 1.00 20.45 ? 144 GLU A N   1 
ATOM   960  C CA  . GLU A 1 126 ? -9.631  9.317   -10.837 1.00 21.34 ? 144 GLU A CA  1 
ATOM   961  C C   . GLU A 1 126 ? -8.220  9.139   -10.283 1.00 18.83 ? 144 GLU A C   1 
ATOM   962  O O   . GLU A 1 126 ? -7.866  9.634   -9.206  1.00 20.37 ? 144 GLU A O   1 
ATOM   963  C CB  . GLU A 1 126 ? -10.285 10.579  -10.282 1.00 26.36 ? 144 GLU A CB  1 
ATOM   964  C CG  . GLU A 1 126 ? -11.719 10.924  -10.746 1.00 32.52 ? 144 GLU A CG  1 
ATOM   965  C CD  . GLU A 1 126 ? -12.695 9.757   -10.709 1.00 37.34 ? 144 GLU A CD  1 
ATOM   966  O OE1 . GLU A 1 126 ? -12.974 9.258   -9.590  1.00 38.09 ? 144 GLU A OE1 1 
ATOM   967  O OE2 . GLU A 1 126 ? -13.192 9.353   -11.793 1.00 36.80 ? 144 GLU A OE2 1 
ATOM   968  N N   . LEU A 1 127 ? -7.394  8.431   -11.062 1.00 20.80 ? 145 LEU A N   1 
ATOM   969  C CA  . LEU A 1 127 ? -6.060  8.051   -10.597 1.00 17.02 ? 145 LEU A CA  1 
ATOM   970  C C   . LEU A 1 127 ? -5.188  9.273   -10.304 1.00 21.38 ? 145 LEU A C   1 
ATOM   971  O O   . LEU A 1 127 ? -4.391  9.258   -9.358  1.00 18.52 ? 145 LEU A O   1 
ATOM   972  C CB  . LEU A 1 127 ? -5.400  7.157   -11.642 1.00 18.83 ? 145 LEU A CB  1 
ATOM   973  C CG  . LEU A 1 127 ? -6.068  5.826   -12.001 1.00 16.36 ? 145 LEU A CG  1 
ATOM   974  C CD1 . LEU A 1 127 ? -5.130  4.983   -12.856 1.00 18.47 ? 145 LEU A CD1 1 
ATOM   975  C CD2 . LEU A 1 127 ? -6.481  5.061   -10.737 1.00 18.49 ? 145 LEU A CD2 1 
ATOM   976  N N   . SER A 1 128 ? -5.320  10.348  -11.104 1.00 19.25 ? 146 SER A N   1 
ATOM   977  C CA  . SER A 1 128 ? -4.497  11.542  -10.892 1.00 21.86 ? 146 SER A CA  1 
ATOM   978  C C   . SER A 1 128 ? -4.872  12.299  -9.621  1.00 21.94 ? 146 SER A C   1 
ATOM   979  O O   . SER A 1 128 ? -4.177  13.258  -9.261  1.00 22.30 ? 146 SER A O   1 
ATOM   980  C CB  . SER A 1 128 ? -4.585  12.491  -12.105 1.00 21.55 ? 146 SER A CB  1 
ATOM   981  O OG  . SER A 1 128 ? -5.901  12.546  -12.639 1.00 20.26 ? 146 SER A OG  1 
ATOM   982  N N   . SER A 1 129 ? -5.934  11.892  -8.931  1.00 20.07 ? 147 SER A N   1 
ATOM   983  C CA  . SER A 1 129 ? -6.291  12.446  -7.631  1.00 19.72 ? 147 SER A CA  1 
ATOM   984  C C   . SER A 1 129 ? -5.744  11.631  -6.465  1.00 21.51 ? 147 SER A C   1 
ATOM   985  O O   . SER A 1 129 ? -5.936  12.029  -5.315  1.00 21.61 ? 147 SER A O   1 
ATOM   986  C CB  . SER A 1 129 ? -7.810  12.557  -7.498  1.00 25.08 ? 147 SER A CB  1 
ATOM   987  O OG  . SER A 1 129 ? -8.345  13.358  -8.536  1.00 27.59 ? 147 SER A OG  1 
ATOM   988  N N   . ILE A 1 130 ? -5.076  10.509  -6.730  1.00 19.87 ? 148 ILE A N   1 
ATOM   989  C CA  . ILE A 1 130 ? -4.412  9.729   -5.687  1.00 18.24 ? 148 ILE A CA  1 
ATOM   990  C C   . ILE A 1 130 ? -3.019  10.307  -5.482  1.00 20.11 ? 148 ILE A C   1 
ATOM   991  O O   . ILE A 1 130 ? -2.118  10.103  -6.304  1.00 21.38 ? 148 ILE A O   1 
ATOM   992  C CB  . ILE A 1 130 ? -4.346  8.242   -6.047  1.00 15.40 ? 148 ILE A CB  1 
ATOM   993  C CG1 . ILE A 1 130 ? -5.741  7.704   -6.357  1.00 17.98 ? 148 ILE A CG1 1 
ATOM   994  C CG2 . ILE A 1 130 ? -3.718  7.444   -4.892  1.00 19.84 ? 148 ILE A CG2 1 
ATOM   995  C CD1 . ILE A 1 130 ? -5.729  6.352   -7.085  1.00 17.58 ? 148 ILE A CD1 1 
ATOM   996  N N   . ASP A 1 131 ? -2.826  11.007  -4.365  1.00 18.56 ? 149 ASP A N   1 
ATOM   997  C CA  . ASP A 1 131 ? -1.596  11.762  -4.182  1.00 20.69 ? 149 ASP A CA  1 
ATOM   998  C C   . ASP A 1 131 ? -0.998  11.630  -2.787  1.00 21.97 ? 149 ASP A C   1 
ATOM   999  O O   . ASP A 1 131 ? -0.049  12.355  -2.472  1.00 22.19 ? 149 ASP A O   1 
ATOM   1000 C CB  . ASP A 1 131 ? -1.845  13.245  -4.496  1.00 21.25 ? 149 ASP A CB  1 
ATOM   1001 C CG  . ASP A 1 131 ? -2.915  13.865  -3.599  1.00 28.27 ? 149 ASP A CG  1 
ATOM   1002 O OD1 . ASP A 1 131 ? -3.447  13.174  -2.699  1.00 24.34 ? 149 ASP A OD1 1 
ATOM   1003 O OD2 . ASP A 1 131 ? -3.244  15.049  -3.819  1.00 34.91 ? 149 ASP A OD2 1 
ATOM   1004 N N   . THR A 1 132 ? -1.503  10.728  -1.957  1.00 19.17 ? 150 THR A N   1 
ATOM   1005 C CA  . THR A 1 132 ? -1.089  10.633  -0.569  1.00 19.42 ? 150 THR A CA  1 
ATOM   1006 C C   . THR A 1 132 ? -0.814  9.180   -0.213  1.00 19.90 ? 150 THR A C   1 
ATOM   1007 O O   . THR A 1 132 ? -1.528  8.277   -0.653  1.00 20.63 ? 150 THR A O   1 
ATOM   1008 C CB  . THR A 1 132 ? -2.164  11.224  0.356   1.00 23.80 ? 150 THR A CB  1 
ATOM   1009 O OG1 . THR A 1 132 ? -2.394  12.592  -0.010  1.00 24.70 ? 150 THR A OG1 1 
ATOM   1010 C CG2 . THR A 1 132 ? -1.730  11.163  1.819   1.00 24.55 ? 150 THR A CG2 1 
ATOM   1011 N N   . LEU A 1 133 ? 0.232   8.969   0.574   1.00 18.28 ? 151 LEU A N   1 
ATOM   1012 C CA  . LEU A 1 133 ? 0.650   7.643   1.002   1.00 19.41 ? 151 LEU A CA  1 
ATOM   1013 C C   . LEU A 1 133 ? 0.724   7.624   2.521   1.00 20.36 ? 151 LEU A C   1 
ATOM   1014 O O   . LEU A 1 133 ? 1.362   8.489   3.125   1.00 21.74 ? 151 LEU A O   1 
ATOM   1015 C CB  . LEU A 1 133 ? 2.007   7.281   0.389   1.00 22.83 ? 151 LEU A CB  1 
ATOM   1016 C CG  . LEU A 1 133 ? 2.725   6.043   0.928   1.00 19.03 ? 151 LEU A CG  1 
ATOM   1017 C CD1 . LEU A 1 133 ? 1.968   4.788   0.521   1.00 18.87 ? 151 LEU A CD1 1 
ATOM   1018 C CD2 . LEU A 1 133 ? 4.159   6.011   0.409   1.00 20.82 ? 151 LEU A CD2 1 
ATOM   1019 N N   . GLU A 1 134 ? 0.073   6.647   3.141   1.00 19.50 ? 152 GLU A N   1 
ATOM   1020 C CA  . GLU A 1 134 ? 0.149   6.486   4.584   1.00 21.06 ? 152 GLU A CA  1 
ATOM   1021 C C   . GLU A 1 134 ? 0.590   5.072   4.917   1.00 22.56 ? 152 GLU A C   1 
ATOM   1022 O O   . GLU A 1 134 ? 0.148   4.107   4.277   1.00 20.48 ? 152 GLU A O   1 
ATOM   1023 C CB  . GLU A 1 134 ? -1.193  6.782   5.248   1.00 22.67 ? 152 GLU A CB  1 
ATOM   1024 C CG  . GLU A 1 134 ? -1.463  8.264   5.420   1.00 26.58 ? 152 GLU A CG  1 
ATOM   1025 C CD  . GLU A 1 134 ? -2.882  8.561   5.872   1.00 32.17 ? 152 GLU A CD  1 
ATOM   1026 O OE1 . GLU A 1 134 ? -3.569  7.644   6.373   1.00 36.51 ? 152 GLU A OE1 1 
ATOM   1027 O OE2 . GLU A 1 134 ? -3.311  9.723   5.730   1.00 36.63 ? 152 GLU A OE2 1 
ATOM   1028 N N   . ILE A 1 135 ? 1.461   4.955   5.917   1.00 20.51 ? 153 ILE A N   1 
ATOM   1029 C CA  . ILE A 1 135 ? 2.013   3.670   6.334   1.00 21.41 ? 153 ILE A CA  1 
ATOM   1030 C C   . ILE A 1 135 ? 2.020   3.642   7.854   1.00 21.97 ? 153 ILE A C   1 
ATOM   1031 O O   . ILE A 1 135 ? 2.519   4.579   8.484   1.00 22.08 ? 153 ILE A O   1 
ATOM   1032 C CB  . ILE A 1 135 ? 3.450   3.464   5.810   1.00 19.94 ? 153 ILE A CB  1 
ATOM   1033 C CG1 . ILE A 1 135 ? 3.490   3.480   4.277   1.00 17.85 ? 153 ILE A CG1 1 
ATOM   1034 C CG2 . ILE A 1 135 ? 4.063   2.206   6.401   1.00 19.60 ? 153 ILE A CG2 1 
ATOM   1035 C CD1 . ILE A 1 135 ? 4.880   3.743   3.699   1.00 20.38 ? 153 ILE A CD1 1 
ATOM   1036 N N   . ASN A 1 136 ? 1.505   2.570   8.449   1.00 18.99 ? 154 ASN A N   1 
ATOM   1037 C CA  . ASN A 1 136 ? 1.562   2.454   9.900   1.00 21.18 ? 154 ASN A CA  1 
ATOM   1038 C C   . ASN A 1 136 ? 1.534   0.981   10.289  1.00 22.92 ? 154 ASN A C   1 
ATOM   1039 O O   . ASN A 1 136 ? 1.288   0.106   9.465   1.00 19.02 ? 154 ASN A O   1 
ATOM   1040 C CB  . ASN A 1 136 ? 0.401   3.194   10.574  1.00 23.12 ? 154 ASN A CB  1 
ATOM   1041 C CG  . ASN A 1 136 ? -0.931  2.906   9.913   1.00 30.27 ? 154 ASN A CG  1 
ATOM   1042 O OD1 . ASN A 1 136 ? -1.463  1.807   10.038  1.00 31.99 ? 154 ASN A OD1 1 
ATOM   1043 N ND2 . ASN A 1 136 ? -1.480  3.891   9.211   1.00 34.32 ? 154 ASN A ND2 1 
ATOM   1044 N N   . GLY A 1 137 ? 1.791   0.711   11.557  1.00 21.53 ? 155 GLY A N   1 
ATOM   1045 C CA  . GLY A 1 137 ? 1.703   -0.643  12.058  1.00 19.30 ? 155 GLY A CA  1 
ATOM   1046 C C   . GLY A 1 137 ? 3.041   -1.235  12.449  1.00 20.33 ? 155 GLY A C   1 
ATOM   1047 O O   . GLY A 1 137 ? 4.027   -0.537  12.708  1.00 21.26 ? 155 GLY A O   1 
ATOM   1048 N N   . ASP A 1 138 ? 3.063   -2.564  12.495  1.00 19.59 ? 156 ASP A N   1 
ATOM   1049 C CA  . ASP A 1 138 ? 4.123   -3.285  13.196  1.00 21.11 ? 156 ASP A CA  1 
ATOM   1050 C C   . ASP A 1 138 ? 5.306   -3.601  12.279  1.00 19.24 ? 156 ASP A C   1 
ATOM   1051 O O   . ASP A 1 138 ? 5.687   -4.755  12.071  1.00 21.18 ? 156 ASP A O   1 
ATOM   1052 C CB  . ASP A 1 138 ? 3.566   -4.560  13.816  1.00 21.77 ? 156 ASP A CB  1 
ATOM   1053 C CG  . ASP A 1 138 ? 2.358   -4.308  14.698  1.00 22.74 ? 156 ASP A CG  1 
ATOM   1054 O OD1 . ASP A 1 138 ? 2.240   -3.192  15.250  1.00 28.35 ? 156 ASP A OD1 1 
ATOM   1055 O OD2 . ASP A 1 138 ? 1.511   -5.218  14.827  1.00 22.37 ? 156 ASP A OD2 1 
ATOM   1056 N N   . ILE A 1 139 ? 5.918   -2.542  11.741  1.00 19.55 ? 157 ILE A N   1 
ATOM   1057 C CA  . ILE A 1 139 ? 7.120   -2.671  10.927  1.00 18.41 ? 157 ILE A CA  1 
ATOM   1058 C C   . ILE A 1 139 ? 8.115   -1.587  11.311  1.00 19.46 ? 157 ILE A C   1 
ATOM   1059 O O   . ILE A 1 139 ? 7.774   -0.593  11.959  1.00 25.10 ? 157 ILE A O   1 
ATOM   1060 C CB  . ILE A 1 139 ? 6.840   -2.578  9.409   1.00 19.48 ? 157 ILE A CB  1 
ATOM   1061 C CG1 . ILE A 1 139 ? 6.315   -1.186  9.044   1.00 21.50 ? 157 ILE A CG1 1 
ATOM   1062 C CG2 . ILE A 1 139 ? 5.852   -3.651  8.973   1.00 18.11 ? 157 ILE A CG2 1 
ATOM   1063 C CD1 . ILE A 1 139 ? 6.372   -0.892  7.556   1.00 21.99 ? 157 ILE A CD1 1 
ATOM   1064 N N   . HIS A 1 140 ? 9.359   -1.810  10.907  1.00 20.14 ? 158 HIS A N   1 
ATOM   1065 C CA  . HIS A 1 140 ? 10.383  -0.775  10.901  1.00 25.02 ? 158 HIS A CA  1 
ATOM   1066 C C   . HIS A 1 140 ? 10.478  -0.338  9.441   1.00 24.60 ? 158 HIS A C   1 
ATOM   1067 O O   . HIS A 1 140 ? 10.846  -1.136  8.573   1.00 21.68 ? 158 HIS A O   1 
ATOM   1068 C CB  . HIS A 1 140 ? 11.698  -1.325  11.456  1.00 27.00 ? 158 HIS A CB  1 
ATOM   1069 C CG  . HIS A 1 140 ? 12.870  -0.396  11.331  1.00 37.17 ? 158 HIS A CG  1 
ATOM   1070 N ND1 . HIS A 1 140 ? 14.174  -0.826  11.480  1.00 43.05 ? 158 HIS A ND1 1 
ATOM   1071 C CD2 . HIS A 1 140 ? 12.939  0.943   11.128  1.00 38.07 ? 158 HIS A CD2 1 
ATOM   1072 C CE1 . HIS A 1 140 ? 14.996  0.203   11.352  1.00 40.34 ? 158 HIS A CE1 1 
ATOM   1073 N NE2 . HIS A 1 140 ? 14.271  1.289   11.141  1.00 38.71 ? 158 HIS A NE2 1 
ATOM   1074 N N   . LEU A 1 141 ? 10.078  0.904   9.162   1.00 23.71 ? 159 LEU A N   1 
ATOM   1075 C CA  . LEU A 1 141 ? 10.026  1.425   7.800   1.00 22.69 ? 159 LEU A CA  1 
ATOM   1076 C C   . LEU A 1 141 ? 11.400  1.961   7.418   1.00 24.13 ? 159 LEU A C   1 
ATOM   1077 O O   . LEU A 1 141 ? 11.923  2.860   8.080   1.00 26.48 ? 159 LEU A O   1 
ATOM   1078 C CB  . LEU A 1 141 ? 8.953   2.514   7.690   1.00 21.05 ? 159 LEU A CB  1 
ATOM   1079 C CG  . LEU A 1 141 ? 8.780   3.157   6.308   1.00 22.68 ? 159 LEU A CG  1 
ATOM   1080 C CD1 . LEU A 1 141 ? 8.379   2.112   5.285   1.00 23.04 ? 159 LEU A CD1 1 
ATOM   1081 C CD2 . LEU A 1 141 ? 7.747   4.266   6.376   1.00 19.88 ? 159 LEU A CD2 1 
ATOM   1082 N N   . LEU A 1 142 ? 11.984  1.409   6.357   1.00 20.53 ? 160 LEU A N   1 
ATOM   1083 C CA  . LEU A 1 142 ? 13.356  1.733   5.978   1.00 22.58 ? 160 LEU A CA  1 
ATOM   1084 C C   . LEU A 1 142 ? 13.454  2.693   4.801   1.00 24.37 ? 160 LEU A C   1 
ATOM   1085 O O   . LEU A 1 142 ? 14.342  3.552   4.778   1.00 27.15 ? 160 LEU A O   1 
ATOM   1086 C CB  . LEU A 1 142 ? 14.137  0.456   5.650   1.00 24.49 ? 160 LEU A CB  1 
ATOM   1087 C CG  . LEU A 1 142 ? 14.210  -0.604  6.750   1.00 26.34 ? 160 LEU A CG  1 
ATOM   1088 C CD1 . LEU A 1 142 ? 14.705  -1.915  6.165   1.00 24.24 ? 160 LEU A CD1 1 
ATOM   1089 C CD2 . LEU A 1 142 ? 15.137  -0.130  7.856   1.00 32.58 ? 160 LEU A CD2 1 
ATOM   1090 N N   . GLU A 1 143 ? 12.571  2.576   3.818   1.00 24.17 ? 161 GLU A N   1 
ATOM   1091 C CA  . GLU A 1 143 ? 12.689  3.399   2.627   1.00 22.23 ? 161 GLU A CA  1 
ATOM   1092 C C   . GLU A 1 143 ? 11.368  3.385   1.886   1.00 23.04 ? 161 GLU A C   1 
ATOM   1093 O O   . GLU A 1 143 ? 10.676  2.363   1.852   1.00 19.90 ? 161 GLU A O   1 
ATOM   1094 C CB  . GLU A 1 143 ? 13.822  2.902   1.725   1.00 26.55 ? 161 GLU A CB  1 
ATOM   1095 C CG  . GLU A 1 143 ? 14.136  3.795   0.536   1.00 26.26 ? 161 GLU A CG  1 
ATOM   1096 C CD  . GLU A 1 143 ? 15.187  3.172   -0.354  1.00 35.00 ? 161 GLU A CD  1 
ATOM   1097 O OE1 . GLU A 1 143 ? 16.349  3.055   0.086   1.00 40.30 ? 161 GLU A OE1 1 
ATOM   1098 O OE2 . GLU A 1 143 ? 14.841  2.742   -1.474  1.00 39.18 ? 161 GLU A OE2 1 
ATOM   1099 N N   . VAL A 1 144 ? 11.013  4.534   1.324   1.00 21.01 ? 162 VAL A N   1 
ATOM   1100 C CA  . VAL A 1 144 ? 9.885   4.640   0.417   1.00 19.60 ? 162 VAL A CA  1 
ATOM   1101 C C   . VAL A 1 144 ? 10.396  5.281   -0.863  1.00 21.53 ? 162 VAL A C   1 
ATOM   1102 O O   . VAL A 1 144 ? 11.112  6.291   -0.817  1.00 21.94 ? 162 VAL A O   1 
ATOM   1103 C CB  . VAL A 1 144 ? 8.727   5.463   1.003   1.00 19.12 ? 162 VAL A CB  1 
ATOM   1104 C CG1 . VAL A 1 144 ? 7.638   5.620   -0.042  1.00 24.12 ? 162 VAL A CG1 1 
ATOM   1105 C CG2 . VAL A 1 144 ? 8.175   4.805   2.283   1.00 22.32 ? 162 VAL A CG2 1 
ATOM   1106 N N   . ARG A 1 145 ? 10.051  4.681   -1.994  1.00 19.84 ? 163 ARG A N   1 
ATOM   1107 C CA  . ARG A 1 145 ? 10.380  5.197   -3.311  1.00 19.89 ? 163 ARG A CA  1 
ATOM   1108 C C   . ARG A 1 145 ? 9.092   5.433   -4.085  1.00 22.48 ? 163 ARG A C   1 
ATOM   1109 O O   . ARG A 1 145 ? 8.104   4.713   -3.911  1.00 21.02 ? 163 ARG A O   1 
ATOM   1110 C CB  . ARG A 1 145 ? 11.262  4.227   -4.101  1.00 20.75 ? 163 ARG A CB  1 
ATOM   1111 C CG  . ARG A 1 145 ? 12.626  3.959   -3.491  1.00 21.45 ? 163 ARG A CG  1 
ATOM   1112 C CD  . ARG A 1 145 ? 13.482  5.227   -3.466  1.00 26.99 ? 163 ARG A CD  1 
ATOM   1113 N NE  . ARG A 1 145 ? 13.410  5.947   -4.733  1.00 27.43 ? 163 ARG A NE  1 
ATOM   1114 C CZ  . ARG A 1 145 ? 14.244  5.761   -5.746  1.00 30.77 ? 163 ARG A CZ  1 
ATOM   1115 N NH1 . ARG A 1 145 ? 15.262  4.920   -5.656  1.00 34.44 ? 163 ARG A NH1 1 
ATOM   1116 N NH2 . ARG A 1 145 ? 14.050  6.430   -6.878  1.00 32.87 ? 163 ARG A NH2 1 
ATOM   1117 N N   . SER A 1 146 ? 9.104   6.441   -4.956  1.00 20.08 ? 164 SER A N   1 
ATOM   1118 C CA  . SER A 1 146 ? 7.920   6.718   -5.763  1.00 18.42 ? 164 SER A CA  1 
ATOM   1119 C C   . SER A 1 146 ? 8.381   7.302   -7.090  1.00 22.41 ? 164 SER A C   1 
ATOM   1120 O O   . SER A 1 146 ? 8.858   8.438   -7.126  1.00 22.23 ? 164 SER A O   1 
ATOM   1121 C CB  . SER A 1 146 ? 6.973   7.664   -5.036  1.00 20.86 ? 164 SER A CB  1 
ATOM   1122 O OG  . SER A 1 146 ? 5.885   8.031   -5.862  1.00 21.09 ? 164 SER A OG  1 
ATOM   1123 N N   . TRP A 1 147 ? 8.235   6.539   -8.171  1.00 19.36 ? 165 TRP A N   1 
ATOM   1124 C CA  . TRP A 1 147 ? 8.673   6.992   -9.491  1.00 20.37 ? 165 TRP A CA  1 
ATOM   1125 C C   . TRP A 1 147 ? 7.664   6.672   -10.590 1.00 23.54 ? 165 TRP A C   1 
ATOM   1126 O O   . TRP A 1 147 ? 6.623   6.043   -10.335 1.00 15.12 ? 165 TRP A O   1 
ATOM   1127 C CB  . TRP A 1 147 ? 10.035  6.375   -9.836  1.00 23.53 ? 165 TRP A CB  1 
ATOM   1128 C CG  . TRP A 1 147 ? 10.011  4.879   -10.086 1.00 23.42 ? 165 TRP A CG  1 
ATOM   1129 C CD1 . TRP A 1 147 ? 9.478   4.231   -11.167 1.00 24.07 ? 165 TRP A CD1 1 
ATOM   1130 C CD2 . TRP A 1 147 ? 10.549  3.859   -9.238  1.00 26.43 ? 165 TRP A CD2 1 
ATOM   1131 N NE1 . TRP A 1 147 ? 9.648   2.871   -11.041 1.00 25.25 ? 165 TRP A NE1 1 
ATOM   1132 C CE2 . TRP A 1 147 ? 10.302  2.617   -9.864  1.00 27.16 ? 165 TRP A CE2 1 
ATOM   1133 C CE3 . TRP A 1 147 ? 11.216  3.873   -8.008  1.00 28.68 ? 165 TRP A CE3 1 
ATOM   1134 C CZ2 . TRP A 1 147 ? 10.701  1.408   -9.308  1.00 32.69 ? 165 TRP A CZ2 1 
ATOM   1135 C CZ3 . TRP A 1 147 ? 11.611  2.668   -7.456  1.00 30.23 ? 165 TRP A CZ3 1 
ATOM   1136 C CH2 . TRP A 1 147 ? 11.355  1.453   -8.107  1.00 33.47 ? 165 TRP A CH2 1 
HETATM 1137 O O   . HOH B 2 .   ? 15.242  8.654   -11.281 1.00 32.06 ? 201 HOH A O   1 
HETATM 1138 O O   . HOH B 2 .   ? -12.150 -4.547  4.919   1.00 32.26 ? 202 HOH A O   1 
HETATM 1139 O O   . HOH B 2 .   ? -4.449  -2.841  -16.840 1.00 24.38 ? 203 HOH A O   1 
HETATM 1140 O O   . HOH B 2 .   ? -0.475  -20.692 12.463  1.00 34.81 ? 204 HOH A O   1 
HETATM 1141 O O   . HOH B 2 .   ? -14.370 8.360   1.801   1.00 33.94 ? 205 HOH A O   1 
HETATM 1142 O O   . HOH B 2 .   ? -7.553  -4.630  11.573  1.00 33.83 ? 206 HOH A O   1 
HETATM 1143 O O   . HOH B 2 .   ? -4.339  5.331   6.613   1.00 37.04 ? 207 HOH A O   1 
HETATM 1144 O O   . HOH B 2 .   ? 7.861   13.081  -8.818  1.00 39.69 ? 208 HOH A O   1 
HETATM 1145 O O   . HOH B 2 .   ? 7.210   2.122   -12.807 1.00 27.38 ? 209 HOH A O   1 
HETATM 1146 O O   . HOH B 2 .   ? -14.147 -10.799 1.048   1.00 39.42 ? 210 HOH A O   1 
HETATM 1147 O O   . HOH B 2 .   ? -15.728 10.543  -0.518  1.00 41.78 ? 211 HOH A O   1 
HETATM 1148 O O   . HOH B 2 .   ? 16.500  -2.230  -2.352  1.00 39.29 ? 212 HOH A O   1 
HETATM 1149 O O   . HOH B 2 .   ? -12.993 -13.640 1.790   1.00 45.63 ? 213 HOH A O   1 
HETATM 1150 O O   . HOH B 2 .   ? 10.111  -10.668 3.709   1.00 25.50 ? 214 HOH A O   1 
HETATM 1151 O O   . HOH B 2 .   ? 6.045   10.679  -6.418  1.00 21.78 ? 215 HOH A O   1 
HETATM 1152 O O   . HOH B 2 .   ? 0.167   -3.684  -18.429 1.00 40.42 ? 216 HOH A O   1 
HETATM 1153 O O   . HOH B 2 .   ? -7.241  14.185  -11.123 1.00 29.95 ? 217 HOH A O   1 
HETATM 1154 O O   . HOH B 2 .   ? -1.536  -21.382 -1.525  1.00 20.85 ? 218 HOH A O   1 
HETATM 1155 O O   . HOH B 2 .   ? 4.468   -15.349 8.069   1.00 29.41 ? 219 HOH A O   1 
HETATM 1156 O O   . HOH B 2 .   ? 7.734   10.374  -8.491  1.00 26.04 ? 220 HOH A O   1 
HETATM 1157 O O   . HOH B 2 .   ? -7.445  3.964   -15.251 1.00 24.04 ? 221 HOH A O   1 
HETATM 1158 O O   . HOH B 2 .   ? 5.289   0.919   -16.999 1.00 33.17 ? 222 HOH A O   1 
HETATM 1159 O O   . HOH B 2 .   ? 7.617   -9.532  -9.546  1.00 29.83 ? 223 HOH A O   1 
HETATM 1160 O O   . HOH B 2 .   ? -9.740  -6.764  -7.804  1.00 20.68 ? 224 HOH A O   1 
HETATM 1161 O O   . HOH B 2 .   ? 16.325  3.292   -3.602  1.00 34.85 ? 225 HOH A O   1 
HETATM 1162 O O   . HOH B 2 .   ? -13.719 -1.806  -10.059 1.00 31.83 ? 226 HOH A O   1 
HETATM 1163 O O   . HOH B 2 .   ? -2.041  3.409   6.415   1.00 35.15 ? 227 HOH A O   1 
HETATM 1164 O O   . HOH B 2 .   ? -7.117  -7.749  -4.686  1.00 15.23 ? 228 HOH A O   1 
HETATM 1165 O O   . HOH B 2 .   ? 3.267   -7.428  -9.778  1.00 22.85 ? 229 HOH A O   1 
HETATM 1166 O O   . HOH B 2 .   ? -4.383  -8.481  -15.357 1.00 40.35 ? 230 HOH A O   1 
HETATM 1167 O O   . HOH B 2 .   ? 17.084  -7.774  7.702   1.00 44.07 ? 231 HOH A O   1 
HETATM 1168 O O   . HOH B 2 .   ? -10.215 -5.529  7.549   1.00 27.79 ? 232 HOH A O   1 
HETATM 1169 O O   . HOH B 2 .   ? -9.542  4.724   -13.832 1.00 28.84 ? 233 HOH A O   1 
HETATM 1170 O O   . HOH B 2 .   ? 2.194   -14.577 -4.815  1.00 30.66 ? 234 HOH A O   1 
HETATM 1171 O O   . HOH B 2 .   ? 12.006  8.399   -2.336  1.00 33.51 ? 235 HOH A O   1 
HETATM 1172 O O   . HOH B 2 .   ? -7.857  -4.194  7.044   1.00 22.25 ? 236 HOH A O   1 
HETATM 1173 O O   . HOH B 2 .   ? 14.275  -10.594 4.317   1.00 33.21 ? 237 HOH A O   1 
HETATM 1174 O O   . HOH B 2 .   ? -0.246  -16.212 14.960  1.00 33.97 ? 238 HOH A O   1 
HETATM 1175 O O   . HOH B 2 .   ? -0.686  -14.342 -3.900  1.00 20.92 ? 239 HOH A O   1 
HETATM 1176 O O   . HOH B 2 .   ? 9.289   -15.176 11.561  1.00 34.90 ? 240 HOH A O   1 
HETATM 1177 O O   . HOH B 2 .   ? -19.062 -0.817  4.589   1.00 37.76 ? 241 HOH A O   1 
HETATM 1178 O O   . HOH B 2 .   ? 9.529   -13.568 15.269  1.00 32.71 ? 242 HOH A O   1 
HETATM 1179 O O   . HOH B 2 .   ? 17.454  -0.241  -1.683  1.00 41.75 ? 243 HOH A O   1 
HETATM 1180 O O   . HOH B 2 .   ? -9.325  1.849   -6.165  1.00 18.18 ? 244 HOH A O   1 
HETATM 1181 O O   . HOH B 2 .   ? 8.147   -13.303 0.303   1.00 22.24 ? 245 HOH A O   1 
HETATM 1182 O O   . HOH B 2 .   ? -11.426 -4.048  -6.858  1.00 18.82 ? 246 HOH A O   1 
HETATM 1183 O O   . HOH B 2 .   ? -7.036  14.374  -4.359  1.00 32.94 ? 247 HOH A O   1 
HETATM 1184 O O   . HOH B 2 .   ? 8.613   -6.729  -4.848  1.00 22.41 ? 248 HOH A O   1 
HETATM 1185 O O   . HOH B 2 .   ? -10.151 13.623  -4.302  1.00 31.78 ? 249 HOH A O   1 
HETATM 1186 O O   . HOH B 2 .   ? -14.187 6.949   -8.642  1.00 28.00 ? 250 HOH A O   1 
HETATM 1187 O O   . HOH B 2 .   ? 15.545  -3.535  9.641   1.00 40.51 ? 251 HOH A O   1 
HETATM 1188 O O   . HOH B 2 .   ? -7.681  3.194   -7.798  1.00 19.03 ? 252 HOH A O   1 
HETATM 1189 O O   . HOH B 2 .   ? -9.596  -10.399 -5.483  1.00 32.38 ? 253 HOH A O   1 
HETATM 1190 O O   . HOH B 2 .   ? 9.860   2.832   11.183  1.00 29.67 ? 254 HOH A O   1 
HETATM 1191 O O   . HOH B 2 .   ? -14.515 -9.932  -2.305  1.00 38.94 ? 255 HOH A O   1 
HETATM 1192 O O   . HOH B 2 .   ? 1.199   -13.406 -2.202  1.00 29.74 ? 256 HOH A O   1 
HETATM 1193 O O   . HOH B 2 .   ? 0.715   0.768   -17.216 1.00 25.13 ? 257 HOH A O   1 
HETATM 1194 O O   . HOH B 2 .   ? -4.658  -18.518 9.570   1.00 30.06 ? 258 HOH A O   1 
HETATM 1195 O O   . HOH B 2 .   ? -4.361  -8.452  12.204  1.00 21.14 ? 259 HOH A O   1 
HETATM 1196 O O   . HOH B 2 .   ? 3.276   -14.530 10.376  1.00 28.74 ? 260 HOH A O   1 
HETATM 1197 O O   . HOH B 2 .   ? -1.065  11.407  -12.695 1.00 30.32 ? 261 HOH A O   1 
HETATM 1198 O O   . HOH B 2 .   ? 7.076   -13.145 -2.132  1.00 23.72 ? 262 HOH A O   1 
HETATM 1199 O O   . HOH B 2 .   ? 15.668  15.598  -0.533  1.00 44.34 ? 263 HOH A O   1 
HETATM 1200 O O   . HOH B 2 .   ? 7.538   15.632  -3.264  1.00 37.28 ? 264 HOH A O   1 
HETATM 1201 O O   . HOH B 2 .   ? -5.383  1.843   7.633   1.00 36.37 ? 265 HOH A O   1 
HETATM 1202 O O   . HOH B 2 .   ? 11.386  -5.683  -4.898  1.00 33.04 ? 266 HOH A O   1 
HETATM 1203 O O   . HOH B 2 .   ? 2.369   -17.069 -4.631  1.00 35.62 ? 267 HOH A O   1 
HETATM 1204 O O   . HOH B 2 .   ? 12.609  -6.741  13.002  1.00 37.83 ? 268 HOH A O   1 
HETATM 1205 O O   . HOH B 2 .   ? -16.302 2.700   -7.276  1.00 37.42 ? 269 HOH A O   1 
HETATM 1206 O O   . HOH B 2 .   ? -11.826 -12.489 -0.903  1.00 33.51 ? 270 HOH A O   1 
HETATM 1207 O O   . HOH B 2 .   ? -14.050 -6.846  -6.143  1.00 37.02 ? 271 HOH A O   1 
HETATM 1208 O O   . HOH B 2 .   ? 3.940   -4.844  -8.785  1.00 21.20 ? 272 HOH A O   1 
HETATM 1209 O O   . HOH B 2 .   ? 11.601  -3.699  13.502  1.00 40.90 ? 273 HOH A O   1 
HETATM 1210 O O   . HOH B 2 .   ? 12.772  6.831   1.861   1.00 34.01 ? 274 HOH A O   1 
HETATM 1211 O O   . HOH B 2 .   ? -0.238  6.961   8.639   1.00 33.14 ? 275 HOH A O   1 
HETATM 1212 O O   . HOH B 2 .   ? -17.198 -2.987  -2.993  1.00 28.85 ? 276 HOH A O   1 
HETATM 1213 O O   . HOH B 2 .   ? 8.464   -9.989  5.850   1.00 17.95 ? 277 HOH A O   1 
HETATM 1214 O O   . HOH B 2 .   ? 4.410   1.432   14.902  1.00 38.42 ? 278 HOH A O   1 
HETATM 1215 O O   . HOH B 2 .   ? 7.184   -0.580  14.879  1.00 37.15 ? 279 HOH A O   1 
HETATM 1216 O O   . HOH B 2 .   ? 2.117   3.146   13.242  1.00 28.50 ? 280 HOH A O   1 
HETATM 1217 O O   . HOH B 2 .   ? -4.023  -12.816 -5.333  1.00 24.29 ? 281 HOH A O   1 
HETATM 1218 O O   . HOH B 2 .   ? 0.494   8.106   -15.505 1.00 24.00 ? 282 HOH A O   1 
HETATM 1219 O O   . HOH B 2 .   ? 1.518   -20.736 -4.598  1.00 31.19 ? 283 HOH A O   1 
HETATM 1220 O O   . HOH B 2 .   ? -16.171 -7.225  3.112   1.00 29.40 ? 284 HOH A O   1 
HETATM 1221 O O   . HOH B 2 .   ? -5.350  -10.970 -7.121  1.00 25.33 ? 285 HOH A O   1 
HETATM 1222 O O   . HOH B 2 .   ? 5.009   -5.332  16.920  1.00 26.30 ? 286 HOH A O   1 
HETATM 1223 O O   . HOH B 2 .   ? -14.797 0.261   -2.206  1.00 25.66 ? 287 HOH A O   1 
HETATM 1224 O O   . HOH B 2 .   ? 3.107   -6.301  18.604  1.00 36.25 ? 288 HOH A O   1 
HETATM 1225 O O   . HOH B 2 .   ? -8.532  -5.329  -23.561 1.00 40.86 ? 289 HOH A O   1 
HETATM 1226 O O   . HOH B 2 .   ? -10.157 -11.731 -3.316  1.00 24.94 ? 290 HOH A O   1 
HETATM 1227 O O   . HOH B 2 .   ? 7.320   -1.619  -10.825 1.00 32.35 ? 291 HOH A O   1 
HETATM 1228 O O   . HOH B 2 .   ? 15.251  -6.837  -3.050  1.00 38.09 ? 292 HOH A O   1 
HETATM 1229 O O   . HOH B 2 .   ? -7.381  -7.121  -12.306 1.00 36.31 ? 293 HOH A O   1 
HETATM 1230 O O   . HOH B 2 .   ? 13.850  0.607   -5.436  1.00 37.72 ? 294 HOH A O   1 
HETATM 1231 O O   . HOH B 2 .   ? -1.808  0.361   12.719  1.00 34.63 ? 295 HOH A O   1 
HETATM 1232 O O   . HOH B 2 .   ? -17.679 1.176   6.379   1.00 29.37 ? 296 HOH A O   1 
HETATM 1233 O O   . HOH B 2 .   ? 6.597   8.833   15.801  1.00 39.90 ? 297 HOH A O   1 
HETATM 1234 O O   . HOH B 2 .   ? 1.822   17.431  -8.418  1.00 43.91 ? 298 HOH A O   1 
HETATM 1235 O O   . HOH B 2 .   ? -8.662  -13.752 -6.806  1.00 39.51 ? 299 HOH A O   1 
HETATM 1236 O O   . HOH B 2 .   ? 2.094   -3.609  -17.192 1.00 42.03 ? 300 HOH A O   1 
HETATM 1237 O O   . HOH B 2 .   ? 9.403   -0.405  14.633  1.00 41.94 ? 301 HOH A O   1 
HETATM 1238 O O   . HOH B 2 .   ? 0.233   16.234  10.480  1.00 47.76 ? 302 HOH A O   1 
HETATM 1239 O O   . HOH B 2 .   ? 4.111   -12.435 -3.199  1.00 30.72 ? 303 HOH A O   1 
HETATM 1240 O O   . HOH B 2 .   ? -3.181  -18.990 12.258  1.00 36.03 ? 304 HOH A O   1 
HETATM 1241 O O   . HOH B 2 .   ? -14.304 14.368  3.141   1.00 46.50 ? 305 HOH A O   1 
HETATM 1242 O O   . HOH B 2 .   ? -17.302 4.266   -11.691 1.00 45.00 ? 306 HOH A O   1 
HETATM 1243 O O   . HOH B 2 .   ? -4.567  -3.147  -19.634 1.00 33.80 ? 307 HOH A O   1 
HETATM 1244 O O   . HOH B 2 .   ? -2.968  -7.111  -17.206 1.00 39.54 ? 308 HOH A O   1 
HETATM 1245 O O   . HOH B 2 .   ? -10.670 1.878   -14.516 1.00 33.19 ? 309 HOH A O   1 
HETATM 1246 O O   . HOH B 2 .   ? 10.054  18.550  -6.404  1.00 33.39 ? 310 HOH A O   1 
HETATM 1247 O O   . HOH B 2 .   ? 5.967   -15.498 -2.363  1.00 33.01 ? 311 HOH A O   1 
HETATM 1248 O O   . HOH B 2 .   ? 12.504  -7.392  -3.714  1.00 31.65 ? 312 HOH A O   1 
HETATM 1249 O O   . HOH B 2 .   ? -8.677  -8.444  -9.560  1.00 37.36 ? 313 HOH A O   1 
HETATM 1250 O O   . HOH B 2 .   ? 18.146  2.097   -2.845  1.00 42.88 ? 314 HOH A O   1 
HETATM 1251 O O   . HOH B 2 .   ? -7.467  -11.322 -6.570  1.00 42.79 ? 315 HOH A O   1 
HETATM 1252 O O   . HOH B 2 .   ? 6.077   13.707  -13.510 1.00 39.30 ? 316 HOH A O   1 
HETATM 1253 O O   . HOH B 2 .   ? 11.336  -13.203 4.512   1.00 35.84 ? 317 HOH A O   1 
HETATM 1254 O O   . HOH B 2 .   ? -0.438  -7.135  20.995  1.00 43.94 ? 318 HOH A O   1 
HETATM 1255 O O   . HOH B 2 .   ? -12.351 -7.193  -8.694  1.00 31.65 ? 319 HOH A O   1 
HETATM 1256 O O   . HOH B 2 .   ? -16.032 -3.902  -6.510  1.00 39.63 ? 320 HOH A O   1 
HETATM 1257 O O   . HOH B 2 .   ? -0.850  -12.241 18.130  1.00 39.47 ? 321 HOH A O   1 
HETATM 1258 O O   . HOH B 2 .   ? 3.074   -4.508  -15.202 1.00 41.89 ? 322 HOH A O   1 
HETATM 1259 O O   . HOH B 2 .   ? 1.907   2.708   -18.871 1.00 35.39 ? 323 HOH A O   1 
HETATM 1260 O O   . HOH B 2 .   ? -13.646 -3.962  -8.303  1.00 30.49 ? 324 HOH A O   1 
HETATM 1261 O O   . HOH B 2 .   ? 3.726   -18.868 -4.963  1.00 39.09 ? 325 HOH A O   1 
HETATM 1262 O O   . HOH B 2 .   ? -11.709 6.030   -15.624 1.00 33.75 ? 326 HOH A O   1 
HETATM 1263 O O   . HOH B 2 .   ? 4.119   -4.789  22.060  1.00 43.50 ? 327 HOH A O   1 
HETATM 1264 O O   . HOH B 2 .   ? 8.364   -7.115  -8.543  1.00 29.44 ? 328 HOH A O   1 
HETATM 1265 O O   . HOH B 2 .   ? 12.360  -1.674  -6.462  1.00 38.93 ? 329 HOH A O   1 
HETATM 1266 O O   . HOH B 2 .   ? 11.811  9.187   2.094   1.00 40.79 ? 330 HOH A O   1 
HETATM 1267 O O   . HOH B 2 .   ? 7.237   2.355   15.089  1.00 38.12 ? 331 HOH A O   1 
HETATM 1268 O O   . HOH B 2 .   ? 4.149   -15.926 12.651  1.00 35.64 ? 332 HOH A O   1 
HETATM 1269 O O   . HOH B 2 .   ? 6.637   -16.857 9.390   1.00 36.44 ? 333 HOH A O   1 
HETATM 1270 O O   . HOH B 2 .   ? 9.804   -2.125  -10.378 1.00 35.03 ? 334 HOH A O   1 
HETATM 1271 O O   . HOH B 2 .   ? -2.303  16.279  10.272  1.00 58.58 ? 335 HOH A O   1 
HETATM 1272 O O   . HOH B 2 .   ? -16.479 -14.838 6.735   1.00 42.79 ? 336 HOH A O   1 
HETATM 1273 O O   . HOH B 2 .   ? 6.043   -4.381  -10.677 1.00 33.63 ? 337 HOH A O   1 
HETATM 1274 O O   . HOH B 2 .   ? -15.895 7.387   -16.166 1.00 36.50 ? 338 HOH A O   1 
HETATM 1275 O O   . HOH B 2 .   ? -17.958 -3.456  -8.689  1.00 52.30 ? 339 HOH A O   1 
# 
